data_2W78
#
_entry.id   2W78
#
_cell.length_a   191.556
_cell.length_b   130.937
_cell.length_c   139.367
_cell.angle_alpha   90.00
_cell.angle_beta   130.43
_cell.angle_gamma   90.00
#
_symmetry.space_group_name_H-M   'C 1 2 1'
#
loop_
_entity.id
_entity.type
_entity.pdbx_description
1 polymer 'FERRIPYOVERDINE RECEPTOR'
2 polymer SER-LYS-GLY-FHO-LYS-FH7-SER
3 non-polymer 3,6,9,12,15-PENTAOXATRICOSAN-1-OL
4 non-polymer 'PHOSPHATE ION'
5 non-polymer (1S)-1-CARBOXY-5-[(3-CARBOXYPROPANOYL)AMINO]-8,9-DIHYDROXY-1,2,3,4-TETRAHYDROPYRIMIDO[1,2-A]QUINOLIN-11-IUM
6 non-polymer 'FE (III) ION'
#
loop_
_entity_poly.entity_id
_entity_poly.type
_entity_poly.pdbx_seq_one_letter_code
_entity_poly.pdbx_strand_id
1 'polypeptide(L)'
;QEVEFDIPPQALGSALQEFGRQADIQVLYRPEEVRNKRSSAIKGKLEPNQAITELLRGTGASVDFQGNAITISVAEAADS
SVDLGATMITSNQLGTITEDSGSYTPGTIATATRLVLTPRETPQSITVVTRQNMDDFGLNNIDDVMRHTPGITVSAYDTD
RNNYYARGFSINNFQYDGIPSTARNVGYSAGNTLSDMAIYDRVEVLKGATGLLTGAGSLGATINLIRKKPTHEFKGHVEL
GAGSWDNYRSELDVSGPLTESGNVRGRAVAAYQDKHSFMDHYERKTSVYYGILEFDLNPDTMLTVGADYQDNDPKGSGWS
GSFPLFDSQGNRNDVSRSFNNGAKWSSWEQYTRTVFANLEHNFANGWVGKVQLDHKINGYHAPLGAIMGDWPAPDNSAKI
VAQKYTGETKSNSLDIYLTGPFQFLGREHELVVGTSASFSHWEGKSYWNLRNYDNTTDDFINWDGDIGKPDWGTPSQYID
DKTRQLGSYMTARFNVTDDLNLFLGGRVVDYRVTGLNPTIRESGRFIPYVGAVYDLNDTYSVYASYTDIFMPQDSWYRDS
SNKLLEPDEGQNYEIGIKGEYLDGRLNTSLAYFEIHEENRAEEDALYNSKPTNPAITYAYKGIKAKTKGYEAEISGELAP
GWQVQAGYTHKIIRDDSGKKVSTWEPQDQLSLYTSYKFKGALDKLTVGGGARWQGKSWQMVYNNPRSRWEKFSQEDYWLV
DLMARYQITDKLSASVNVNNVFDKTYYTNIGFYTSASYGDPRNLMFSTRWDF
;
A,B
2 'polypeptide(L)' SKG(FHO)K(FH7)S C
#
# COMPACT_ATOMS: atom_id res chain seq x y z
N GLN A 1 -1.61 -5.89 25.92
CA GLN A 1 -2.60 -7.03 26.01
C GLN A 1 -2.09 -8.09 27.01
N GLU A 2 -2.82 -9.21 27.13
CA GLU A 2 -2.55 -10.30 28.10
C GLU A 2 -1.25 -11.09 27.88
N VAL A 3 -0.67 -11.61 28.97
CA VAL A 3 0.67 -12.23 28.94
C VAL A 3 0.73 -13.39 29.94
N GLU A 4 1.50 -14.44 29.62
CA GLU A 4 1.64 -15.62 30.52
C GLU A 4 2.69 -15.45 31.61
N PHE A 5 2.27 -15.11 32.83
CA PHE A 5 3.23 -14.98 33.91
C PHE A 5 3.36 -16.17 34.86
N ASP A 6 4.57 -16.32 35.41
CA ASP A 6 4.82 -17.31 36.41
C ASP A 6 5.95 -16.79 37.29
N ILE A 7 5.67 -15.92 38.24
CA ILE A 7 6.72 -15.43 39.15
C ILE A 7 6.46 -15.85 40.60
N PRO A 8 7.13 -16.94 41.02
CA PRO A 8 7.21 -17.35 42.43
C PRO A 8 7.67 -16.19 43.35
N PRO A 9 7.13 -16.14 44.58
CA PRO A 9 7.59 -15.17 45.57
C PRO A 9 9.10 -15.28 45.81
N GLN A 10 9.79 -14.15 45.95
CA GLN A 10 11.25 -14.09 46.13
C GLN A 10 11.68 -12.69 46.52
N ALA A 11 12.99 -12.46 46.54
CA ALA A 11 13.53 -11.11 46.80
C ALA A 11 12.92 -10.10 45.82
N LEU A 12 12.35 -9.01 46.34
CA LEU A 12 11.69 -8.04 45.44
C LEU A 12 12.54 -7.75 44.19
N GLY A 13 13.86 -7.55 44.35
CA GLY A 13 14.80 -7.37 43.22
C GLY A 13 14.62 -8.43 42.13
N SER A 14 14.98 -9.65 42.46
CA SER A 14 14.65 -10.78 41.60
C SER A 14 13.30 -10.77 40.87
N ALA A 15 12.23 -10.33 41.52
CA ALA A 15 10.97 -10.46 40.87
C ALA A 15 10.87 -9.36 39.86
N LEU A 16 11.43 -8.20 40.20
CA LEU A 16 11.30 -7.06 39.31
C LEU A 16 12.08 -7.38 38.01
N GLN A 17 13.32 -7.81 38.18
CA GLN A 17 14.07 -8.46 37.15
C GLN A 17 13.25 -9.50 36.37
N GLU A 18 12.71 -10.52 37.03
CA GLU A 18 11.98 -11.62 36.39
C GLU A 18 10.75 -11.06 35.67
N PHE A 19 10.11 -10.05 36.26
CA PHE A 19 8.94 -9.43 35.65
C PHE A 19 9.29 -8.72 34.33
N GLY A 20 10.30 -7.84 34.43
CA GLY A 20 10.87 -7.15 33.28
C GLY A 20 11.04 -8.09 32.12
N ARG A 21 11.71 -9.20 32.42
CA ARG A 21 11.95 -10.27 31.45
C ARG A 21 10.66 -10.79 30.84
N GLN A 22 9.81 -11.36 31.69
CA GLN A 22 8.52 -11.95 31.27
C GLN A 22 7.52 -11.01 30.56
N ALA A 23 7.64 -9.69 30.79
CA ALA A 23 6.68 -8.73 30.24
C ALA A 23 7.16 -8.01 28.99
N ASP A 24 8.43 -8.20 28.65
CA ASP A 24 9.12 -7.38 27.67
C ASP A 24 8.92 -5.92 28.04
N ILE A 25 9.37 -5.53 29.22
CA ILE A 25 9.16 -4.17 29.64
C ILE A 25 10.38 -3.76 30.45
N GLN A 26 10.78 -2.50 30.35
CA GLN A 26 11.79 -2.14 31.28
C GLN A 26 11.28 -1.75 32.65
N VAL A 27 11.94 -2.36 33.63
CA VAL A 27 11.56 -2.19 34.99
C VAL A 27 12.73 -1.51 35.57
N LEU A 28 12.51 -0.28 36.05
CA LEU A 28 13.55 0.43 36.83
C LEU A 28 13.12 0.49 38.28
N TYR A 29 14.09 0.35 39.19
CA TYR A 29 13.85 0.40 40.64
C TYR A 29 15.08 0.83 41.41
N ARG A 30 14.88 1.32 42.63
CA ARG A 30 15.97 1.70 43.54
C ARG A 30 16.45 0.58 44.51
N PRO A 31 17.70 0.14 44.34
CA PRO A 31 18.29 -0.94 45.15
C PRO A 31 17.92 -0.86 46.62
N GLU A 32 18.22 0.27 47.27
CA GLU A 32 17.96 0.41 48.70
C GLU A 32 16.47 0.31 49.03
N GLU A 33 15.59 0.62 48.09
CA GLU A 33 14.15 0.59 48.36
C GLU A 33 13.53 -0.81 48.32
N VAL A 34 14.10 -1.71 47.53
CA VAL A 34 13.58 -3.07 47.42
C VAL A 34 14.43 -4.15 48.10
N ARG A 35 15.13 -3.80 49.19
CA ARG A 35 16.23 -4.69 49.61
C ARG A 35 15.80 -5.71 50.62
N ASN A 36 14.96 -5.29 51.53
CA ASN A 36 14.54 -6.20 52.55
C ASN A 36 13.07 -6.43 52.30
N LYS A 37 12.72 -6.72 51.05
CA LYS A 37 11.32 -6.98 50.71
C LYS A 37 11.21 -8.18 49.78
N ARG A 38 10.03 -8.78 49.68
CA ARG A 38 9.74 -9.87 48.73
C ARG A 38 8.37 -9.65 48.08
N SER A 39 8.18 -10.31 46.94
CA SER A 39 6.96 -10.16 46.14
C SER A 39 5.87 -11.17 46.53
N SER A 40 4.64 -10.88 46.15
CA SER A 40 3.62 -11.91 46.13
C SER A 40 3.59 -12.66 44.79
N ALA A 41 3.22 -13.95 44.84
CA ALA A 41 3.29 -14.83 43.68
C ALA A 41 2.32 -14.39 42.62
N ILE A 42 2.76 -14.29 41.38
CA ILE A 42 1.83 -14.13 40.28
C ILE A 42 1.92 -15.35 39.38
N LYS A 43 0.77 -15.80 38.89
CA LYS A 43 0.76 -17.02 38.14
C LYS A 43 -0.41 -16.98 37.16
N GLY A 44 -0.13 -17.25 35.88
CA GLY A 44 -1.19 -17.34 34.85
C GLY A 44 -1.25 -16.19 33.83
N LYS A 45 -2.21 -16.30 32.91
CA LYS A 45 -2.42 -15.32 31.83
C LYS A 45 -3.05 -14.03 32.40
N LEU A 46 -2.32 -12.92 32.34
CA LEU A 46 -2.81 -11.61 32.84
C LEU A 46 -2.29 -10.44 32.03
N GLU A 47 -2.86 -9.27 32.27
CA GLU A 47 -2.38 -8.03 31.72
C GLU A 47 -1.34 -7.44 32.67
N PRO A 48 -0.27 -6.87 32.10
CA PRO A 48 0.85 -6.38 32.92
C PRO A 48 0.50 -5.46 34.10
N ASN A 49 -0.46 -4.54 33.95
CA ASN A 49 -0.82 -3.62 35.06
C ASN A 49 -1.51 -4.34 36.21
N GLN A 50 -2.38 -5.30 35.87
CA GLN A 50 -2.89 -6.22 36.85
C GLN A 50 -1.69 -6.96 37.43
N ALA A 51 -0.94 -7.68 36.60
CA ALA A 51 0.23 -8.45 37.06
C ALA A 51 1.22 -7.75 38.01
N ILE A 52 1.56 -6.50 37.75
CA ILE A 52 2.56 -5.87 38.55
C ILE A 52 1.93 -5.44 39.87
N THR A 53 0.71 -4.88 39.85
CA THR A 53 0.24 -4.37 41.13
C THR A 53 0.08 -5.55 42.09
N GLU A 54 -0.38 -6.69 41.56
CA GLU A 54 -0.44 -7.98 42.26
C GLU A 54 0.93 -8.48 42.80
N LEU A 55 1.96 -8.36 42.00
CA LEU A 55 3.32 -8.71 42.43
C LEU A 55 3.83 -7.84 43.57
N LEU A 56 3.40 -6.59 43.58
CA LEU A 56 3.92 -5.68 44.58
C LEU A 56 3.04 -5.60 45.82
N ARG A 57 1.85 -6.19 45.71
CA ARG A 57 0.95 -6.42 46.84
C ARG A 57 1.74 -6.60 48.15
N GLY A 58 1.52 -5.71 49.11
CA GLY A 58 2.19 -5.77 50.40
C GLY A 58 3.59 -5.17 50.49
N THR A 59 4.17 -4.76 49.37
CA THR A 59 5.54 -4.23 49.41
C THR A 59 5.64 -2.74 49.73
N GLY A 60 4.51 -2.04 49.76
CA GLY A 60 4.51 -0.57 49.87
C GLY A 60 5.03 0.20 48.66
N ALA A 61 4.95 -0.39 47.48
CA ALA A 61 5.51 0.20 46.29
C ALA A 61 4.45 0.71 45.32
N SER A 62 4.72 1.82 44.62
CA SER A 62 3.82 2.28 43.52
C SER A 62 4.50 2.09 42.21
N VAL A 63 3.68 2.06 41.18
CA VAL A 63 4.14 1.80 39.83
C VAL A 63 3.88 3.09 39.06
N ASP A 64 4.82 3.43 38.19
CA ASP A 64 4.68 4.54 37.24
C ASP A 64 4.73 4.05 35.78
N PHE A 65 3.63 3.86 35.10
CA PHE A 65 3.77 3.37 33.72
C PHE A 65 4.39 4.39 32.79
N GLN A 66 5.47 4.01 32.14
CA GLN A 66 6.02 4.89 31.15
C GLN A 66 6.45 4.22 29.86
N GLY A 67 5.49 3.92 29.03
CA GLY A 67 5.78 3.47 27.68
C GLY A 67 6.23 2.05 27.80
N ASN A 68 7.43 1.75 27.32
CA ASN A 68 7.93 0.43 27.50
C ASN A 68 8.78 0.32 28.76
N ALA A 69 8.55 1.22 29.70
CA ALA A 69 9.31 1.22 30.95
C ALA A 69 8.30 1.32 32.02
N ILE A 70 8.59 0.65 33.13
CA ILE A 70 7.80 0.92 34.29
C ILE A 70 8.76 1.27 35.41
N THR A 71 8.57 2.40 36.06
CA THR A 71 9.54 2.69 37.11
C THR A 71 8.92 2.57 38.50
N ILE A 72 9.54 1.71 39.33
CA ILE A 72 8.98 1.26 40.63
C ILE A 72 9.50 2.15 41.74
N SER A 73 8.61 2.72 42.55
CA SER A 73 9.00 3.57 43.73
C SER A 73 8.33 3.18 45.09
N VAL A 74 8.98 3.48 46.20
CA VAL A 74 8.43 3.18 47.52
C VAL A 74 8.50 4.44 48.32
N ALA A 75 7.43 5.20 48.22
CA ALA A 75 7.27 6.44 48.93
C ALA A 75 7.24 6.30 50.49
N GLU A 76 7.80 7.31 51.14
CA GLU A 76 7.80 7.51 52.60
C GLU A 76 6.91 8.72 52.92
N ALA A 77 6.31 8.73 54.10
CA ALA A 77 5.58 9.89 54.64
C ALA A 77 6.53 11.01 54.83
N ALA A 78 7.75 10.67 55.22
CA ALA A 78 8.83 11.66 55.45
C ALA A 78 9.23 12.63 54.26
N ASP A 79 9.93 12.16 53.21
CA ASP A 79 10.48 12.95 52.03
C ASP A 79 10.90 14.44 52.19
N SER A 80 12.19 14.73 51.98
CA SER A 80 12.74 16.11 52.29
C SER A 80 13.35 16.86 51.08
N SER A 81 12.91 16.42 49.91
CA SER A 81 13.40 16.82 48.59
C SER A 81 13.75 15.50 47.82
N VAL A 82 13.65 15.59 46.50
CA VAL A 82 13.54 14.41 45.69
C VAL A 82 14.92 14.16 45.10
N ASP A 83 15.35 12.91 45.06
CA ASP A 83 16.62 12.57 44.47
C ASP A 83 16.36 12.15 43.01
N LEU A 84 16.22 13.10 42.10
CA LEU A 84 15.81 12.77 40.73
C LEU A 84 16.68 11.79 39.98
N GLY A 85 18.00 11.84 40.17
CA GLY A 85 18.90 10.89 39.56
C GLY A 85 19.35 9.78 40.50
N ALA A 86 18.44 9.26 41.31
CA ALA A 86 18.85 8.30 42.32
C ALA A 86 19.31 7.10 41.58
N THR A 87 20.32 6.39 42.10
CA THR A 87 20.82 5.15 41.49
C THR A 87 19.71 4.12 41.23
N MET A 88 19.49 3.80 39.96
CA MET A 88 18.37 2.93 39.66
C MET A 88 18.84 1.67 38.94
N ILE A 89 18.47 0.53 39.50
CA ILE A 89 18.84 -0.71 38.85
C ILE A 89 17.80 -1.03 37.83
N THR A 90 18.19 -1.77 36.82
CA THR A 90 17.38 -1.83 35.65
C THR A 90 17.23 -3.23 35.08
N SER A 91 16.12 -3.55 34.47
CA SER A 91 15.93 -4.97 34.07
C SER A 91 16.42 -5.33 32.67
N ASN A 92 16.55 -4.35 31.76
CA ASN A 92 17.14 -4.56 30.45
C ASN A 92 18.44 -3.75 30.21
N GLN A 93 19.61 -4.39 30.20
CA GLN A 93 20.88 -3.68 30.10
C GLN A 93 21.12 -2.82 28.84
N LEU A 94 20.41 -3.07 27.74
CA LEU A 94 20.59 -2.21 26.58
C LEU A 94 19.79 -0.94 26.67
N GLY A 95 18.78 -0.93 27.51
CA GLY A 95 17.96 0.24 27.67
C GLY A 95 16.51 -0.12 27.38
N THR A 96 15.67 0.91 27.30
CA THR A 96 14.28 0.77 27.00
C THR A 96 14.07 0.54 25.50
N ILE A 97 13.37 -0.52 25.12
CA ILE A 97 13.08 -0.77 23.73
C ILE A 97 12.18 0.37 23.22
N THR A 98 12.41 0.86 22.01
CA THR A 98 11.57 1.88 21.50
C THR A 98 10.46 1.35 20.57
N GLU A 99 10.66 0.17 19.99
CA GLU A 99 9.63 -0.50 19.15
C GLU A 99 8.26 -0.39 19.80
N ASP A 100 7.23 0.02 19.09
CA ASP A 100 5.91 0.30 19.74
C ASP A 100 5.73 1.45 20.71
N SER A 101 6.77 2.19 21.08
CA SER A 101 6.51 3.27 22.03
C SER A 101 5.64 4.37 21.48
N GLY A 102 5.38 4.38 20.16
CA GLY A 102 4.75 5.53 19.57
C GLY A 102 5.57 6.84 19.67
N SER A 103 6.82 6.79 20.08
CA SER A 103 7.58 7.99 20.37
C SER A 103 8.87 8.21 19.57
N TYR A 104 9.30 9.48 19.50
CA TYR A 104 10.51 9.83 18.77
C TYR A 104 11.68 10.06 19.70
N THR A 105 11.42 9.85 20.97
CA THR A 105 12.41 10.11 21.98
C THR A 105 12.68 8.79 22.70
N PRO A 106 13.90 8.61 23.15
CA PRO A 106 14.25 7.31 23.72
C PRO A 106 13.81 7.24 25.16
N GLY A 107 13.99 6.11 25.82
CA GLY A 107 13.64 5.99 27.23
C GLY A 107 14.90 6.02 28.04
N THR A 108 15.56 4.88 28.23
CA THR A 108 16.86 4.90 28.88
C THR A 108 17.89 4.34 27.93
N ILE A 109 19.14 4.59 28.21
CA ILE A 109 20.18 4.48 27.25
C ILE A 109 21.43 3.99 27.97
N ALA A 110 22.17 3.06 27.37
CA ALA A 110 23.40 2.55 28.03
C ALA A 110 24.64 2.91 27.23
N THR A 111 24.48 3.82 26.28
CA THR A 111 25.54 4.10 25.34
C THR A 111 26.73 4.75 25.99
N ALA A 112 26.49 5.71 26.87
CA ALA A 112 27.61 6.45 27.31
C ALA A 112 28.54 5.62 28.20
N THR A 113 28.03 4.91 29.20
CA THR A 113 28.98 4.41 30.22
C THR A 113 28.88 2.94 30.54
N ARG A 114 27.92 2.30 29.87
CA ARG A 114 27.38 0.99 30.12
C ARG A 114 26.33 0.99 31.21
N LEU A 115 26.18 2.05 31.99
CA LEU A 115 25.08 2.15 32.98
C LEU A 115 23.76 2.53 32.32
N VAL A 116 22.64 1.92 32.70
CA VAL A 116 21.36 2.34 32.10
C VAL A 116 20.90 3.68 32.68
N LEU A 117 21.02 4.74 31.88
CA LEU A 117 20.62 6.08 32.34
C LEU A 117 19.68 6.71 31.33
N THR A 118 18.98 7.76 31.75
CA THR A 118 18.06 8.44 30.87
C THR A 118 18.86 9.52 30.22
N PRO A 119 18.37 10.10 29.16
CA PRO A 119 19.12 11.21 28.55
C PRO A 119 19.35 12.33 29.56
N ARG A 120 18.38 12.64 30.41
CA ARG A 120 18.69 13.67 31.41
C ARG A 120 19.85 13.32 32.35
N GLU A 121 20.04 12.03 32.60
CA GLU A 121 21.05 11.56 33.53
C GLU A 121 22.44 11.35 32.91
N THR A 122 22.56 11.46 31.59
CA THR A 122 23.79 11.22 30.84
C THR A 122 24.55 12.53 30.45
N PRO A 123 25.74 12.79 30.99
CA PRO A 123 26.41 14.05 30.70
C PRO A 123 27.18 14.09 29.38
N GLN A 124 26.51 13.76 28.28
CA GLN A 124 27.13 13.75 26.93
C GLN A 124 25.99 14.01 26.00
N SER A 125 26.28 14.47 24.79
CA SER A 125 25.20 14.74 23.85
C SER A 125 24.88 13.44 23.30
N ILE A 126 23.62 13.01 23.41
CA ILE A 126 23.25 11.66 22.96
C ILE A 126 21.95 11.78 22.16
N THR A 127 21.96 11.53 20.85
CA THR A 127 20.74 11.55 20.03
C THR A 127 20.32 10.12 19.66
N VAL A 128 19.02 9.83 19.66
CA VAL A 128 18.58 8.48 19.30
C VAL A 128 17.52 8.57 18.22
N VAL A 129 17.61 7.72 17.19
CA VAL A 129 16.55 7.67 16.20
C VAL A 129 15.73 6.47 16.52
N THR A 130 14.47 6.67 16.87
CA THR A 130 13.73 5.61 17.46
C THR A 130 13.06 4.80 16.39
N ARG A 131 12.67 3.58 16.79
CA ARG A 131 11.90 2.72 15.91
C ARG A 131 10.71 3.39 15.19
N GLN A 132 9.96 4.25 15.86
CA GLN A 132 8.77 4.80 15.19
C GLN A 132 9.13 5.82 14.14
N ASN A 133 10.21 6.57 14.39
CA ASN A 133 10.75 7.57 13.48
C ASN A 133 11.12 6.87 12.18
N MET A 134 11.80 5.73 12.33
CA MET A 134 12.28 4.96 11.21
C MET A 134 11.09 4.51 10.37
N ASP A 135 10.07 4.02 11.06
CA ASP A 135 8.87 3.61 10.40
C ASP A 135 8.15 4.76 9.70
N ASP A 136 7.96 5.89 10.38
CA ASP A 136 7.12 6.93 9.85
C ASP A 136 7.78 7.55 8.62
N PHE A 137 9.07 7.81 8.72
CA PHE A 137 9.77 8.44 7.59
C PHE A 137 10.43 7.48 6.61
N GLY A 138 10.12 6.20 6.66
CA GLY A 138 10.69 5.27 5.70
C GLY A 138 12.21 5.16 5.67
N LEU A 139 12.83 5.38 6.82
CA LEU A 139 14.27 5.26 6.91
C LEU A 139 14.66 3.77 6.86
N ASN A 140 15.03 3.28 5.70
CA ASN A 140 15.29 1.89 5.60
C ASN A 140 16.73 1.43 5.76
N ASN A 141 17.65 2.36 5.95
CA ASN A 141 19.02 1.95 6.14
C ASN A 141 19.78 3.02 6.92
N ILE A 142 21.06 2.80 7.13
CA ILE A 142 21.70 3.61 8.16
C ILE A 142 21.99 4.98 7.53
N ASP A 143 22.05 4.97 6.20
CA ASP A 143 22.20 6.18 5.44
C ASP A 143 20.99 7.07 5.63
N ASP A 144 19.81 6.47 5.43
CA ASP A 144 18.56 7.20 5.64
C ASP A 144 18.53 7.80 7.06
N VAL A 145 18.85 6.98 8.08
CA VAL A 145 18.82 7.41 9.46
C VAL A 145 19.74 8.59 9.73
N MET A 146 20.98 8.45 9.31
CA MET A 146 21.99 9.49 9.52
C MET A 146 21.51 10.77 8.91
N ARG A 147 20.94 10.69 7.71
CA ARG A 147 20.38 11.91 7.08
C ARG A 147 19.28 12.56 7.87
N HIS A 148 18.50 11.82 8.65
CA HIS A 148 17.55 12.42 9.61
C HIS A 148 18.10 12.59 11.03
N THR A 149 19.38 12.40 11.24
CA THR A 149 19.89 12.59 12.57
C THR A 149 20.42 14.00 12.77
N PRO A 150 19.77 14.74 13.66
CA PRO A 150 20.18 16.12 13.91
C PRO A 150 21.68 16.24 14.31
N GLY A 151 22.42 17.12 13.63
CA GLY A 151 23.82 17.30 13.93
C GLY A 151 24.71 16.39 13.11
N ILE A 152 24.11 15.58 12.22
CA ILE A 152 24.89 14.78 11.34
C ILE A 152 24.78 15.36 9.96
N THR A 153 25.84 15.26 9.19
CA THR A 153 25.79 15.68 7.79
C THR A 153 26.34 14.50 7.04
N VAL A 154 25.57 14.04 6.08
CA VAL A 154 25.94 12.90 5.27
C VAL A 154 26.49 13.43 3.93
N SER A 155 27.69 13.00 3.52
CA SER A 155 28.24 13.34 2.19
C SER A 155 28.74 12.13 1.44
N ALA A 156 28.74 12.24 0.11
CA ALA A 156 28.95 11.10 -0.77
C ALA A 156 30.44 11.02 -1.06
N TYR A 157 31.04 9.84 -0.85
CA TYR A 157 32.27 9.50 -1.59
C TYR A 157 31.91 8.94 -2.99
N ASP A 158 31.02 7.94 -3.05
CA ASP A 158 30.59 7.38 -4.31
C ASP A 158 29.26 6.69 -4.10
N THR A 159 28.62 6.24 -5.16
CA THR A 159 27.29 5.70 -5.08
C THR A 159 27.15 4.65 -4.01
N ASP A 160 28.24 4.10 -3.49
CA ASP A 160 28.13 3.03 -2.53
C ASP A 160 28.93 3.24 -1.24
N ARG A 161 29.23 4.49 -0.90
CA ARG A 161 29.82 4.82 0.43
C ARG A 161 29.50 6.26 0.74
N ASN A 162 29.06 6.55 1.95
CA ASN A 162 28.82 7.93 2.34
C ASN A 162 29.70 8.32 3.47
N ASN A 163 29.75 9.58 3.80
CA ASN A 163 30.55 10.01 4.91
C ASN A 163 29.60 10.67 5.84
N TYR A 164 29.79 10.46 7.14
CA TYR A 164 28.90 10.99 8.16
C TYR A 164 29.73 11.88 9.05
N TYR A 165 29.56 13.20 9.00
CA TYR A 165 30.28 13.98 10.02
C TYR A 165 29.44 14.34 11.24
N ALA A 166 30.12 14.44 12.37
CA ALA A 166 29.60 15.18 13.51
C ALA A 166 30.72 16.10 14.01
N ARG A 167 30.37 17.32 14.42
CA ARG A 167 31.28 18.19 15.16
C ARG A 167 32.66 18.40 14.56
N GLY A 168 32.76 18.22 13.24
CA GLY A 168 34.01 18.50 12.50
C GLY A 168 34.77 17.25 12.04
N PHE A 169 34.16 16.07 12.29
CA PHE A 169 34.84 14.82 12.11
C PHE A 169 34.10 13.79 11.34
N SER A 170 34.80 13.04 10.48
CA SER A 170 34.21 11.82 9.93
C SER A 170 34.11 10.87 11.08
N ILE A 171 32.86 10.46 11.31
CA ILE A 171 32.49 9.39 12.18
C ILE A 171 33.05 8.10 11.65
N ASN A 172 33.76 7.38 12.51
CA ASN A 172 34.19 6.03 12.20
C ASN A 172 34.05 5.00 13.28
N ASN A 173 33.01 5.11 14.08
CA ASN A 173 32.80 4.23 15.19
C ASN A 173 31.42 3.67 15.01
N PHE A 174 31.33 2.36 14.89
CA PHE A 174 30.06 1.71 14.78
C PHE A 174 30.02 0.68 15.87
N GLN A 175 28.89 0.53 16.53
CA GLN A 175 28.63 -0.64 17.42
C GLN A 175 27.37 -1.40 17.06
N TYR A 176 27.37 -2.64 17.51
CA TYR A 176 26.15 -3.38 17.55
C TYR A 176 25.90 -3.85 18.98
N ASP A 177 24.65 -3.62 19.43
CA ASP A 177 24.25 -3.98 20.80
C ASP A 177 25.42 -3.68 21.73
N GLY A 178 25.96 -2.48 21.57
CA GLY A 178 27.07 -1.99 22.35
C GLY A 178 28.44 -2.64 22.17
N ILE A 179 28.67 -3.46 21.14
CA ILE A 179 30.02 -3.99 20.84
C ILE A 179 30.62 -3.22 19.67
N PRO A 180 31.80 -2.58 19.86
CA PRO A 180 32.51 -1.88 18.78
C PRO A 180 32.90 -2.80 17.69
N SER A 181 32.91 -2.33 16.45
CA SER A 181 33.41 -3.12 15.37
C SER A 181 34.83 -2.59 15.07
N THR A 182 35.57 -3.25 14.19
CA THR A 182 36.84 -2.62 13.76
C THR A 182 36.70 -1.85 12.44
N ALA A 183 36.99 -0.53 12.48
CA ALA A 183 36.80 0.31 11.30
C ALA A 183 37.97 1.26 10.99
N ARG A 184 39.20 0.78 11.20
CA ARG A 184 40.46 1.47 10.82
C ARG A 184 40.57 2.14 9.42
N ASN A 185 39.58 1.86 8.56
CA ASN A 185 39.58 2.13 7.09
C ASN A 185 38.55 1.24 6.39
N VAL A 186 38.37 1.43 5.09
CA VAL A 186 37.32 0.65 4.38
C VAL A 186 37.62 -0.87 4.18
N GLY A 187 38.81 -1.29 4.62
CA GLY A 187 39.12 -2.69 4.67
C GLY A 187 38.21 -3.37 5.67
N TYR A 188 38.49 -3.11 6.95
CA TYR A 188 37.73 -3.71 8.05
C TYR A 188 36.19 -3.41 8.06
N SER A 189 35.80 -2.35 7.36
CA SER A 189 34.44 -1.83 7.54
C SER A 189 33.43 -1.89 6.35
N ALA A 190 33.73 -2.58 5.24
CA ALA A 190 32.71 -2.97 4.21
C ALA A 190 31.31 -3.10 4.77
N GLY A 191 30.33 -2.50 4.11
CA GLY A 191 28.94 -2.48 4.57
C GLY A 191 28.42 -1.60 5.73
N ASN A 192 29.29 -0.83 6.39
CA ASN A 192 28.88 -0.08 7.56
C ASN A 192 27.97 1.11 7.32
N THR A 193 28.35 1.89 6.33
CA THR A 193 27.49 2.82 5.62
C THR A 193 26.15 2.22 5.11
N LEU A 194 25.98 0.90 5.00
CA LEU A 194 24.76 0.39 4.30
C LEU A 194 23.78 -0.48 5.03
N SER A 195 23.88 -0.59 6.37
CA SER A 195 23.12 -1.59 7.12
C SER A 195 21.67 -1.35 6.95
N ASP A 196 20.92 -2.36 6.51
CA ASP A 196 19.47 -2.28 6.55
C ASP A 196 18.80 -2.14 7.93
N MET A 197 17.72 -1.38 8.06
CA MET A 197 17.19 -1.15 9.38
C MET A 197 16.16 -2.19 9.77
N ALA A 198 16.00 -3.24 8.97
CA ALA A 198 14.88 -4.16 9.22
C ALA A 198 15.11 -4.91 10.52
N ILE A 199 16.39 -4.99 10.90
CA ILE A 199 16.72 -5.74 12.09
C ILE A 199 16.94 -4.90 13.29
N TYR A 200 16.71 -3.57 13.24
CA TYR A 200 17.02 -2.78 14.45
C TYR A 200 15.88 -2.17 15.20
N ASP A 201 16.02 -2.17 16.53
CA ASP A 201 15.11 -1.39 17.33
C ASP A 201 15.32 0.11 17.21
N ARG A 202 16.55 0.58 17.15
CA ARG A 202 16.77 2.01 17.08
C ARG A 202 18.22 2.28 16.75
N VAL A 203 18.62 3.50 16.43
CA VAL A 203 20.07 3.70 16.38
C VAL A 203 20.42 4.79 17.36
N GLU A 204 21.52 4.65 18.09
CA GLU A 204 21.83 5.68 19.04
C GLU A 204 23.19 6.32 18.75
N VAL A 205 23.20 7.65 18.66
CA VAL A 205 24.40 8.38 18.41
C VAL A 205 24.96 9.23 19.56
N LEU A 206 26.12 8.84 20.03
CA LEU A 206 26.72 9.51 21.14
C LEU A 206 27.70 10.43 20.44
N LYS A 207 27.39 11.73 20.41
CA LYS A 207 28.24 12.73 19.77
C LYS A 207 29.32 13.08 20.77
N GLY A 208 30.53 13.36 20.28
CA GLY A 208 31.56 13.90 21.12
C GLY A 208 32.89 13.21 20.93
N ALA A 209 33.39 12.61 22.03
CA ALA A 209 34.62 11.84 22.03
C ALA A 209 34.41 10.61 22.86
N THR A 210 34.25 9.46 22.23
CA THR A 210 33.70 8.34 22.96
C THR A 210 34.66 7.21 23.42
N GLY A 211 35.90 7.54 23.68
CA GLY A 211 36.84 6.48 24.13
C GLY A 211 36.39 5.49 25.21
N LEU A 212 35.68 5.99 26.22
CA LEU A 212 35.27 5.14 27.33
C LEU A 212 34.72 3.74 26.98
N LEU A 213 33.81 3.65 26.01
CA LEU A 213 33.30 2.36 25.63
C LEU A 213 33.67 1.97 24.22
N THR A 214 34.16 2.88 23.39
CA THR A 214 34.57 2.49 22.02
C THR A 214 35.99 1.92 22.04
N GLY A 215 36.76 2.36 23.03
CA GLY A 215 38.19 2.14 23.03
C GLY A 215 38.70 3.08 21.99
N ALA A 216 39.68 2.63 21.21
CA ALA A 216 40.37 3.41 20.17
C ALA A 216 39.40 3.74 19.05
N GLY A 217 39.38 4.99 18.61
CA GLY A 217 38.36 5.39 17.62
C GLY A 217 38.50 6.82 17.16
N SER A 218 37.65 7.25 16.21
CA SER A 218 37.65 8.64 15.71
C SER A 218 37.02 9.56 16.74
N LEU A 219 37.40 10.85 16.69
CA LEU A 219 36.63 11.88 17.38
C LEU A 219 35.30 12.03 16.66
N GLY A 220 34.48 12.95 17.11
CA GLY A 220 33.25 13.19 16.40
C GLY A 220 32.07 12.54 17.07
N ALA A 221 32.01 11.21 17.07
CA ALA A 221 30.81 10.50 17.53
C ALA A 221 30.90 8.95 17.44
N THR A 222 30.12 8.27 18.26
CA THR A 222 29.82 6.86 17.97
C THR A 222 28.39 6.60 17.55
N ILE A 223 28.23 5.74 16.55
CA ILE A 223 26.92 5.31 16.08
C ILE A 223 26.63 3.90 16.66
N ASN A 224 25.53 3.71 17.34
CA ASN A 224 25.38 2.43 18.01
C ASN A 224 24.06 1.81 17.67
N LEU A 225 24.09 0.69 16.93
CA LEU A 225 22.89 0.04 16.45
C LEU A 225 22.44 -1.04 17.42
N ILE A 226 21.16 -1.02 17.80
CA ILE A 226 20.64 -1.93 18.78
C ILE A 226 19.76 -2.89 18.06
N ARG A 227 20.04 -4.22 18.14
CA ARG A 227 19.24 -5.27 17.42
C ARG A 227 17.83 -5.48 17.97
N LYS A 228 16.90 -5.84 17.10
CA LYS A 228 15.56 -6.26 17.54
C LYS A 228 15.67 -7.55 18.34
N LYS A 229 14.74 -7.75 19.30
CA LYS A 229 14.73 -8.96 20.16
C LYS A 229 13.46 -9.76 20.21
N PRO A 230 13.55 -10.99 20.76
CA PRO A 230 12.32 -11.79 20.81
C PRO A 230 11.39 -11.35 21.95
N THR A 231 10.13 -11.76 21.85
CA THR A 231 9.04 -11.31 22.71
C THR A 231 8.38 -12.56 23.28
N HIS A 232 7.63 -12.41 24.37
CA HIS A 232 6.98 -13.55 25.00
C HIS A 232 5.60 -13.78 24.43
N GLU A 233 5.04 -12.75 23.78
CA GLU A 233 3.78 -12.84 23.04
C GLU A 233 4.12 -12.99 21.58
N PHE A 234 3.29 -13.68 20.84
CA PHE A 234 3.53 -13.77 19.39
C PHE A 234 3.26 -12.45 18.72
N LYS A 235 4.12 -12.07 17.78
CA LYS A 235 3.78 -11.02 16.82
C LYS A 235 4.68 -10.98 15.61
N GLY A 236 4.11 -10.52 14.50
CA GLY A 236 4.93 -10.10 13.37
C GLY A 236 4.18 -9.25 12.35
N HIS A 237 4.91 -8.81 11.33
CA HIS A 237 4.28 -8.12 10.20
C HIS A 237 4.95 -8.47 8.89
N VAL A 238 4.33 -8.10 7.79
CA VAL A 238 4.90 -8.24 6.45
C VAL A 238 4.69 -6.91 5.82
N GLU A 239 5.72 -6.36 5.19
CA GLU A 239 5.65 -5.03 4.61
C GLU A 239 6.09 -5.10 3.15
N LEU A 240 5.42 -4.38 2.27
CA LEU A 240 5.71 -4.26 0.83
C LEU A 240 5.77 -2.78 0.52
N GLY A 241 6.80 -2.33 -0.15
CA GLY A 241 6.91 -0.92 -0.51
C GLY A 241 7.28 -0.77 -1.97
N ALA A 242 6.85 0.33 -2.60
CA ALA A 242 7.20 0.58 -4.00
C ALA A 242 7.44 2.07 -4.25
N GLY A 243 8.66 2.47 -4.62
CA GLY A 243 8.97 3.87 -4.81
C GLY A 243 9.58 4.22 -6.14
N SER A 244 9.88 5.51 -6.34
CA SER A 244 10.46 6.04 -7.58
C SER A 244 11.62 5.22 -8.00
N TRP A 245 11.87 5.21 -9.30
CA TRP A 245 13.02 4.49 -9.91
C TRP A 245 13.05 3.00 -9.62
N ASP A 246 11.87 2.38 -9.73
CA ASP A 246 11.74 0.95 -9.65
C ASP A 246 12.39 0.41 -8.41
N ASN A 247 12.11 1.11 -7.32
CA ASN A 247 12.60 0.75 -6.04
C ASN A 247 11.56 -0.09 -5.33
N TYR A 248 11.82 -1.38 -5.20
CA TYR A 248 10.92 -2.36 -4.51
C TYR A 248 11.48 -2.93 -3.20
N ARG A 249 10.60 -3.07 -2.23
CA ARG A 249 11.05 -3.64 -0.95
C ARG A 249 10.02 -4.65 -0.37
N SER A 250 10.50 -5.69 0.31
CA SER A 250 9.61 -6.58 1.08
C SER A 250 10.32 -6.93 2.34
N GLU A 251 9.55 -7.28 3.36
CA GLU A 251 10.03 -7.48 4.72
C GLU A 251 9.11 -8.43 5.49
N LEU A 252 9.69 -9.43 6.18
CA LEU A 252 8.93 -10.29 7.10
C LEU A 252 9.64 -10.24 8.43
N ASP A 253 8.89 -10.15 9.52
CA ASP A 253 9.45 -10.04 10.86
C ASP A 253 8.56 -10.88 11.81
N VAL A 254 9.08 -12.00 12.34
CA VAL A 254 8.38 -12.80 13.36
C VAL A 254 9.14 -13.09 14.63
N SER A 255 8.38 -13.02 15.70
CA SER A 255 8.90 -13.11 17.03
C SER A 255 7.95 -13.87 17.92
N GLY A 256 8.44 -14.43 19.03
CA GLY A 256 7.54 -15.07 19.99
C GLY A 256 8.06 -16.27 20.75
N PRO A 257 7.20 -16.88 21.59
CA PRO A 257 7.60 -18.03 22.37
C PRO A 257 7.60 -19.24 21.46
N LEU A 258 8.53 -20.17 21.71
CA LEU A 258 8.77 -21.34 20.88
C LEU A 258 8.48 -22.67 21.58
N THR A 259 8.17 -22.59 22.87
CA THR A 259 7.77 -23.73 23.69
C THR A 259 6.56 -23.35 24.55
N GLU A 260 5.69 -24.31 24.83
CA GLU A 260 4.45 -24.05 25.60
C GLU A 260 4.74 -23.17 26.85
N SER A 261 5.85 -23.45 27.56
CA SER A 261 6.24 -22.71 28.78
C SER A 261 6.57 -21.25 28.55
N GLY A 262 7.40 -20.95 27.55
CA GLY A 262 7.92 -19.58 27.34
C GLY A 262 9.44 -19.44 27.43
N ASN A 263 10.13 -20.52 27.79
CA ASN A 263 11.57 -20.49 28.10
C ASN A 263 12.48 -20.57 26.87
N VAL A 264 11.93 -20.81 25.70
CA VAL A 264 12.74 -20.52 24.54
C VAL A 264 11.94 -19.58 23.61
N ARG A 265 12.52 -18.43 23.27
CA ARG A 265 11.87 -17.44 22.41
C ARG A 265 12.77 -17.14 21.24
N GLY A 266 12.17 -16.81 20.09
CA GLY A 266 12.93 -16.47 18.91
C GLY A 266 12.47 -15.25 18.15
N ARG A 267 13.28 -14.76 17.23
CA ARG A 267 12.81 -13.75 16.31
C ARG A 267 13.55 -13.85 14.99
N ALA A 268 12.81 -13.74 13.89
CA ALA A 268 13.34 -14.00 12.55
C ALA A 268 12.93 -12.85 11.64
N VAL A 269 13.87 -12.35 10.86
CA VAL A 269 13.55 -11.31 9.92
C VAL A 269 14.36 -11.44 8.64
N ALA A 270 13.64 -11.21 7.56
CA ALA A 270 14.16 -11.36 6.23
C ALA A 270 13.66 -10.08 5.58
N ALA A 271 14.50 -9.51 4.71
CA ALA A 271 14.19 -8.29 3.98
C ALA A 271 14.98 -8.29 2.68
N TYR A 272 14.29 -7.96 1.61
CA TYR A 272 14.85 -8.01 0.28
C TYR A 272 14.44 -6.69 -0.41
N GLN A 273 15.41 -6.00 -1.02
CA GLN A 273 15.16 -4.72 -1.70
C GLN A 273 15.85 -4.71 -3.03
N ASP A 274 15.24 -4.11 -4.05
CA ASP A 274 15.87 -4.06 -5.36
C ASP A 274 15.53 -2.72 -5.90
N LYS A 275 16.52 -1.87 -6.06
CA LYS A 275 16.20 -0.56 -6.54
C LYS A 275 17.05 -0.15 -7.71
N HIS A 276 16.43 0.43 -8.75
CA HIS A 276 17.17 1.22 -9.75
C HIS A 276 17.30 2.59 -9.10
N SER A 277 17.46 3.68 -9.86
CA SER A 277 17.84 4.98 -9.31
C SER A 277 17.75 6.11 -10.30
N PHE A 278 17.82 7.36 -9.80
CA PHE A 278 17.71 8.54 -10.65
C PHE A 278 18.96 8.62 -11.48
N MET A 279 20.05 8.05 -10.98
CA MET A 279 21.32 7.98 -11.69
C MET A 279 21.16 6.96 -12.74
N ASP A 280 21.76 7.24 -13.87
CA ASP A 280 21.61 6.39 -15.02
C ASP A 280 22.33 5.02 -14.80
N HIS A 281 21.69 3.94 -15.22
CA HIS A 281 22.31 2.61 -15.20
C HIS A 281 22.96 2.19 -13.87
N TYR A 282 22.60 2.81 -12.75
CA TYR A 282 22.92 2.27 -11.40
C TYR A 282 21.78 1.44 -10.84
N GLU A 283 22.05 0.21 -10.41
CA GLU A 283 21.01 -0.57 -9.72
C GLU A 283 21.60 -1.23 -8.48
N ARG A 284 20.78 -1.65 -7.50
CA ARG A 284 21.30 -2.27 -6.28
C ARG A 284 20.36 -3.24 -5.53
N LYS A 285 20.70 -4.52 -5.48
CA LYS A 285 19.92 -5.51 -4.74
C LYS A 285 20.49 -5.63 -3.33
N THR A 286 19.66 -5.52 -2.30
CA THR A 286 20.19 -5.78 -0.97
C THR A 286 19.37 -6.89 -0.28
N SER A 287 20.00 -7.84 0.42
CA SER A 287 19.30 -9.01 1.02
C SER A 287 19.62 -9.12 2.47
N VAL A 288 18.62 -9.23 3.35
CA VAL A 288 18.97 -9.37 4.75
C VAL A 288 18.22 -10.50 5.48
N TYR A 289 18.95 -11.24 6.33
CA TYR A 289 18.40 -12.31 7.18
C TYR A 289 18.87 -12.14 8.62
N TYR A 290 17.97 -12.44 9.55
CA TYR A 290 18.35 -12.40 10.95
C TYR A 290 17.55 -13.38 11.79
N GLY A 291 18.22 -14.03 12.74
CA GLY A 291 17.56 -14.93 13.67
C GLY A 291 18.26 -14.75 15.01
N ILE A 292 17.46 -14.65 16.07
CA ILE A 292 17.95 -14.68 17.43
C ILE A 292 16.99 -15.60 18.17
N LEU A 293 17.55 -16.41 19.07
CA LEU A 293 16.81 -17.28 20.01
C LEU A 293 17.25 -16.94 21.45
N GLU A 294 16.30 -16.82 22.37
CA GLU A 294 16.68 -16.73 23.79
C GLU A 294 16.32 -18.02 24.47
N PHE A 295 17.15 -18.43 25.43
CA PHE A 295 16.90 -19.58 26.32
C PHE A 295 17.10 -19.18 27.78
N ASP A 296 16.13 -19.53 28.61
CA ASP A 296 16.30 -19.34 30.04
C ASP A 296 16.83 -20.61 30.60
N LEU A 297 18.07 -20.57 30.98
CA LEU A 297 18.68 -21.67 31.67
C LEU A 297 17.99 -21.82 33.02
N ASN A 298 17.81 -20.72 33.75
CA ASN A 298 16.92 -20.66 34.92
C ASN A 298 16.37 -19.23 35.02
N PRO A 299 15.32 -19.01 35.83
CA PRO A 299 14.81 -17.66 36.07
C PRO A 299 15.85 -16.52 36.22
N ASP A 300 17.11 -16.80 36.53
CA ASP A 300 18.06 -15.68 36.57
C ASP A 300 19.32 -15.86 35.76
N THR A 301 19.28 -16.75 34.79
CA THR A 301 20.37 -16.83 33.82
C THR A 301 19.78 -17.07 32.45
N MET A 302 19.99 -16.13 31.52
CA MET A 302 19.53 -16.29 30.11
C MET A 302 20.65 -16.43 29.08
N LEU A 303 20.53 -17.39 28.15
CA LEU A 303 21.51 -17.51 27.04
C LEU A 303 20.91 -17.12 25.69
N THR A 304 21.64 -16.31 24.92
CA THR A 304 21.11 -15.81 23.64
C THR A 304 22.00 -16.20 22.47
N VAL A 305 21.46 -16.80 21.42
CA VAL A 305 22.32 -17.01 20.26
C VAL A 305 21.70 -16.37 19.03
N GLY A 306 22.51 -15.86 18.14
CA GLY A 306 21.91 -15.18 17.05
C GLY A 306 22.87 -15.06 15.92
N ALA A 307 22.31 -14.81 14.76
CA ALA A 307 23.08 -14.54 13.56
C ALA A 307 22.38 -13.54 12.67
N ASP A 308 23.18 -12.76 11.96
CA ASP A 308 22.60 -11.93 10.95
C ASP A 308 23.46 -11.92 9.71
N TYR A 309 22.88 -11.46 8.61
CA TYR A 309 23.50 -11.49 7.32
C TYR A 309 22.94 -10.35 6.44
N GLN A 310 23.80 -9.61 5.75
CA GLN A 310 23.34 -8.59 4.79
C GLN A 310 24.23 -8.59 3.58
N ASP A 311 23.64 -8.64 2.42
CA ASP A 311 24.42 -8.51 1.20
C ASP A 311 23.92 -7.31 0.40
N ASN A 312 24.87 -6.48 -0.02
CA ASN A 312 24.63 -5.25 -0.72
C ASN A 312 25.30 -5.47 -2.06
N ASP A 313 24.54 -5.42 -3.16
CA ASP A 313 25.03 -5.86 -4.46
C ASP A 313 24.63 -4.90 -5.62
N PRO A 314 25.51 -3.94 -5.99
CA PRO A 314 25.15 -2.95 -7.01
C PRO A 314 25.77 -3.20 -8.39
N LYS A 315 25.19 -2.59 -9.44
CA LYS A 315 25.78 -2.52 -10.78
C LYS A 315 25.92 -1.04 -11.07
N GLY A 316 26.97 -0.63 -11.77
CA GLY A 316 27.16 0.76 -12.10
C GLY A 316 27.74 1.61 -10.98
N SER A 317 28.36 0.99 -9.99
CA SER A 317 29.02 1.77 -8.94
C SER A 317 30.07 2.72 -9.51
N GLY A 318 30.15 3.92 -8.95
CA GLY A 318 31.25 4.79 -9.31
C GLY A 318 32.41 4.49 -8.39
N TRP A 319 33.52 5.15 -8.60
CA TRP A 319 34.69 4.94 -7.75
C TRP A 319 34.76 6.25 -6.97
N SER A 320 34.74 7.42 -7.63
CA SER A 320 34.72 8.71 -6.87
C SER A 320 33.77 9.79 -7.36
N GLY A 321 32.67 10.05 -6.67
CA GLY A 321 31.72 11.01 -7.20
C GLY A 321 31.02 10.54 -8.47
N SER A 322 30.13 11.36 -9.00
CA SER A 322 29.33 10.98 -10.13
C SER A 322 29.88 11.46 -11.48
N PHE A 323 30.64 12.55 -11.44
CA PHE A 323 31.22 13.12 -12.65
C PHE A 323 32.38 13.99 -12.28
N PRO A 324 33.32 14.25 -13.22
CA PRO A 324 34.43 15.18 -12.89
C PRO A 324 34.09 16.70 -12.95
N LEU A 325 34.63 17.47 -12.01
CA LEU A 325 34.44 18.92 -12.03
C LEU A 325 34.90 19.59 -13.33
N PHE A 326 36.15 19.37 -13.72
CA PHE A 326 36.64 20.05 -14.89
C PHE A 326 36.74 19.14 -16.07
N ASP A 327 36.53 19.69 -17.25
CA ASP A 327 36.79 18.96 -18.48
C ASP A 327 38.27 19.11 -18.86
N SER A 328 38.66 18.67 -20.05
CA SER A 328 40.09 18.62 -20.36
C SER A 328 40.66 20.02 -20.37
N GLN A 329 39.95 20.96 -20.98
CA GLN A 329 40.47 22.33 -21.02
C GLN A 329 40.28 23.20 -19.76
N GLY A 330 39.69 22.68 -18.71
CA GLY A 330 39.67 23.45 -17.47
C GLY A 330 38.36 24.09 -17.09
N ASN A 331 37.32 23.94 -17.94
CA ASN A 331 35.97 24.50 -17.70
C ASN A 331 35.16 23.62 -16.77
N ARG A 332 34.25 24.18 -15.96
CA ARG A 332 33.33 23.34 -15.16
C ARG A 332 32.40 22.59 -16.11
N ASN A 333 32.05 21.37 -15.72
CA ASN A 333 31.14 20.53 -16.51
C ASN A 333 29.73 20.75 -16.02
N ASP A 334 28.80 20.85 -16.97
CA ASP A 334 27.39 20.80 -16.64
C ASP A 334 26.78 19.46 -17.09
N VAL A 335 26.34 18.66 -16.13
CA VAL A 335 25.71 17.39 -16.52
C VAL A 335 24.37 17.17 -15.87
N SER A 336 23.50 16.51 -16.59
CA SER A 336 22.26 15.99 -16.01
C SER A 336 22.44 15.37 -14.58
N ARG A 337 21.47 15.52 -13.69
CA ARG A 337 21.55 14.83 -12.42
C ARG A 337 21.59 13.34 -12.65
N SER A 338 21.07 12.87 -13.80
CA SER A 338 21.14 11.44 -14.08
C SER A 338 22.56 10.95 -14.35
N PHE A 339 23.44 11.83 -14.76
CA PHE A 339 24.76 11.35 -15.14
C PHE A 339 25.42 10.44 -14.07
N ASN A 340 26.17 9.41 -14.52
CA ASN A 340 26.84 8.42 -13.66
C ASN A 340 28.05 7.95 -14.39
N ASN A 341 29.21 8.19 -13.84
CA ASN A 341 30.42 7.86 -14.53
C ASN A 341 30.91 6.44 -14.20
N GLY A 342 30.07 5.62 -13.55
CA GLY A 342 30.40 4.21 -13.37
C GLY A 342 30.26 3.47 -14.69
N ALA A 343 31.01 2.38 -14.88
CA ALA A 343 30.73 1.47 -15.96
C ALA A 343 29.47 0.61 -15.66
N LYS A 344 28.75 0.16 -16.69
CA LYS A 344 27.64 -0.78 -16.53
C LYS A 344 27.97 -1.90 -15.56
N TRP A 345 29.03 -2.68 -15.83
CA TRP A 345 29.56 -3.82 -14.99
C TRP A 345 30.23 -3.41 -13.69
N SER A 346 30.41 -2.12 -13.45
CA SER A 346 31.22 -1.74 -12.30
C SER A 346 30.40 -1.94 -11.05
N SER A 347 31.01 -2.49 -10.01
CA SER A 347 30.23 -2.90 -8.86
C SER A 347 31.01 -2.78 -7.60
N TRP A 348 30.46 -2.22 -6.56
CA TRP A 348 31.19 -2.23 -5.29
C TRP A 348 30.36 -3.01 -4.28
N GLU A 349 30.35 -4.34 -4.43
CA GLU A 349 29.54 -5.20 -3.61
C GLU A 349 30.14 -5.46 -2.22
N GLN A 350 29.28 -5.47 -1.21
CA GLN A 350 29.73 -5.36 0.17
C GLN A 350 28.83 -6.21 1.02
N TYR A 351 29.42 -7.02 1.88
CA TYR A 351 28.59 -7.92 2.66
C TYR A 351 29.01 -8.02 4.12
N THR A 352 28.09 -8.47 4.97
CA THR A 352 28.32 -8.54 6.41
C THR A 352 27.56 -9.71 6.95
N ARG A 353 28.13 -10.36 7.95
CA ARG A 353 27.42 -11.40 8.70
C ARG A 353 28.03 -11.60 10.06
N THR A 354 27.18 -11.98 11.01
CA THR A 354 27.59 -12.08 12.40
C THR A 354 27.02 -13.34 13.08
N VAL A 355 27.84 -14.02 13.86
CA VAL A 355 27.29 -14.97 14.74
C VAL A 355 27.63 -14.45 16.09
N PHE A 356 26.66 -14.43 16.98
CA PHE A 356 26.92 -13.88 18.31
C PHE A 356 26.21 -14.70 19.38
N ALA A 357 26.80 -14.76 20.57
CA ALA A 357 26.15 -15.38 21.74
C ALA A 357 26.39 -14.59 23.01
N ASN A 358 25.39 -14.52 23.90
CA ASN A 358 25.60 -13.93 25.21
C ASN A 358 25.05 -14.76 26.30
N LEU A 359 25.44 -14.39 27.51
CA LEU A 359 24.98 -15.05 28.74
C LEU A 359 24.84 -13.91 29.71
N GLU A 360 23.65 -13.75 30.27
CA GLU A 360 23.34 -12.70 31.21
C GLU A 360 22.91 -13.38 32.52
N HIS A 361 23.52 -12.99 33.63
CA HIS A 361 23.20 -13.58 34.94
C HIS A 361 22.90 -12.49 35.98
N ASN A 362 21.70 -12.55 36.56
CA ASN A 362 21.36 -11.75 37.75
C ASN A 362 22.02 -12.39 38.96
N PHE A 363 22.89 -11.66 39.64
CA PHE A 363 23.38 -12.03 40.95
C PHE A 363 22.41 -11.48 41.98
N ALA A 364 22.45 -12.00 43.21
CA ALA A 364 21.45 -11.62 44.22
C ALA A 364 21.57 -10.16 44.71
N ASN A 365 22.78 -9.61 44.68
CA ASN A 365 22.98 -8.19 45.00
C ASN A 365 22.08 -7.25 44.20
N GLY A 366 21.43 -7.76 43.15
CA GLY A 366 20.95 -6.91 42.04
C GLY A 366 22.12 -6.51 41.13
N TRP A 367 23.30 -6.99 41.48
CA TRP A 367 24.40 -7.06 40.55
C TRP A 367 24.03 -7.99 39.38
N VAL A 368 24.50 -7.66 38.18
CA VAL A 368 24.21 -8.50 37.03
C VAL A 368 25.49 -8.52 36.23
N GLY A 369 25.78 -9.65 35.59
CA GLY A 369 27.02 -9.89 34.81
C GLY A 369 26.70 -10.36 33.40
N LYS A 370 27.61 -10.16 32.47
CA LYS A 370 27.28 -10.42 31.07
C LYS A 370 28.47 -10.73 30.20
N VAL A 371 28.39 -11.83 29.49
CA VAL A 371 29.47 -12.28 28.58
C VAL A 371 28.92 -12.32 27.16
N GLN A 372 29.53 -11.50 26.28
CA GLN A 372 29.22 -11.42 24.84
C GLN A 372 30.36 -11.96 23.95
N LEU A 373 30.02 -12.97 23.13
CA LEU A 373 30.91 -13.51 22.07
C LEU A 373 30.41 -13.17 20.71
N ASP A 374 31.28 -12.58 19.88
CA ASP A 374 30.91 -12.18 18.51
C ASP A 374 31.91 -12.62 17.50
N HIS A 375 31.37 -13.07 16.39
CA HIS A 375 32.15 -13.42 15.24
C HIS A 375 31.56 -12.62 14.12
N LYS A 376 32.35 -11.68 13.62
CA LYS A 376 31.84 -10.81 12.56
C LYS A 376 32.59 -10.91 11.24
N ILE A 377 31.87 -11.04 10.13
CA ILE A 377 32.55 -10.91 8.86
C ILE A 377 32.15 -9.64 8.09
N ASN A 378 33.11 -8.81 7.66
CA ASN A 378 32.81 -7.74 6.70
C ASN A 378 33.58 -8.04 5.45
N GLY A 379 32.89 -8.30 4.33
CA GLY A 379 33.52 -8.67 3.07
C GLY A 379 33.19 -7.66 1.97
N TYR A 380 34.09 -7.53 0.99
CA TYR A 380 33.85 -6.68 -0.16
C TYR A 380 34.29 -7.36 -1.42
N HIS A 381 33.51 -7.19 -2.48
CA HIS A 381 33.91 -7.66 -3.82
C HIS A 381 33.75 -6.48 -4.79
N ALA A 382 34.87 -5.94 -5.26
CA ALA A 382 34.79 -4.61 -5.91
C ALA A 382 35.51 -4.45 -7.26
N PRO A 383 34.89 -4.94 -8.36
CA PRO A 383 35.40 -4.56 -9.65
C PRO A 383 34.89 -3.16 -10.07
N LEU A 384 35.69 -2.15 -9.87
CA LEU A 384 35.25 -0.84 -10.23
C LEU A 384 35.80 -0.42 -11.61
N GLY A 385 35.03 0.43 -12.31
CA GLY A 385 35.48 1.14 -13.50
C GLY A 385 34.66 2.42 -13.66
N ALA A 386 35.31 3.58 -13.63
CA ALA A 386 34.55 4.81 -13.67
C ALA A 386 35.30 5.83 -14.49
N ILE A 387 34.61 6.73 -15.19
CA ILE A 387 35.28 7.80 -15.91
C ILE A 387 36.00 8.65 -14.91
N MET A 388 37.26 8.97 -15.17
CA MET A 388 38.01 9.64 -14.16
C MET A 388 39.12 10.48 -14.74
N GLY A 389 39.33 11.66 -14.18
CA GLY A 389 40.23 12.60 -14.77
C GLY A 389 39.46 13.79 -15.32
N ASP A 390 40.24 14.80 -15.73
CA ASP A 390 39.79 16.01 -16.42
C ASP A 390 39.18 15.67 -17.82
N TRP A 391 37.88 15.38 -17.86
CA TRP A 391 37.14 14.94 -19.07
C TRP A 391 35.71 15.54 -19.11
N PRO A 392 35.12 15.64 -20.33
CA PRO A 392 35.58 15.20 -21.63
C PRO A 392 36.77 15.97 -22.09
N ALA A 393 37.34 15.51 -23.20
CA ALA A 393 38.24 16.32 -24.01
C ALA A 393 37.43 16.88 -25.21
N PRO A 394 38.06 17.76 -26.00
CA PRO A 394 37.32 18.51 -26.99
C PRO A 394 36.55 17.64 -27.96
N ASP A 395 37.02 16.45 -28.26
CA ASP A 395 36.33 15.64 -29.25
C ASP A 395 35.38 14.64 -28.61
N ASN A 396 34.79 15.07 -27.50
CA ASN A 396 33.90 14.26 -26.67
C ASN A 396 34.37 12.91 -26.08
N SER A 397 35.62 12.50 -26.27
CA SER A 397 36.12 11.24 -25.68
C SER A 397 36.44 11.42 -24.18
N ALA A 398 36.65 10.30 -23.50
CA ALA A 398 37.03 10.30 -22.09
C ALA A 398 37.86 9.05 -21.79
N LYS A 399 38.44 8.96 -20.59
CA LYS A 399 39.11 7.69 -20.18
C LYS A 399 38.62 7.10 -18.86
N ILE A 400 38.52 5.77 -18.79
CA ILE A 400 38.08 5.03 -17.59
C ILE A 400 39.22 4.74 -16.64
N VAL A 401 38.97 4.84 -15.35
CA VAL A 401 39.86 4.13 -14.44
C VAL A 401 39.18 2.86 -14.03
N ALA A 402 39.89 1.74 -14.13
CA ALA A 402 39.43 0.44 -13.66
C ALA A 402 40.40 -0.28 -12.67
N GLN A 403 39.92 -0.63 -11.49
CA GLN A 403 40.68 -1.46 -10.53
C GLN A 403 39.71 -2.37 -9.76
N LYS A 404 40.24 -3.45 -9.22
CA LYS A 404 39.41 -4.48 -8.62
C LYS A 404 40.00 -4.74 -7.28
N TYR A 405 39.14 -4.68 -6.26
CA TYR A 405 39.55 -5.01 -4.89
C TYR A 405 38.60 -6.08 -4.38
N THR A 406 39.11 -7.25 -4.00
CA THR A 406 38.29 -8.24 -3.29
C THR A 406 38.89 -8.47 -1.91
N GLY A 407 38.07 -8.85 -0.93
CA GLY A 407 38.58 -9.14 0.42
C GLY A 407 37.55 -9.45 1.49
N GLU A 408 38.02 -9.88 2.64
CA GLU A 408 37.19 -10.19 3.80
C GLU A 408 37.89 -9.74 5.06
N THR A 409 37.14 -9.37 6.05
CA THR A 409 37.75 -9.24 7.35
C THR A 409 36.95 -10.19 8.21
N LYS A 410 37.67 -10.96 9.04
CA LYS A 410 37.09 -11.78 10.09
C LYS A 410 37.45 -11.18 11.44
N SER A 411 36.46 -11.00 12.30
CA SER A 411 36.67 -10.43 13.62
C SER A 411 36.15 -11.30 14.74
N ASN A 412 36.90 -11.42 15.82
CA ASN A 412 36.34 -12.09 16.99
C ASN A 412 36.35 -11.26 18.27
N SER A 413 35.22 -11.24 18.99
CA SER A 413 35.16 -10.41 20.18
C SER A 413 34.66 -11.08 21.43
N LEU A 414 35.26 -10.70 22.54
CA LEU A 414 34.81 -11.15 23.82
C LEU A 414 34.63 -9.94 24.66
N ASP A 415 33.43 -9.74 25.18
CA ASP A 415 33.22 -8.64 26.09
C ASP A 415 32.62 -9.18 27.38
N ILE A 416 33.28 -8.97 28.52
CA ILE A 416 32.71 -9.41 29.77
C ILE A 416 32.60 -8.21 30.68
N TYR A 417 31.45 -7.99 31.30
CA TYR A 417 31.33 -6.93 32.31
C TYR A 417 30.33 -7.22 33.40
N LEU A 418 30.52 -6.58 34.55
CA LEU A 418 29.71 -6.72 35.73
C LEU A 418 29.17 -5.36 36.14
N THR A 419 27.88 -5.28 36.42
CA THR A 419 27.29 -4.01 36.84
C THR A 419 26.39 -4.17 38.08
N GLY A 420 26.52 -3.24 39.03
CA GLY A 420 25.74 -3.26 40.28
C GLY A 420 25.78 -2.01 41.14
N PRO A 421 24.85 -1.90 42.11
CA PRO A 421 24.82 -0.86 43.11
C PRO A 421 25.70 -1.14 44.34
N PHE A 422 25.92 -0.09 45.14
CA PHE A 422 26.75 -0.17 46.32
C PHE A 422 26.62 1.07 47.24
N GLN A 423 26.55 0.84 48.56
CA GLN A 423 26.49 1.88 49.59
C GLN A 423 27.88 2.49 49.75
N PHE A 424 28.00 3.80 49.87
CA PHE A 424 29.31 4.32 50.30
C PHE A 424 29.21 5.23 51.52
N LEU A 425 28.92 6.51 51.35
CA LEU A 425 28.84 7.29 52.57
C LEU A 425 27.39 7.42 53.03
N GLY A 426 26.76 6.29 53.30
CA GLY A 426 25.31 6.29 53.49
C GLY A 426 24.49 6.56 52.22
N ARG A 427 25.10 6.54 51.04
CA ARG A 427 24.33 6.72 49.80
C ARG A 427 24.57 5.62 48.73
N GLU A 428 23.63 5.50 47.81
CA GLU A 428 23.62 4.42 46.85
C GLU A 428 24.16 4.84 45.50
N HIS A 429 25.25 4.19 45.11
CA HIS A 429 25.93 4.49 43.85
C HIS A 429 25.92 3.21 43.02
N GLU A 430 26.45 3.26 41.81
CA GLU A 430 26.57 2.05 40.99
C GLU A 430 27.90 2.06 40.23
N LEU A 431 28.27 0.91 39.65
CA LEU A 431 29.56 0.68 39.08
C LEU A 431 29.45 -0.30 37.92
N VAL A 432 30.31 -0.11 36.92
CA VAL A 432 30.49 -1.03 35.81
C VAL A 432 31.99 -1.33 35.80
N VAL A 433 32.32 -2.58 35.94
CA VAL A 433 33.67 -2.97 35.69
C VAL A 433 33.60 -3.95 34.50
N GLY A 434 34.44 -3.75 33.50
CA GLY A 434 34.40 -4.62 32.36
C GLY A 434 35.75 -4.80 31.75
N THR A 435 35.87 -5.82 30.92
CA THR A 435 37.03 -5.95 30.12
C THR A 435 36.67 -6.48 28.74
N SER A 436 37.42 -6.09 27.71
CA SER A 436 37.17 -6.60 26.34
C SER A 436 38.42 -6.96 25.56
N ALA A 437 38.22 -7.82 24.56
CA ALA A 437 39.25 -8.30 23.64
C ALA A 437 38.66 -8.43 22.24
N SER A 438 39.39 -7.98 21.22
CA SER A 438 39.00 -8.22 19.83
C SER A 438 40.19 -8.51 18.96
N PHE A 439 40.03 -9.38 17.99
CA PHE A 439 41.11 -9.68 17.09
C PHE A 439 40.46 -9.62 15.74
N SER A 440 40.92 -8.78 14.82
CA SER A 440 40.44 -8.97 13.47
C SER A 440 41.49 -9.05 12.44
N HIS A 441 41.10 -9.66 11.34
CA HIS A 441 42.03 -10.12 10.36
C HIS A 441 41.51 -9.81 8.98
N TRP A 442 42.08 -8.78 8.37
CA TRP A 442 41.68 -8.39 7.06
C TRP A 442 42.55 -9.09 6.02
N GLU A 443 41.91 -9.59 4.97
CA GLU A 443 42.57 -10.41 3.96
C GLU A 443 42.07 -10.12 2.56
N GLY A 444 42.96 -9.63 1.68
CA GLY A 444 42.50 -9.19 0.37
C GLY A 444 43.42 -9.36 -0.81
N LYS A 445 42.85 -9.23 -2.01
CA LYS A 445 43.61 -9.13 -3.25
C LYS A 445 43.26 -7.82 -3.93
N SER A 446 44.25 -7.20 -4.55
CA SER A 446 43.97 -6.02 -5.37
C SER A 446 44.42 -6.28 -6.82
N TYR A 447 43.67 -5.77 -7.81
CA TYR A 447 44.08 -5.86 -9.19
C TYR A 447 44.17 -4.48 -9.81
N TRP A 448 45.32 -4.16 -10.41
CA TRP A 448 45.45 -2.90 -11.12
C TRP A 448 46.41 -2.98 -12.28
N ASN A 449 47.03 -4.14 -12.51
CA ASN A 449 47.87 -4.23 -13.69
C ASN A 449 47.07 -4.88 -14.80
N LEU A 450 46.18 -4.08 -15.40
CA LEU A 450 45.25 -4.58 -16.40
C LEU A 450 46.01 -4.91 -17.67
N ARG A 451 45.52 -5.94 -18.37
CA ARG A 451 46.24 -6.48 -19.52
C ARG A 451 45.50 -6.13 -20.76
N ASN A 452 46.17 -5.41 -21.65
CA ASN A 452 45.66 -5.08 -22.95
C ASN A 452 44.30 -4.45 -23.00
N TYR A 453 44.13 -3.40 -22.19
CA TYR A 453 42.81 -2.77 -22.07
C TYR A 453 42.80 -1.43 -22.77
N ASP A 454 41.72 -1.16 -23.50
CA ASP A 454 41.51 0.13 -24.12
C ASP A 454 40.57 0.99 -23.28
N ASN A 455 41.11 1.88 -22.48
CA ASN A 455 40.24 2.52 -21.51
C ASN A 455 39.65 3.86 -21.92
N THR A 456 39.75 4.21 -23.21
CA THR A 456 39.02 5.36 -23.77
C THR A 456 37.54 5.05 -24.13
N THR A 457 36.65 6.01 -23.91
CA THR A 457 35.27 5.94 -24.39
C THR A 457 35.09 7.05 -25.39
N ASP A 458 34.31 6.82 -26.44
CA ASP A 458 34.29 7.76 -27.57
C ASP A 458 33.21 8.87 -27.41
N ASP A 459 32.57 8.96 -26.25
CA ASP A 459 31.38 9.83 -26.04
C ASP A 459 31.07 10.24 -24.55
N PHE A 460 31.68 11.31 -24.06
CA PHE A 460 31.35 11.72 -22.72
C PHE A 460 29.85 12.10 -22.53
N ILE A 461 29.33 12.89 -23.46
CA ILE A 461 28.05 13.54 -23.26
C ILE A 461 26.93 12.50 -23.14
N ASN A 462 27.06 11.34 -23.79
CA ASN A 462 26.03 10.33 -23.61
C ASN A 462 26.50 9.12 -22.91
N TRP A 463 27.58 9.22 -22.18
CA TRP A 463 28.00 8.12 -21.34
C TRP A 463 26.81 7.38 -20.81
N ASP A 464 26.88 6.09 -21.06
CA ASP A 464 25.86 5.15 -20.79
C ASP A 464 26.35 4.08 -19.79
N GLY A 465 27.63 4.12 -19.43
CA GLY A 465 28.35 3.00 -18.85
C GLY A 465 28.85 1.91 -19.82
N ASP A 466 28.51 2.03 -21.11
CA ASP A 466 28.68 0.92 -22.04
C ASP A 466 30.08 0.81 -22.59
N ILE A 467 31.04 0.63 -21.68
CA ILE A 467 32.43 0.34 -22.00
C ILE A 467 32.77 -1.13 -21.70
N GLY A 468 33.72 -1.71 -22.43
CA GLY A 468 34.27 -3.04 -22.10
C GLY A 468 34.83 -3.19 -20.69
N LYS A 469 34.96 -4.45 -20.24
CA LYS A 469 35.52 -4.85 -18.92
C LYS A 469 36.96 -5.35 -19.10
N PRO A 470 37.91 -4.90 -18.24
CA PRO A 470 39.29 -5.16 -18.54
C PRO A 470 39.69 -6.54 -18.04
N ASP A 471 40.77 -7.09 -18.59
CA ASP A 471 41.39 -8.27 -18.04
C ASP A 471 42.12 -7.78 -16.77
N TRP A 472 41.64 -8.20 -15.60
CA TRP A 472 42.25 -7.73 -14.34
C TRP A 472 43.70 -8.19 -14.18
N GLY A 473 44.11 -9.23 -14.93
CA GLY A 473 45.44 -9.81 -14.82
C GLY A 473 45.49 -10.45 -13.46
N THR A 474 46.71 -10.66 -12.94
CA THR A 474 46.92 -11.39 -11.67
C THR A 474 47.02 -10.44 -10.51
N PRO A 475 46.87 -10.94 -9.27
CA PRO A 475 46.76 -9.92 -8.23
C PRO A 475 48.00 -9.06 -8.12
N SER A 476 47.80 -7.78 -7.84
CA SER A 476 48.90 -6.86 -7.71
C SER A 476 49.38 -6.66 -6.28
N GLN A 477 48.58 -7.05 -5.30
CA GLN A 477 48.88 -6.82 -3.90
C GLN A 477 48.20 -7.94 -3.13
N TYR A 478 48.82 -8.45 -2.07
CA TYR A 478 48.04 -9.15 -1.02
C TYR A 478 48.02 -8.33 0.25
N ILE A 479 46.84 -8.15 0.79
CA ILE A 479 46.61 -7.47 2.04
C ILE A 479 46.55 -8.55 3.11
N ASP A 480 47.17 -8.28 4.25
CA ASP A 480 47.07 -9.18 5.39
C ASP A 480 47.34 -8.36 6.63
N ASP A 481 46.26 -7.91 7.25
CA ASP A 481 46.37 -7.09 8.41
C ASP A 481 45.71 -7.82 9.54
N LYS A 482 46.27 -7.65 10.72
CA LYS A 482 45.68 -8.14 11.94
C LYS A 482 45.62 -6.95 12.90
N THR A 483 44.44 -6.57 13.37
CA THR A 483 44.38 -5.62 14.47
C THR A 483 44.01 -6.40 15.73
N ARG A 484 44.42 -5.91 16.89
CA ARG A 484 44.03 -6.52 18.14
C ARG A 484 43.90 -5.39 19.18
N GLN A 485 42.70 -5.22 19.73
CA GLN A 485 42.39 -4.21 20.75
C GLN A 485 42.18 -5.03 22.01
N LEU A 486 42.66 -4.56 23.17
CA LEU A 486 42.27 -5.14 24.48
C LEU A 486 41.94 -3.97 25.35
N GLY A 487 40.82 -3.99 26.04
CA GLY A 487 40.49 -2.89 26.92
C GLY A 487 39.98 -3.37 28.23
N SER A 488 40.20 -2.54 29.24
CA SER A 488 39.59 -2.67 30.57
C SER A 488 39.04 -1.30 31.01
N TYR A 489 37.89 -1.31 31.65
CA TYR A 489 37.20 -0.08 31.94
C TYR A 489 36.39 -0.22 33.20
N MET A 490 36.10 0.92 33.82
CA MET A 490 35.44 1.04 35.11
C MET A 490 34.84 2.41 35.12
N THR A 491 33.58 2.53 35.49
CA THR A 491 32.97 3.85 35.68
C THR A 491 32.23 3.68 36.97
N ALA A 492 32.18 4.75 37.75
CA ALA A 492 31.40 4.72 38.94
C ALA A 492 30.52 5.92 38.83
N ARG A 493 29.27 5.75 39.27
CA ARG A 493 28.38 6.89 39.33
C ARG A 493 27.96 7.19 40.76
N PHE A 494 28.60 8.16 41.39
CA PHE A 494 28.23 8.55 42.77
C PHE A 494 27.05 9.48 42.83
N ASN A 495 26.14 9.18 43.74
CA ASN A 495 25.05 10.07 44.11
C ASN A 495 25.43 11.00 45.29
N VAL A 496 26.22 12.03 45.04
CA VAL A 496 26.84 12.75 46.15
C VAL A 496 25.85 13.55 47.04
N THR A 497 24.94 14.33 46.47
CA THR A 497 23.80 14.86 47.23
C THR A 497 22.51 14.37 46.59
N ASP A 498 21.37 14.90 47.00
CA ASP A 498 20.12 14.58 46.32
C ASP A 498 20.09 15.19 44.93
N ASP A 499 20.98 16.14 44.63
CA ASP A 499 21.07 16.62 43.23
C ASP A 499 22.45 16.73 42.60
N LEU A 500 23.47 16.06 43.12
CA LEU A 500 24.70 15.97 42.33
C LEU A 500 25.10 14.53 42.01
N ASN A 501 25.27 14.22 40.73
CA ASN A 501 25.86 12.93 40.40
C ASN A 501 27.21 13.10 39.76
N LEU A 502 28.21 12.49 40.37
CA LEU A 502 29.54 12.55 39.86
C LEU A 502 29.87 11.24 39.14
N PHE A 503 30.42 11.34 37.94
CA PHE A 503 30.84 10.20 37.13
C PHE A 503 32.35 10.11 37.08
N LEU A 504 32.92 9.01 37.55
CA LEU A 504 34.39 8.84 37.48
C LEU A 504 34.74 7.51 36.85
N GLY A 505 35.51 7.55 35.78
CA GLY A 505 35.88 6.30 35.17
C GLY A 505 36.94 6.46 34.11
N GLY A 506 37.29 5.35 33.49
CA GLY A 506 38.35 5.36 32.53
C GLY A 506 38.41 4.00 31.91
N ARG A 507 39.15 3.93 30.81
CA ARG A 507 39.39 2.74 30.05
C ARG A 507 40.89 2.71 29.87
N VAL A 508 41.54 1.57 30.14
CA VAL A 508 42.94 1.37 29.76
C VAL A 508 43.00 0.48 28.53
N VAL A 509 43.75 0.90 27.52
CA VAL A 509 43.75 0.27 26.19
C VAL A 509 45.12 -0.24 25.73
N ASP A 510 45.11 -1.30 24.93
CA ASP A 510 46.32 -1.81 24.30
C ASP A 510 45.93 -2.18 22.87
N TYR A 511 46.70 -1.71 21.89
CA TYR A 511 46.32 -1.76 20.47
C TYR A 511 47.47 -2.22 19.62
N ARG A 512 47.39 -3.39 19.02
CA ARG A 512 48.51 -3.86 18.19
C ARG A 512 47.92 -4.10 16.78
N VAL A 513 48.56 -3.51 15.78
CA VAL A 513 48.26 -3.82 14.39
C VAL A 513 49.51 -4.28 13.68
N THR A 514 49.35 -5.49 13.19
CA THR A 514 50.39 -6.35 12.70
C THR A 514 50.03 -6.73 11.27
N GLY A 515 51.02 -6.93 10.41
CA GLY A 515 50.67 -7.13 9.02
C GLY A 515 51.80 -7.14 8.03
N LEU A 516 51.66 -6.31 6.98
CA LEU A 516 52.71 -6.17 5.98
C LEU A 516 53.41 -4.79 6.12
N ASN A 517 52.78 -3.91 6.91
CA ASN A 517 53.38 -2.66 7.37
C ASN A 517 54.20 -2.85 8.64
N PRO A 518 55.07 -1.84 9.00
CA PRO A 518 55.72 -1.92 10.32
C PRO A 518 54.66 -1.99 11.42
N THR A 519 54.81 -2.97 12.31
CA THR A 519 53.99 -3.16 13.50
C THR A 519 53.60 -1.84 14.21
N ILE A 520 52.34 -1.66 14.57
CA ILE A 520 51.98 -0.47 15.29
C ILE A 520 51.50 -0.91 16.65
N ARG A 521 52.19 -0.50 17.70
CA ARG A 521 51.84 -0.87 19.05
C ARG A 521 51.40 0.40 19.79
N GLU A 522 50.48 0.26 20.72
CA GLU A 522 50.23 1.27 21.75
C GLU A 522 49.87 0.49 23.00
N SER A 523 50.50 0.81 24.13
CA SER A 523 50.36 -0.02 25.31
C SER A 523 49.96 0.72 26.58
N GLY A 524 48.92 0.26 27.25
CA GLY A 524 48.51 0.89 28.48
C GLY A 524 48.21 2.40 28.40
N ARG A 525 47.59 2.84 27.30
CA ARG A 525 47.07 4.21 27.20
C ARG A 525 45.82 4.39 28.04
N PHE A 526 45.79 5.45 28.86
CA PHE A 526 44.61 5.75 29.67
C PHE A 526 43.61 6.69 29.01
N ILE A 527 42.37 6.27 28.81
CA ILE A 527 41.32 7.16 28.36
C ILE A 527 40.47 7.60 29.56
N PRO A 528 40.61 8.87 30.02
CA PRO A 528 39.84 9.22 31.23
C PRO A 528 38.38 9.60 30.95
N TYR A 529 37.59 9.71 31.99
CA TYR A 529 36.20 10.02 31.82
C TYR A 529 35.77 10.69 33.09
N VAL A 530 35.37 11.96 32.99
CA VAL A 530 34.87 12.71 34.15
C VAL A 530 33.58 13.43 33.76
N GLY A 531 32.56 13.26 34.58
CA GLY A 531 31.27 13.84 34.26
C GLY A 531 30.58 14.22 35.54
N ALA A 532 29.71 15.23 35.45
CA ALA A 532 28.88 15.70 36.55
C ALA A 532 27.51 16.12 36.02
N VAL A 533 26.48 15.93 36.84
CA VAL A 533 25.11 16.30 36.47
C VAL A 533 24.36 16.85 37.67
N TYR A 534 24.17 18.16 37.67
CA TYR A 534 23.51 18.87 38.75
C TYR A 534 22.05 19.13 38.42
N ASP A 535 21.16 18.68 39.29
CA ASP A 535 19.73 19.02 39.17
C ASP A 535 19.42 20.48 39.67
N LEU A 536 18.65 21.22 38.85
CA LEU A 536 18.14 22.56 39.18
C LEU A 536 16.67 22.52 39.57
N ASN A 537 15.81 21.84 38.80
CA ASN A 537 14.34 21.76 39.02
C ASN A 537 13.93 20.36 38.86
N ASP A 538 12.61 20.16 38.95
CA ASP A 538 11.96 18.94 38.58
C ASP A 538 12.24 18.78 37.08
N THR A 539 12.54 19.89 36.41
CA THR A 539 12.66 19.88 34.94
C THR A 539 14.07 19.90 34.34
N TYR A 540 14.91 20.83 34.80
CA TYR A 540 16.18 21.08 34.13
C TYR A 540 17.35 20.54 34.93
N SER A 541 18.38 20.05 34.21
CA SER A 541 19.69 19.72 34.81
C SER A 541 20.85 20.39 34.07
N VAL A 542 21.87 20.85 34.80
CA VAL A 542 23.14 21.18 34.18
C VAL A 542 24.12 20.04 34.30
N TYR A 543 25.08 20.01 33.37
CA TYR A 543 26.07 18.93 33.30
C TYR A 543 27.32 19.38 32.56
N ALA A 544 28.43 18.72 32.89
CA ALA A 544 29.76 18.93 32.26
C ALA A 544 30.37 17.57 32.10
N SER A 545 31.26 17.43 31.14
CA SER A 545 32.02 16.19 31.09
C SER A 545 33.26 16.45 30.30
N TYR A 546 34.32 15.76 30.66
CA TYR A 546 35.57 15.79 29.95
C TYR A 546 35.76 14.34 29.49
N THR A 547 35.61 14.10 28.19
CA THR A 547 35.83 12.79 27.59
C THR A 547 36.94 12.76 26.53
N ASP A 548 37.49 11.56 26.33
CA ASP A 548 38.67 11.40 25.55
C ASP A 548 38.60 10.20 24.62
N ILE A 549 39.56 10.13 23.71
CA ILE A 549 39.64 9.10 22.70
C ILE A 549 40.91 9.31 21.88
N PHE A 550 41.48 8.22 21.38
CA PHE A 550 42.62 8.23 20.46
C PHE A 550 42.52 7.12 19.38
N MET A 551 43.11 7.33 18.22
CA MET A 551 43.21 6.27 17.23
C MET A 551 44.65 6.30 16.74
N PRO A 552 45.42 5.21 16.94
CA PRO A 552 46.73 5.12 16.39
C PRO A 552 46.65 5.31 14.90
N GLN A 553 47.68 5.97 14.33
CA GLN A 553 47.57 6.50 12.98
C GLN A 553 47.65 5.38 11.92
N ASP A 554 47.20 5.61 10.70
CA ASP A 554 47.44 4.61 9.68
C ASP A 554 48.92 4.59 9.39
N SER A 555 49.40 3.46 8.91
CA SER A 555 50.81 3.23 8.86
C SER A 555 51.59 4.10 7.85
N TRP A 556 50.87 4.72 6.93
CA TRP A 556 51.57 5.60 6.00
C TRP A 556 51.66 7.05 6.49
N TYR A 557 51.02 7.36 7.61
CA TYR A 557 51.15 8.67 8.19
C TYR A 557 52.45 8.85 8.97
N ARG A 558 53.56 8.92 8.24
CA ARG A 558 54.86 9.09 8.86
C ARG A 558 55.42 10.46 8.57
N ASP A 559 56.61 10.76 9.06
CA ASP A 559 57.04 12.12 9.07
C ASP A 559 58.42 12.44 8.43
N SER A 560 58.84 13.71 8.58
CA SER A 560 60.14 14.23 8.16
C SER A 560 61.12 13.08 8.23
N SER A 561 61.13 12.40 9.39
CA SER A 561 62.14 11.41 9.77
C SER A 561 61.69 9.99 9.48
N ASN A 562 60.51 9.80 8.87
CA ASN A 562 59.94 8.45 8.65
C ASN A 562 59.57 7.77 9.96
N LYS A 563 59.06 8.54 10.90
CA LYS A 563 58.59 8.02 12.16
C LYS A 563 57.08 8.11 12.11
N LEU A 564 56.36 7.09 12.59
CA LEU A 564 54.89 7.10 12.47
C LEU A 564 54.37 8.20 13.38
N LEU A 565 53.37 8.95 12.91
CA LEU A 565 52.88 10.04 13.73
C LEU A 565 52.38 9.43 14.99
N GLU A 566 52.41 10.19 16.08
CA GLU A 566 51.73 9.79 17.30
C GLU A 566 50.20 9.54 17.09
N PRO A 567 49.53 8.81 18.01
CA PRO A 567 48.07 8.59 17.78
C PRO A 567 47.18 9.86 17.78
N ASP A 568 46.39 10.02 16.72
CA ASP A 568 45.34 11.02 16.62
C ASP A 568 44.39 11.04 17.83
N GLU A 569 44.45 12.10 18.61
CA GLU A 569 43.87 12.15 19.92
C GLU A 569 42.80 13.25 19.91
N GLY A 570 41.87 13.20 20.86
CA GLY A 570 41.02 14.35 21.08
C GLY A 570 40.26 14.30 22.38
N GLN A 571 40.19 15.44 23.06
CA GLN A 571 39.33 15.61 24.21
C GLN A 571 38.12 16.39 23.78
N ASN A 572 36.95 16.15 24.38
CA ASN A 572 35.73 16.94 24.12
C ASN A 572 35.36 17.58 25.47
N TYR A 573 35.11 18.89 25.54
CA TYR A 573 34.74 19.56 26.80
C TYR A 573 33.36 20.00 26.61
N GLU A 574 32.48 19.72 27.55
CA GLU A 574 31.10 19.97 27.29
C GLU A 574 30.51 20.51 28.57
N ILE A 575 29.78 21.59 28.41
CA ILE A 575 28.85 22.06 29.43
C ILE A 575 27.45 22.28 28.76
N GLY A 576 26.38 22.00 29.52
CA GLY A 576 25.01 22.12 28.97
C GLY A 576 23.87 22.01 29.97
N ILE A 577 22.67 22.06 29.43
CA ILE A 577 21.48 21.96 30.24
C ILE A 577 20.59 21.02 29.49
N LYS A 578 19.91 20.17 30.24
CA LYS A 578 18.94 19.22 29.69
C LYS A 578 17.63 19.34 30.44
N GLY A 579 16.52 19.27 29.73
CA GLY A 579 15.21 19.39 30.38
C GLY A 579 14.35 18.18 30.14
N GLU A 580 13.36 17.93 31.00
CA GLU A 580 12.56 16.74 30.87
C GLU A 580 11.13 17.08 31.25
N TYR A 581 10.18 16.56 30.51
CA TYR A 581 8.82 17.03 30.62
C TYR A 581 7.91 15.81 30.54
N LEU A 582 6.62 15.98 30.85
CA LEU A 582 5.61 14.93 30.81
C LEU A 582 6.06 13.53 31.24
N ASP A 583 6.82 13.46 32.35
CA ASP A 583 7.31 12.21 32.93
C ASP A 583 8.14 11.48 31.93
N GLY A 584 9.07 12.20 31.33
CA GLY A 584 10.03 11.61 30.41
C GLY A 584 9.53 11.44 29.00
N ARG A 585 8.27 11.77 28.76
CA ARG A 585 7.73 11.73 27.42
C ARG A 585 8.31 12.82 26.45
N LEU A 586 8.99 13.84 26.95
CA LEU A 586 9.69 14.83 26.08
C LEU A 586 10.95 15.44 26.72
N ASN A 587 12.05 15.45 25.94
CA ASN A 587 13.37 15.88 26.39
C ASN A 587 13.87 17.09 25.59
N THR A 588 14.70 17.93 26.18
CA THR A 588 15.38 18.98 25.44
C THR A 588 16.84 19.09 25.87
N SER A 589 17.67 19.51 24.94
CA SER A 589 19.03 19.79 25.32
C SER A 589 19.53 21.02 24.62
N LEU A 590 20.33 21.78 25.36
CA LEU A 590 21.11 22.88 24.79
C LEU A 590 22.53 22.64 25.30
N ALA A 591 23.47 22.39 24.37
CA ALA A 591 24.86 22.09 24.77
C ALA A 591 25.88 22.99 24.11
N TYR A 592 26.85 23.43 24.91
CA TYR A 592 28.08 24.06 24.38
C TYR A 592 29.29 23.09 24.45
N PHE A 593 29.99 22.93 23.34
CA PHE A 593 31.09 21.99 23.37
C PHE A 593 32.31 22.48 22.63
N GLU A 594 33.47 21.94 22.99
CA GLU A 594 34.74 22.26 22.36
C GLU A 594 35.57 20.96 22.20
N ILE A 595 35.98 20.58 21.01
CA ILE A 595 36.94 19.48 20.94
C ILE A 595 38.37 19.96 20.68
N HIS A 596 39.34 19.51 21.46
CA HIS A 596 40.73 19.72 21.10
C HIS A 596 41.33 18.41 20.51
N GLU A 597 41.63 18.44 19.20
CA GLU A 597 42.43 17.41 18.59
C GLU A 597 43.90 17.71 18.81
N GLU A 598 44.66 16.62 18.83
CA GLU A 598 46.09 16.73 18.67
C GLU A 598 46.67 15.52 17.90
N ASN A 599 47.85 15.72 17.28
CA ASN A 599 48.42 14.80 16.30
C ASN A 599 47.50 14.54 15.13
N ARG A 600 46.86 15.60 14.61
CA ARG A 600 45.99 15.47 13.42
C ARG A 600 46.94 15.36 12.25
N ALA A 601 46.73 14.33 11.43
CA ALA A 601 47.56 14.07 10.27
C ALA A 601 47.42 15.19 9.27
N GLU A 602 48.51 15.93 9.00
CA GLU A 602 48.48 16.84 7.88
C GLU A 602 49.75 16.81 6.99
N GLU A 603 49.53 16.64 5.70
CA GLU A 603 50.50 16.71 4.61
C GLU A 603 52.00 17.02 4.88
N ASP A 604 52.35 18.16 5.47
CA ASP A 604 53.78 18.61 5.45
C ASP A 604 54.19 18.99 4.04
N ALA A 605 53.99 20.28 3.71
CA ALA A 605 53.99 20.75 2.36
C ALA A 605 55.38 21.16 2.02
N LEU A 606 56.10 21.70 2.99
CA LEU A 606 57.42 22.14 2.72
C LEU A 606 58.36 20.97 2.47
N TYR A 607 58.20 19.86 3.22
CA TYR A 607 58.90 18.62 2.91
C TYR A 607 58.44 18.15 1.54
N ASN A 608 57.15 17.98 1.40
CA ASN A 608 56.64 17.47 0.16
C ASN A 608 57.08 18.19 -1.14
N SER A 609 57.16 19.50 -1.12
CA SER A 609 57.75 20.21 -2.21
C SER A 609 58.95 19.59 -2.90
N LYS A 610 59.72 18.80 -2.16
CA LYS A 610 61.00 18.25 -2.66
C LYS A 610 61.59 17.44 -1.52
N PRO A 611 61.22 16.13 -1.42
CA PRO A 611 61.67 15.18 -0.39
C PRO A 611 63.16 15.05 -0.38
N THR A 612 63.72 14.88 0.81
CA THR A 612 65.16 15.12 1.05
C THR A 612 65.68 14.00 1.93
N ASN A 613 64.78 13.21 2.47
CA ASN A 613 65.12 11.94 3.04
C ASN A 613 64.61 10.88 2.06
N PRO A 614 65.52 10.09 1.46
CA PRO A 614 65.09 9.03 0.51
C PRO A 614 64.16 8.02 1.20
N ALA A 615 64.23 7.97 2.53
CA ALA A 615 63.34 7.10 3.32
C ALA A 615 61.88 7.33 3.00
N ILE A 616 61.33 8.54 3.26
CA ILE A 616 59.90 8.85 2.99
C ILE A 616 59.83 9.79 1.82
N THR A 617 58.82 9.52 1.02
CA THR A 617 58.58 10.18 -0.24
C THR A 617 57.37 11.15 -0.09
N TYR A 618 56.46 10.86 0.84
CA TYR A 618 55.41 11.80 1.17
C TYR A 618 55.15 11.86 2.70
N ALA A 619 55.89 12.70 3.41
CA ALA A 619 55.75 12.85 4.85
C ALA A 619 54.44 13.50 5.24
N TYR A 620 54.08 13.37 6.54
CA TYR A 620 53.08 14.20 7.20
C TYR A 620 53.64 14.90 8.42
N LYS A 621 52.73 15.45 9.20
CA LYS A 621 53.03 16.43 10.24
C LYS A 621 51.81 16.26 11.15
N GLY A 622 52.06 16.11 12.45
CA GLY A 622 50.97 15.89 13.40
C GLY A 622 50.60 17.16 14.15
N ILE A 623 49.55 17.83 13.68
CA ILE A 623 49.20 19.16 14.20
C ILE A 623 48.05 19.11 15.20
N LYS A 624 47.52 20.28 15.51
CA LYS A 624 46.50 20.46 16.51
C LYS A 624 45.35 21.14 15.82
N ALA A 625 44.13 20.64 16.05
CA ALA A 625 42.91 21.28 15.53
C ALA A 625 41.92 21.55 16.68
N LYS A 626 41.00 22.50 16.50
CA LYS A 626 39.94 22.71 17.48
C LYS A 626 38.56 22.81 16.85
N THR A 627 37.57 22.16 17.48
CA THR A 627 36.18 22.45 17.19
C THR A 627 35.65 23.30 18.31
N LYS A 628 34.89 24.32 17.95
CA LYS A 628 34.12 25.14 18.88
C LYS A 628 32.72 25.18 18.29
N GLY A 629 31.69 24.95 19.10
CA GLY A 629 30.31 24.90 18.61
C GLY A 629 29.28 24.67 19.69
N TYR A 630 28.02 24.71 19.29
CA TYR A 630 26.91 24.48 20.21
C TYR A 630 25.76 23.80 19.50
N GLU A 631 24.81 23.25 20.29
CA GLU A 631 23.81 22.35 19.76
C GLU A 631 22.58 22.38 20.60
N ALA A 632 21.43 22.30 19.96
CA ALA A 632 20.15 22.34 20.67
C ALA A 632 19.27 21.29 20.07
N GLU A 633 18.59 20.52 20.93
CA GLU A 633 17.61 19.57 20.41
C GLU A 633 16.38 19.34 21.24
N ILE A 634 15.41 18.66 20.64
CA ILE A 634 14.13 18.38 21.29
C ILE A 634 13.57 17.07 20.67
N SER A 635 13.01 16.19 21.49
CA SER A 635 12.41 14.96 20.95
C SER A 635 11.29 14.51 21.83
N GLY A 636 10.22 14.01 21.22
CA GLY A 636 9.06 13.55 21.98
C GLY A 636 7.75 14.26 21.74
N GLU A 637 6.92 14.36 22.78
CA GLU A 637 5.52 14.74 22.65
C GLU A 637 5.39 16.26 22.75
N LEU A 638 4.94 16.93 21.71
CA LEU A 638 4.68 18.36 21.89
C LEU A 638 3.31 18.52 22.53
N ALA A 639 2.36 17.74 22.06
CA ALA A 639 1.01 17.62 22.63
C ALA A 639 0.62 16.15 22.37
N PRO A 640 -0.49 15.66 22.99
CA PRO A 640 -0.99 14.29 22.73
C PRO A 640 -0.72 13.67 21.35
N GLY A 641 -1.41 14.03 20.29
CA GLY A 641 -1.02 13.31 19.04
C GLY A 641 0.36 13.57 18.38
N TRP A 642 1.17 14.42 18.98
CA TRP A 642 2.13 15.19 18.23
C TRP A 642 3.52 14.84 18.67
N GLN A 643 4.30 14.28 17.75
CA GLN A 643 5.71 13.95 18.00
C GLN A 643 6.67 14.81 17.20
N VAL A 644 7.83 15.13 17.77
CA VAL A 644 8.89 15.74 16.98
C VAL A 644 10.22 15.25 17.32
N GLN A 645 11.15 15.43 16.39
CA GLN A 645 12.56 15.52 16.69
C GLN A 645 13.22 16.60 15.82
N ALA A 646 14.12 17.37 16.42
CA ALA A 646 14.62 18.59 15.80
C ALA A 646 15.88 18.97 16.51
N GLY A 647 16.78 19.62 15.78
CA GLY A 647 18.02 20.03 16.36
C GLY A 647 18.60 21.21 15.63
N TYR A 648 19.53 21.87 16.30
CA TYR A 648 20.27 22.90 15.67
C TYR A 648 21.70 22.82 16.18
N THR A 649 22.64 22.83 15.23
CA THR A 649 24.04 22.68 15.56
C THR A 649 24.87 23.78 14.91
N HIS A 650 25.69 24.48 15.66
CA HIS A 650 26.63 25.37 15.03
C HIS A 650 28.09 24.83 15.19
N LYS A 651 28.94 24.93 14.16
CA LYS A 651 30.31 24.45 14.31
C LYS A 651 31.30 25.23 13.49
N ILE A 652 32.50 25.40 14.04
CA ILE A 652 33.66 25.78 13.27
C ILE A 652 34.82 24.98 13.81
N ILE A 653 35.56 24.30 12.93
CA ILE A 653 36.81 23.62 13.31
C ILE A 653 38.02 24.18 12.51
N ARG A 654 39.08 24.56 13.19
CA ARG A 654 40.25 25.13 12.50
C ARG A 654 41.43 24.34 12.95
N ASP A 655 42.42 24.19 12.07
CA ASP A 655 43.66 23.50 12.41
C ASP A 655 44.72 24.56 12.76
N ASP A 656 45.96 24.15 12.92
CA ASP A 656 47.02 25.02 13.36
C ASP A 656 47.38 26.07 12.38
N SER A 657 47.14 25.83 11.09
CA SER A 657 47.33 26.92 10.14
C SER A 657 46.42 28.13 10.48
N GLY A 658 45.41 27.88 11.34
CA GLY A 658 44.34 28.80 11.60
C GLY A 658 43.21 28.66 10.60
N LYS A 659 43.41 27.91 9.54
CA LYS A 659 42.40 27.85 8.50
C LYS A 659 41.24 26.91 8.91
N LYS A 660 40.09 27.11 8.30
CA LYS A 660 38.95 26.24 8.53
C LYS A 660 39.17 24.99 7.79
N VAL A 661 38.51 23.97 8.27
CA VAL A 661 38.80 22.63 7.87
C VAL A 661 37.41 21.93 7.94
N SER A 662 37.26 20.72 7.40
CA SER A 662 35.93 20.13 7.24
C SER A 662 34.97 21.16 6.66
N THR A 663 35.41 21.98 5.73
CA THR A 663 34.59 23.08 5.29
C THR A 663 33.43 22.64 4.40
N TRP A 664 33.33 21.33 4.22
CA TRP A 664 32.23 20.79 3.44
C TRP A 664 31.08 20.50 4.37
N GLU A 665 31.35 20.38 5.66
CA GLU A 665 30.30 20.23 6.64
C GLU A 665 29.86 21.66 6.86
N PRO A 666 28.55 21.92 6.88
CA PRO A 666 28.19 23.30 6.98
C PRO A 666 28.46 23.73 8.39
N GLN A 667 28.59 25.04 8.63
CA GLN A 667 28.77 25.58 9.96
C GLN A 667 27.45 25.60 10.75
N ASP A 668 26.34 25.61 10.01
CA ASP A 668 25.06 25.68 10.63
C ASP A 668 24.11 24.71 9.97
N GLN A 669 23.37 24.01 10.82
CA GLN A 669 22.33 23.14 10.35
C GLN A 669 21.18 22.98 11.36
N LEU A 670 20.02 22.61 10.81
CA LEU A 670 18.76 22.57 11.48
C LEU A 670 18.10 21.37 10.96
N SER A 671 17.41 20.63 11.84
CA SER A 671 16.56 19.48 11.48
C SER A 671 15.28 19.55 12.21
N LEU A 672 14.19 19.17 11.52
CA LEU A 672 12.89 19.10 12.19
C LEU A 672 12.02 18.09 11.51
N TYR A 673 11.74 17.03 12.24
CA TYR A 673 10.82 16.04 11.71
C TYR A 673 9.60 15.80 12.62
N THR A 674 8.42 15.82 12.09
CA THR A 674 7.30 15.77 12.97
C THR A 674 6.19 14.88 12.38
N SER A 675 5.37 14.34 13.26
CA SER A 675 4.10 13.76 12.79
C SER A 675 3.02 13.99 13.82
N TYR A 676 1.80 13.83 13.34
CA TYR A 676 0.64 14.16 14.09
C TYR A 676 -0.41 13.11 13.86
N LYS A 677 -0.97 12.58 14.94
CA LYS A 677 -1.91 11.47 14.88
C LYS A 677 -3.24 12.09 15.20
N PHE A 678 -4.17 12.20 14.25
CA PHE A 678 -5.47 12.88 14.54
C PHE A 678 -6.29 12.18 15.62
N LYS A 679 -7.25 12.86 16.23
CA LYS A 679 -8.13 12.14 17.14
C LYS A 679 -9.57 12.23 16.68
N GLY A 680 -10.45 11.39 17.22
CA GLY A 680 -11.86 11.32 16.72
C GLY A 680 -12.05 10.86 15.26
N ALA A 681 -12.95 11.54 14.55
CA ALA A 681 -13.32 11.15 13.18
C ALA A 681 -12.12 10.66 12.34
N LEU A 682 -10.97 11.33 12.48
CA LEU A 682 -9.79 11.01 11.67
C LEU A 682 -8.70 10.22 12.44
N ASP A 683 -9.05 9.49 13.51
CA ASP A 683 -8.00 8.90 14.34
C ASP A 683 -7.15 7.77 13.74
N LYS A 684 -7.43 7.40 12.49
CA LYS A 684 -6.69 6.33 11.84
C LYS A 684 -5.66 6.95 10.91
N LEU A 685 -5.62 8.27 10.82
CA LEU A 685 -4.67 8.99 9.95
C LEU A 685 -3.51 9.71 10.69
N THR A 686 -2.26 9.29 10.49
CA THR A 686 -1.11 10.12 10.86
C THR A 686 -0.58 10.96 9.69
N VAL A 687 -0.27 12.22 9.95
CA VAL A 687 0.34 13.10 8.96
C VAL A 687 1.68 13.59 9.49
N GLY A 688 2.67 13.70 8.63
CA GLY A 688 3.91 14.29 9.07
C GLY A 688 4.69 14.94 7.95
N GLY A 689 5.79 15.57 8.32
CA GLY A 689 6.65 16.08 7.32
C GLY A 689 7.85 16.52 8.06
N GLY A 690 8.88 16.85 7.31
CA GLY A 690 10.05 17.33 7.94
C GLY A 690 10.76 18.25 7.01
N ALA A 691 11.88 18.78 7.50
CA ALA A 691 12.58 19.80 6.79
C ALA A 691 13.97 19.75 7.29
N ARG A 692 14.92 19.85 6.37
CA ARG A 692 16.31 19.80 6.72
C ARG A 692 16.95 21.03 6.03
N TRP A 693 17.61 21.86 6.83
CA TRP A 693 18.24 23.11 6.34
C TRP A 693 19.72 23.16 6.70
N GLN A 694 20.54 23.64 5.78
CA GLN A 694 21.91 23.91 6.15
C GLN A 694 22.49 25.10 5.42
N GLY A 695 23.56 25.63 6.02
CA GLY A 695 24.26 26.78 5.50
C GLY A 695 25.28 26.51 4.41
N LYS A 696 25.83 27.60 3.89
CA LYS A 696 26.90 27.60 2.93
C LYS A 696 27.85 26.51 3.30
N SER A 697 28.32 25.83 2.26
CA SER A 697 29.37 24.81 2.35
C SER A 697 30.23 24.88 1.10
N TRP A 698 31.55 24.73 1.28
CA TRP A 698 32.44 24.82 0.17
C TRP A 698 33.67 23.90 0.18
N GLN A 699 34.35 23.82 -0.98
CA GLN A 699 35.65 23.14 -1.13
C GLN A 699 36.65 23.87 -1.98
N MET A 700 37.91 23.77 -1.59
CA MET A 700 38.99 24.17 -2.46
C MET A 700 39.38 22.98 -3.32
N VAL A 701 39.11 23.03 -4.60
CA VAL A 701 39.68 22.04 -5.49
C VAL A 701 40.61 22.68 -6.52
N TYR A 702 41.66 21.94 -6.88
CA TYR A 702 42.69 22.44 -7.78
C TYR A 702 42.28 22.14 -9.19
N ASN A 703 42.04 23.16 -10.00
CA ASN A 703 41.79 23.00 -11.42
C ASN A 703 43.12 22.76 -12.10
N ASN A 704 43.36 21.51 -12.48
CA ASN A 704 44.68 21.14 -12.91
C ASN A 704 45.08 21.70 -14.32
N PRO A 705 44.17 21.67 -15.31
CA PRO A 705 44.40 22.30 -16.62
C PRO A 705 44.63 23.81 -16.68
N ARG A 706 44.06 24.55 -15.73
CA ARG A 706 44.20 26.01 -15.69
C ARG A 706 45.17 26.40 -14.59
N SER A 707 45.60 25.38 -13.85
CA SER A 707 46.71 25.50 -12.88
C SER A 707 46.49 26.47 -11.72
N ARG A 708 45.30 26.41 -11.13
CA ARG A 708 44.82 27.32 -10.12
C ARG A 708 43.86 26.62 -9.12
N TRP A 709 43.79 27.14 -7.90
CA TRP A 709 42.78 26.74 -6.96
C TRP A 709 41.48 27.47 -7.26
N GLU A 710 40.34 26.81 -7.01
CA GLU A 710 39.00 27.41 -7.15
C GLU A 710 38.21 27.03 -5.91
N LYS A 711 37.44 27.96 -5.36
CA LYS A 711 36.47 27.60 -4.31
C LYS A 711 35.24 27.06 -5.02
N PHE A 712 34.58 26.06 -4.45
CA PHE A 712 33.35 25.55 -5.01
C PHE A 712 32.34 25.71 -3.93
N SER A 713 31.20 26.31 -4.21
CA SER A 713 30.20 26.57 -3.16
C SER A 713 28.88 25.85 -3.40
N GLN A 714 28.35 25.27 -2.34
CA GLN A 714 26.97 24.88 -2.28
C GLN A 714 26.36 25.95 -1.36
N GLU A 715 25.46 26.75 -1.93
CA GLU A 715 24.75 27.77 -1.18
C GLU A 715 23.78 27.08 -0.21
N ASP A 716 23.45 27.68 0.94
CA ASP A 716 22.45 27.10 1.86
C ASP A 716 21.21 26.70 1.11
N TYR A 717 20.64 25.57 1.51
CA TYR A 717 19.40 25.12 0.90
C TYR A 717 18.55 24.41 1.94
N TRP A 718 17.27 24.24 1.60
CA TRP A 718 16.35 23.39 2.34
C TRP A 718 16.08 22.10 1.58
N LEU A 719 15.84 21.04 2.34
CA LEU A 719 15.18 19.85 1.83
C LEU A 719 13.91 19.67 2.65
N VAL A 720 12.76 19.44 1.99
CA VAL A 720 11.47 19.25 2.67
C VAL A 720 10.87 17.85 2.41
N ASP A 721 10.42 17.22 3.50
CA ASP A 721 9.75 15.89 3.51
C ASP A 721 8.30 15.89 3.99
N LEU A 722 7.47 15.06 3.35
CA LEU A 722 6.05 14.89 3.67
C LEU A 722 5.73 13.42 3.74
N MET A 723 4.69 13.09 4.51
CA MET A 723 4.43 11.73 5.02
C MET A 723 2.95 11.66 5.39
N ALA A 724 2.29 10.58 4.98
CA ALA A 724 0.92 10.28 5.43
C ALA A 724 0.80 8.78 5.71
N ARG A 725 0.03 8.39 6.72
CA ARG A 725 -0.33 6.96 6.91
C ARG A 725 -1.78 6.82 7.30
N TYR A 726 -2.41 5.74 6.88
CA TYR A 726 -3.81 5.43 7.24
C TYR A 726 -3.94 3.97 7.69
N GLN A 727 -4.51 3.76 8.87
CA GLN A 727 -4.68 2.44 9.41
C GLN A 727 -6.06 1.97 8.96
N ILE A 728 -6.15 1.52 7.71
CA ILE A 728 -7.42 1.03 7.15
C ILE A 728 -8.11 0.00 8.02
N THR A 729 -7.32 -0.75 8.78
CA THR A 729 -7.76 -1.96 9.45
C THR A 729 -6.93 -2.18 10.70
N ASP A 730 -7.51 -2.82 11.72
CA ASP A 730 -6.73 -3.29 12.88
C ASP A 730 -5.32 -3.80 12.44
N LYS A 731 -5.20 -4.31 11.22
CA LYS A 731 -4.07 -5.16 10.80
C LYS A 731 -3.41 -4.76 9.45
N LEU A 732 -3.96 -3.74 8.82
CA LEU A 732 -3.42 -3.29 7.58
C LEU A 732 -3.41 -1.78 7.49
N SER A 733 -2.24 -1.22 7.21
CA SER A 733 -2.12 0.20 6.97
C SER A 733 -1.41 0.49 5.65
N ALA A 734 -1.65 1.69 5.08
CA ALA A 734 -0.95 2.17 3.89
C ALA A 734 -0.30 3.54 4.13
N SER A 735 0.80 3.77 3.44
CA SER A 735 1.67 4.91 3.71
C SER A 735 2.20 5.51 2.42
N VAL A 736 2.38 6.83 2.46
CA VAL A 736 3.01 7.58 1.42
C VAL A 736 4.09 8.44 2.05
N ASN A 737 5.26 8.40 1.42
CA ASN A 737 6.37 9.27 1.70
C ASN A 737 6.79 10.06 0.44
N VAL A 738 6.76 11.38 0.49
CA VAL A 738 7.38 12.18 -0.55
C VAL A 738 8.63 12.85 0.03
N ASN A 739 9.75 12.74 -0.69
CA ASN A 739 11.05 13.26 -0.23
C ASN A 739 11.62 14.26 -1.16
N ASN A 740 12.23 15.30 -0.60
CA ASN A 740 12.63 16.45 -1.41
C ASN A 740 11.44 16.97 -2.22
N VAL A 741 10.43 17.41 -1.48
CA VAL A 741 9.21 17.93 -2.06
C VAL A 741 9.44 18.98 -3.18
N PHE A 742 10.31 19.99 -2.92
CA PHE A 742 10.49 21.09 -3.93
C PHE A 742 11.61 20.75 -4.92
N ASP A 743 11.83 19.45 -5.08
CA ASP A 743 12.87 18.88 -5.95
C ASP A 743 14.11 19.71 -5.97
N LYS A 744 14.59 20.14 -4.80
CA LYS A 744 15.80 20.97 -4.78
C LYS A 744 16.96 20.26 -5.47
N THR A 745 17.74 20.91 -6.31
CA THR A 745 18.92 20.19 -6.73
C THR A 745 20.14 20.71 -5.96
N TYR A 746 20.92 19.84 -5.38
CA TYR A 746 22.09 20.27 -4.63
C TYR A 746 23.14 19.19 -4.71
N TYR A 747 24.31 19.49 -4.14
CA TYR A 747 25.48 18.63 -4.24
C TYR A 747 25.71 17.88 -2.96
N THR A 748 25.94 16.56 -3.07
CA THR A 748 26.31 15.82 -1.85
C THR A 748 27.79 15.64 -1.70
N ASN A 749 28.52 15.97 -2.76
CA ASN A 749 29.97 15.92 -2.79
C ASN A 749 30.45 16.84 -3.85
N ILE A 750 31.31 17.78 -3.44
CA ILE A 750 32.11 18.53 -4.42
C ILE A 750 33.54 18.49 -3.98
N GLY A 751 34.42 17.88 -4.79
CA GLY A 751 35.86 17.93 -4.45
C GLY A 751 36.58 16.64 -4.23
N PHE A 752 35.82 15.58 -3.92
CA PHE A 752 36.40 14.25 -3.68
C PHE A 752 37.06 13.70 -4.96
N TYR A 753 38.40 13.66 -4.97
CA TYR A 753 39.11 13.33 -6.19
C TYR A 753 38.58 14.13 -7.40
N THR A 754 38.35 15.41 -7.15
CA THR A 754 37.94 16.34 -8.18
C THR A 754 36.66 15.92 -8.87
N SER A 755 35.66 15.62 -8.07
CA SER A 755 34.42 15.15 -8.65
C SER A 755 33.19 15.71 -7.87
N ALA A 756 32.02 15.23 -8.26
CA ALA A 756 30.77 15.72 -7.73
C ALA A 756 29.72 14.66 -7.75
N SER A 757 29.03 14.56 -6.63
CA SER A 757 27.84 13.77 -6.55
C SER A 757 26.57 14.66 -6.37
N TYR A 758 25.45 14.27 -6.96
CA TYR A 758 24.17 14.98 -6.68
C TYR A 758 23.36 14.40 -5.51
N GLY A 759 22.65 15.24 -4.78
CA GLY A 759 21.62 14.73 -3.85
C GLY A 759 20.37 14.13 -4.48
N ASP A 760 19.66 13.26 -3.77
CA ASP A 760 18.44 12.71 -4.36
C ASP A 760 17.45 13.77 -4.79
N PRO A 761 16.96 13.70 -6.03
CA PRO A 761 15.76 14.44 -6.43
C PRO A 761 14.46 13.98 -5.77
N ARG A 762 13.39 14.73 -5.97
CA ARG A 762 12.09 14.36 -5.43
C ARG A 762 11.91 12.89 -5.67
N ASN A 763 11.52 12.15 -4.65
CA ASN A 763 11.19 10.75 -4.82
C ASN A 763 10.04 10.33 -3.87
N LEU A 764 9.19 9.41 -4.32
CA LEU A 764 8.12 8.95 -3.46
C LEU A 764 8.33 7.51 -3.01
N MET A 765 7.60 7.09 -1.99
CA MET A 765 7.52 5.71 -1.60
C MET A 765 6.13 5.33 -1.10
N PHE A 766 5.55 4.29 -1.69
CA PHE A 766 4.28 3.78 -1.26
C PHE A 766 4.54 2.47 -0.61
N SER A 767 3.90 2.21 0.52
CA SER A 767 4.08 0.93 1.19
C SER A 767 2.83 0.51 1.91
N THR A 768 2.69 -0.77 2.18
CA THR A 768 1.63 -1.27 3.01
C THR A 768 2.33 -2.03 4.09
N ARG A 769 1.63 -2.30 5.18
CA ARG A 769 2.20 -3.01 6.30
C ARG A 769 1.12 -3.80 6.95
N TRP A 770 1.34 -5.10 7.11
CA TRP A 770 0.32 -6.05 7.60
C TRP A 770 0.75 -6.73 8.90
N ASP A 771 0.18 -6.31 10.04
CA ASP A 771 0.46 -6.95 11.36
C ASP A 771 -0.39 -8.22 11.63
N PHE A 772 0.25 -9.39 11.83
CA PHE A 772 -0.48 -10.56 12.30
C PHE A 772 -0.79 -10.31 13.75
N GLN B 1 7.50 6.77 -29.28
CA GLN B 1 8.80 6.92 -28.56
C GLN B 1 9.78 5.76 -28.84
N GLU B 2 11.04 5.93 -28.41
CA GLU B 2 12.16 5.01 -28.70
C GLU B 2 12.19 3.80 -27.73
N VAL B 3 12.96 2.77 -28.07
CA VAL B 3 13.15 1.59 -27.21
C VAL B 3 14.53 0.96 -27.46
N GLU B 4 15.13 0.43 -26.38
CA GLU B 4 16.47 -0.18 -26.37
C GLU B 4 16.45 -1.63 -26.85
N PHE B 5 17.33 -2.04 -27.77
CA PHE B 5 17.28 -3.40 -28.42
C PHE B 5 18.58 -4.21 -28.39
N ASP B 6 18.47 -5.53 -28.63
CA ASP B 6 19.64 -6.41 -28.88
C ASP B 6 19.29 -7.84 -29.30
N ILE B 7 19.07 -8.04 -30.58
CA ILE B 7 18.65 -9.36 -31.04
C ILE B 7 19.57 -9.93 -32.15
N PRO B 8 20.65 -10.60 -31.72
CA PRO B 8 21.70 -11.02 -32.65
C PRO B 8 21.10 -11.96 -33.67
N PRO B 9 21.73 -12.09 -34.88
CA PRO B 9 21.27 -12.95 -36.01
C PRO B 9 21.01 -14.41 -35.59
N GLN B 10 19.75 -14.73 -35.32
CA GLN B 10 19.36 -16.05 -34.80
C GLN B 10 18.19 -16.64 -35.59
N ALA B 11 17.73 -17.83 -35.16
CA ALA B 11 16.53 -18.45 -35.73
C ALA B 11 15.35 -17.50 -35.58
N LEU B 12 14.60 -17.33 -36.67
CA LEU B 12 13.52 -16.35 -36.73
C LEU B 12 12.53 -16.44 -35.56
N GLY B 13 12.25 -17.66 -35.09
CA GLY B 13 11.36 -17.91 -33.95
C GLY B 13 11.82 -17.30 -32.64
N SER B 14 13.02 -17.71 -32.15
CA SER B 14 13.58 -17.25 -30.86
C SER B 14 13.75 -15.72 -30.82
N ALA B 15 14.24 -15.20 -31.94
CA ALA B 15 14.26 -13.77 -32.26
C ALA B 15 12.91 -13.08 -32.04
N LEU B 16 11.88 -13.57 -32.74
CA LEU B 16 10.51 -13.04 -32.61
C LEU B 16 10.04 -13.10 -31.14
N GLN B 17 10.53 -14.08 -30.38
CA GLN B 17 10.17 -14.14 -28.98
C GLN B 17 10.98 -13.23 -28.05
N GLU B 18 12.24 -12.97 -28.38
CA GLU B 18 13.00 -11.93 -27.66
C GLU B 18 12.56 -10.49 -28.02
N PHE B 19 11.98 -10.30 -29.20
CA PHE B 19 11.26 -9.06 -29.47
C PHE B 19 10.06 -8.90 -28.57
N GLY B 20 9.44 -10.02 -28.17
CA GLY B 20 8.31 -9.99 -27.24
C GLY B 20 8.75 -9.33 -25.94
N ARG B 21 9.75 -9.94 -25.29
CA ARG B 21 10.35 -9.43 -24.05
C ARG B 21 10.84 -8.00 -24.21
N GLN B 22 11.87 -7.81 -25.05
CA GLN B 22 12.66 -6.56 -25.13
C GLN B 22 11.86 -5.32 -25.48
N ALA B 23 10.61 -5.50 -25.88
CA ALA B 23 9.74 -4.38 -26.23
C ALA B 23 8.43 -4.35 -25.44
N ASP B 24 8.08 -5.46 -24.78
CA ASP B 24 6.86 -5.53 -23.98
C ASP B 24 5.63 -5.33 -24.88
N ILE B 25 5.85 -5.52 -26.18
CA ILE B 25 4.79 -5.69 -27.18
C ILE B 25 4.73 -7.19 -27.56
N GLN B 26 3.51 -7.76 -27.62
CA GLN B 26 3.27 -9.19 -27.96
C GLN B 26 3.38 -9.50 -29.47
N VAL B 27 4.15 -10.54 -29.82
CA VAL B 27 4.37 -10.96 -31.24
C VAL B 27 3.65 -12.28 -31.65
N LEU B 28 2.92 -12.24 -32.78
CA LEU B 28 2.18 -13.39 -33.31
C LEU B 28 2.77 -13.94 -34.62
N TYR B 29 3.00 -15.24 -34.67
CA TYR B 29 3.54 -15.92 -35.85
C TYR B 29 3.06 -17.38 -35.88
N ARG B 30 3.18 -18.03 -37.04
CA ARG B 30 2.89 -19.44 -37.16
C ARG B 30 4.25 -20.14 -37.14
N PRO B 31 4.50 -21.08 -36.17
CA PRO B 31 5.83 -21.74 -36.10
C PRO B 31 6.22 -22.44 -37.38
N GLU B 32 5.22 -22.94 -38.13
CA GLU B 32 5.43 -23.52 -39.47
C GLU B 32 6.07 -22.54 -40.48
N GLU B 33 5.48 -21.36 -40.65
CA GLU B 33 5.97 -20.40 -41.64
C GLU B 33 7.35 -19.79 -41.35
N VAL B 34 7.68 -19.63 -40.07
CA VAL B 34 8.93 -18.96 -39.66
C VAL B 34 10.08 -19.93 -39.29
N ARG B 35 9.80 -21.24 -39.34
CA ARG B 35 10.65 -22.25 -38.70
C ARG B 35 12.08 -22.31 -39.19
N ASN B 36 12.33 -21.95 -40.45
CA ASN B 36 13.71 -22.07 -40.97
C ASN B 36 14.14 -20.78 -41.59
N LYS B 37 14.12 -19.71 -40.81
CA LYS B 37 14.48 -18.40 -41.31
C LYS B 37 15.50 -17.88 -40.34
N ARG B 38 16.32 -16.94 -40.81
CA ARG B 38 17.33 -16.28 -40.00
C ARG B 38 16.85 -14.85 -39.74
N SER B 39 16.90 -14.38 -38.49
CA SER B 39 16.66 -12.97 -38.22
C SER B 39 17.93 -12.17 -38.60
N SER B 40 17.83 -10.84 -38.71
CA SER B 40 19.05 -10.03 -38.88
C SER B 40 19.36 -9.15 -37.67
N ALA B 41 20.65 -8.86 -37.49
CA ALA B 41 21.12 -8.12 -36.33
C ALA B 41 20.38 -6.80 -36.19
N ILE B 42 19.64 -6.66 -35.09
CA ILE B 42 19.26 -5.34 -34.60
C ILE B 42 19.89 -5.10 -33.20
N LYS B 43 20.35 -3.87 -32.99
CA LYS B 43 21.10 -3.47 -31.79
C LYS B 43 21.13 -1.94 -31.64
N GLY B 44 21.32 -1.49 -30.41
CA GLY B 44 21.21 -0.08 -30.05
C GLY B 44 19.76 0.39 -29.98
N LYS B 45 19.62 1.71 -29.87
CA LYS B 45 18.35 2.42 -29.72
C LYS B 45 17.65 2.51 -31.07
N LEU B 46 16.55 1.78 -31.27
CA LEU B 46 15.77 1.95 -32.50
C LEU B 46 14.32 2.32 -32.24
N GLU B 47 13.70 2.89 -33.28
CA GLU B 47 12.23 2.98 -33.38
C GLU B 47 11.69 1.52 -33.35
N PRO B 48 10.74 1.24 -32.42
CA PRO B 48 10.14 -0.12 -32.21
C PRO B 48 9.46 -0.77 -33.45
N ASN B 49 9.12 0.04 -34.45
CA ASN B 49 8.68 -0.45 -35.76
C ASN B 49 9.86 -0.54 -36.74
N GLN B 50 10.80 0.41 -36.68
CA GLN B 50 12.02 0.30 -37.47
C GLN B 50 12.82 -0.98 -37.11
N ALA B 51 12.56 -1.53 -35.92
CA ALA B 51 13.27 -2.72 -35.40
C ALA B 51 12.75 -4.07 -35.95
N ILE B 52 11.45 -4.35 -35.73
CA ILE B 52 10.79 -5.57 -36.27
C ILE B 52 10.97 -5.64 -37.78
N THR B 53 10.98 -4.46 -38.39
CA THR B 53 11.17 -4.34 -39.79
C THR B 53 12.55 -4.77 -40.18
N GLU B 54 13.53 -4.42 -39.35
CA GLU B 54 14.94 -4.72 -39.65
C GLU B 54 15.46 -6.06 -39.11
N LEU B 55 14.85 -6.56 -38.03
CA LEU B 55 15.08 -7.91 -37.51
C LEU B 55 14.69 -8.97 -38.54
N LEU B 56 13.77 -8.59 -39.42
CA LEU B 56 13.20 -9.49 -40.43
C LEU B 56 13.78 -9.35 -41.83
N ARG B 57 14.75 -8.44 -42.05
CA ARG B 57 15.24 -8.13 -43.42
C ARG B 57 15.85 -9.42 -44.03
N GLY B 58 15.45 -9.76 -45.27
CA GLY B 58 15.80 -11.04 -45.87
C GLY B 58 15.01 -12.30 -45.49
N THR B 59 14.04 -12.22 -44.56
CA THR B 59 13.19 -13.39 -44.21
C THR B 59 12.00 -13.62 -45.17
N GLY B 60 11.70 -12.63 -46.03
CA GLY B 60 10.57 -12.66 -46.95
C GLY B 60 9.23 -12.42 -46.27
N ALA B 61 9.31 -11.82 -45.08
CA ALA B 61 8.19 -11.73 -44.15
C ALA B 61 7.82 -10.28 -43.90
N SER B 62 6.51 -10.02 -43.84
CA SER B 62 5.98 -8.69 -43.57
C SER B 62 5.27 -8.62 -42.21
N VAL B 63 5.14 -7.40 -41.67
CA VAL B 63 4.68 -7.18 -40.29
C VAL B 63 3.43 -6.31 -40.17
N ASP B 64 2.27 -6.97 -40.10
CA ASP B 64 1.01 -6.30 -39.78
C ASP B 64 0.89 -5.81 -38.32
N PHE B 65 0.79 -4.49 -38.15
CA PHE B 65 0.58 -3.89 -36.83
C PHE B 65 -0.91 -3.72 -36.52
N GLN B 66 -1.69 -4.80 -36.57
CA GLN B 66 -3.11 -4.70 -36.22
C GLN B 66 -3.43 -5.37 -34.85
N GLY B 67 -4.47 -4.88 -34.17
CA GLY B 67 -4.79 -5.25 -32.78
C GLY B 67 -3.82 -4.55 -31.84
N ASN B 68 -3.42 -5.23 -30.76
CA ASN B 68 -2.31 -4.75 -29.90
C ASN B 68 -1.08 -5.66 -29.98
N ALA B 69 -1.12 -6.61 -30.91
CA ALA B 69 0.01 -7.50 -31.21
C ALA B 69 0.48 -7.33 -32.65
N ILE B 70 1.78 -7.25 -32.83
CA ILE B 70 2.34 -7.28 -34.18
C ILE B 70 2.19 -8.72 -34.75
N THR B 71 1.67 -8.87 -35.96
CA THR B 71 1.62 -10.20 -36.61
C THR B 71 2.64 -10.32 -37.75
N ILE B 72 3.27 -11.50 -37.83
CA ILE B 72 4.30 -11.79 -38.82
C ILE B 72 3.83 -12.89 -39.79
N SER B 73 3.49 -12.51 -41.03
CA SER B 73 3.15 -13.48 -42.10
C SER B 73 4.21 -13.58 -43.23
N VAL B 74 4.01 -14.52 -44.16
CA VAL B 74 5.01 -14.80 -45.20
C VAL B 74 4.61 -14.36 -46.64
N GLN B 93 -18.85 -7.72 -32.15
CA GLN B 93 -20.30 -7.93 -32.24
C GLN B 93 -21.14 -7.18 -31.18
N LEU B 94 -20.62 -7.15 -29.96
CA LEU B 94 -21.28 -6.47 -28.83
C LEU B 94 -20.80 -5.02 -28.64
N GLY B 95 -20.15 -4.49 -29.70
CA GLY B 95 -19.66 -3.09 -29.76
C GLY B 95 -18.16 -3.00 -30.03
N THR B 96 -17.55 -1.85 -29.68
CA THR B 96 -16.09 -1.75 -29.54
C THR B 96 -15.75 -1.61 -28.05
N ILE B 97 -15.02 -2.61 -27.55
CA ILE B 97 -14.49 -2.75 -26.16
C ILE B 97 -13.99 -1.42 -25.57
N THR B 98 -14.21 -1.22 -24.27
CA THR B 98 -13.93 0.07 -23.61
C THR B 98 -12.61 -0.01 -22.83
N GLU B 99 -12.26 -1.21 -22.40
CA GLU B 99 -10.98 -1.51 -21.73
C GLU B 99 -9.78 -1.10 -22.59
N ASP B 100 -8.77 -0.52 -21.95
CA ASP B 100 -7.51 -0.11 -22.65
C ASP B 100 -7.60 1.20 -23.47
N SER B 101 -8.80 1.49 -23.96
CA SER B 101 -9.07 2.74 -24.67
C SER B 101 -8.99 3.93 -23.72
N GLY B 102 -9.07 3.69 -22.41
CA GLY B 102 -9.02 4.75 -21.41
C GLY B 102 -10.23 5.71 -21.31
N SER B 103 -11.23 5.56 -22.22
CA SER B 103 -12.41 6.44 -22.26
C SER B 103 -13.54 6.12 -21.29
N TYR B 104 -14.34 7.14 -21.01
CA TYR B 104 -15.55 7.01 -20.21
C TYR B 104 -16.82 6.92 -21.04
N THR B 105 -16.68 6.86 -22.35
CA THR B 105 -17.82 6.74 -23.26
C THR B 105 -17.66 5.54 -24.22
N PRO B 106 -18.76 4.90 -24.58
CA PRO B 106 -18.69 3.76 -25.49
C PRO B 106 -18.17 4.10 -26.85
N GLY B 107 -17.69 3.09 -27.55
CA GLY B 107 -17.37 3.26 -28.96
C GLY B 107 -18.67 3.05 -29.72
N THR B 108 -19.18 1.82 -29.63
CA THR B 108 -20.42 1.46 -30.29
C THR B 108 -21.25 0.63 -29.31
N ILE B 109 -22.56 0.58 -29.51
CA ILE B 109 -23.41 -0.33 -28.76
C ILE B 109 -24.24 -1.11 -29.76
N ALA B 110 -24.53 -2.36 -29.43
CA ALA B 110 -25.33 -3.15 -30.34
C ALA B 110 -26.50 -3.77 -29.61
N THR B 111 -26.87 -3.20 -28.47
CA THR B 111 -27.88 -3.83 -27.63
C THR B 111 -29.27 -3.26 -27.85
N ALA B 112 -29.36 -2.16 -28.58
CA ALA B 112 -30.63 -1.62 -28.99
C ALA B 112 -31.29 -2.58 -29.98
N THR B 113 -30.62 -2.85 -31.09
CA THR B 113 -31.21 -3.66 -32.14
C THR B 113 -30.31 -4.78 -32.68
N ARG B 114 -29.30 -5.18 -31.94
CA ARG B 114 -28.27 -6.09 -32.49
C ARG B 114 -27.40 -5.42 -33.56
N LEU B 115 -27.83 -4.29 -34.11
CA LEU B 115 -26.98 -3.53 -35.02
C LEU B 115 -25.92 -2.80 -34.21
N VAL B 116 -24.70 -2.85 -34.72
CA VAL B 116 -23.54 -2.15 -34.18
C VAL B 116 -23.58 -0.68 -34.62
N LEU B 117 -24.07 0.18 -33.72
CA LEU B 117 -24.16 1.62 -33.98
C LEU B 117 -23.45 2.40 -32.85
N THR B 118 -23.04 3.62 -33.16
CA THR B 118 -22.55 4.57 -32.16
C THR B 118 -23.75 5.06 -31.39
N PRO B 119 -23.54 5.68 -30.21
CA PRO B 119 -24.68 6.25 -29.47
C PRO B 119 -25.53 7.20 -30.34
N ARG B 120 -24.88 8.00 -31.17
CA ARG B 120 -25.56 9.00 -31.98
C ARG B 120 -26.53 8.34 -32.95
N GLU B 121 -26.13 7.24 -33.55
CA GLU B 121 -27.03 6.54 -34.44
C GLU B 121 -28.09 5.71 -33.67
N THR B 122 -27.89 5.42 -32.39
CA THR B 122 -28.89 4.70 -31.63
C THR B 122 -30.01 5.69 -31.20
N PRO B 123 -31.30 5.45 -31.64
CA PRO B 123 -32.41 6.38 -31.46
C PRO B 123 -33.14 6.14 -30.16
N GLN B 124 -32.35 5.98 -29.10
CA GLN B 124 -32.81 5.43 -27.84
C GLN B 124 -31.85 5.89 -26.76
N SER B 125 -32.38 6.21 -25.60
CA SER B 125 -31.59 6.51 -24.39
C SER B 125 -30.72 5.32 -23.98
N ILE B 126 -29.40 5.47 -24.05
CA ILE B 126 -28.56 4.35 -23.64
C ILE B 126 -27.41 4.89 -22.79
N THR B 127 -27.09 4.24 -21.69
CA THR B 127 -26.01 4.76 -20.84
C THR B 127 -25.04 3.64 -20.56
N VAL B 128 -23.73 3.90 -20.73
CA VAL B 128 -22.73 2.89 -20.38
C VAL B 128 -21.74 3.28 -19.28
N VAL B 129 -21.39 2.35 -18.39
CA VAL B 129 -20.25 2.52 -17.50
C VAL B 129 -19.10 1.73 -18.12
N THR B 130 -18.06 2.42 -18.56
CA THR B 130 -16.91 1.80 -19.20
C THR B 130 -15.95 1.24 -18.18
N ARG B 131 -15.20 0.25 -18.64
CA ARG B 131 -14.18 -0.40 -17.84
C ARG B 131 -13.24 0.57 -17.11
N GLN B 132 -12.84 1.61 -17.79
CA GLN B 132 -11.95 2.59 -17.20
C GLN B 132 -12.62 3.31 -16.06
N ASN B 133 -13.89 3.62 -16.21
CA ASN B 133 -14.63 4.23 -15.12
C ASN B 133 -14.70 3.31 -13.88
N MET B 134 -15.17 2.10 -14.13
CA MET B 134 -15.14 0.99 -13.18
C MET B 134 -13.82 0.95 -12.37
N ASP B 135 -12.69 1.09 -13.07
CA ASP B 135 -11.37 0.99 -12.44
C ASP B 135 -11.06 2.19 -11.56
N ASP B 136 -11.00 3.38 -12.17
CA ASP B 136 -10.78 4.67 -11.52
C ASP B 136 -11.59 4.84 -10.24
N PHE B 137 -12.77 4.25 -10.18
CA PHE B 137 -13.62 4.45 -9.04
C PHE B 137 -13.81 3.19 -8.19
N GLY B 138 -13.12 2.11 -8.56
CA GLY B 138 -13.24 0.84 -7.85
C GLY B 138 -14.68 0.41 -7.69
N LEU B 139 -15.46 0.51 -8.77
CA LEU B 139 -16.82 -0.07 -8.79
C LEU B 139 -16.60 -1.56 -8.91
N ASN B 140 -16.82 -2.27 -7.84
CA ASN B 140 -16.40 -3.65 -7.86
C ASN B 140 -17.54 -4.65 -8.06
N ASN B 141 -18.77 -4.24 -7.82
CA ASN B 141 -19.91 -5.06 -8.23
C ASN B 141 -21.02 -4.21 -8.79
N ILE B 142 -22.07 -4.88 -9.23
CA ILE B 142 -23.10 -4.21 -9.99
C ILE B 142 -23.85 -3.16 -9.16
N ASP B 143 -24.08 -3.43 -7.87
CA ASP B 143 -24.59 -2.41 -6.96
C ASP B 143 -23.74 -1.14 -7.12
N ASP B 144 -22.45 -1.28 -6.86
CA ASP B 144 -21.47 -0.19 -7.07
C ASP B 144 -21.63 0.54 -8.37
N VAL B 145 -21.76 -0.20 -9.46
CA VAL B 145 -21.80 0.40 -10.76
C VAL B 145 -23.08 1.19 -10.81
N MET B 146 -24.17 0.63 -10.30
CA MET B 146 -25.46 1.30 -10.39
C MET B 146 -25.43 2.63 -9.66
N ARG B 147 -24.89 2.65 -8.45
CA ARG B 147 -24.69 3.91 -7.73
C ARG B 147 -23.95 5.01 -8.58
N HIS B 148 -23.09 4.61 -9.51
CA HIS B 148 -22.44 5.63 -10.32
C HIS B 148 -23.04 5.77 -11.69
N THR B 149 -24.26 5.26 -11.91
CA THR B 149 -24.84 5.38 -13.24
C THR B 149 -25.85 6.52 -13.25
N PRO B 150 -25.67 7.48 -14.14
CA PRO B 150 -26.63 8.59 -14.31
C PRO B 150 -28.02 8.02 -14.63
N GLY B 151 -29.06 8.45 -13.91
CA GLY B 151 -30.44 8.00 -14.13
C GLY B 151 -30.89 6.86 -13.24
N ILE B 152 -29.98 6.24 -12.51
CA ILE B 152 -30.33 5.13 -11.66
C ILE B 152 -30.41 5.50 -10.14
N THR B 153 -31.36 4.91 -9.43
CA THR B 153 -31.41 5.17 -8.00
C THR B 153 -31.36 3.83 -7.35
N VAL B 154 -30.48 3.70 -6.38
CA VAL B 154 -30.32 2.45 -5.75
C VAL B 154 -30.93 2.55 -4.36
N SER B 155 -31.88 1.67 -4.06
CA SER B 155 -32.48 1.62 -2.71
C SER B 155 -32.28 0.26 -2.13
N ALA B 156 -32.37 0.17 -0.80
CA ALA B 156 -32.15 -1.09 -0.07
C ALA B 156 -33.43 -1.88 0.18
N TYR B 157 -33.35 -3.21 0.10
CA TYR B 157 -34.31 -4.01 0.85
C TYR B 157 -33.72 -4.50 2.19
N ASP B 158 -32.52 -5.05 2.15
CA ASP B 158 -31.79 -5.48 3.33
C ASP B 158 -30.37 -5.82 2.90
N THR B 159 -29.50 -6.07 3.87
CA THR B 159 -28.07 -6.20 3.61
C THR B 159 -27.75 -6.97 2.35
N ASP B 160 -28.59 -7.88 1.87
CA ASP B 160 -28.11 -8.62 0.70
C ASP B 160 -29.00 -8.52 -0.56
N ARG B 161 -29.76 -7.43 -0.65
CA ARG B 161 -30.69 -7.24 -1.74
C ARG B 161 -30.87 -5.75 -1.95
N ASN B 162 -30.77 -5.30 -3.19
CA ASN B 162 -31.11 -3.93 -3.50
C ASN B 162 -32.08 -3.83 -4.68
N ASN B 163 -32.58 -2.62 -4.87
CA ASN B 163 -33.52 -2.29 -5.88
C ASN B 163 -32.89 -1.24 -6.77
N TYR B 164 -33.26 -1.18 -8.04
CA TYR B 164 -32.72 -0.14 -8.87
C TYR B 164 -33.87 0.49 -9.57
N TYR B 165 -33.97 1.80 -9.50
CA TYR B 165 -35.05 2.49 -10.20
C TYR B 165 -34.56 3.16 -11.50
N ALA B 166 -35.42 3.08 -12.53
CA ALA B 166 -35.28 3.93 -13.69
C ALA B 166 -36.60 4.44 -14.21
N ARG B 167 -36.74 5.77 -14.30
CA ARG B 167 -37.91 6.37 -14.91
C ARG B 167 -39.17 5.87 -14.24
N GLY B 168 -39.12 5.65 -12.92
CA GLY B 168 -40.30 5.31 -12.13
C GLY B 168 -40.57 3.83 -12.07
N PHE B 169 -39.69 3.06 -12.71
CA PHE B 169 -39.77 1.60 -12.66
C PHE B 169 -38.63 0.93 -11.89
N SER B 170 -38.95 -0.11 -11.13
CA SER B 170 -37.91 -1.02 -10.65
C SER B 170 -37.27 -1.74 -11.81
N ILE B 171 -35.97 -1.57 -12.00
CA ILE B 171 -35.31 -2.36 -13.02
C ILE B 171 -35.42 -3.83 -12.58
N ASN B 172 -35.95 -4.64 -13.47
CA ASN B 172 -35.95 -6.09 -13.24
C ASN B 172 -35.63 -6.92 -14.51
N ASN B 173 -34.82 -6.39 -15.43
CA ASN B 173 -34.34 -7.12 -16.59
C ASN B 173 -32.79 -7.14 -16.70
N PHE B 174 -32.17 -8.25 -16.30
CA PHE B 174 -30.73 -8.35 -16.38
C PHE B 174 -30.30 -9.15 -17.63
N GLN B 175 -29.18 -8.80 -18.23
CA GLN B 175 -28.71 -9.47 -19.43
C GLN B 175 -27.21 -9.74 -19.30
N TYR B 176 -26.80 -10.96 -19.64
CA TYR B 176 -25.39 -11.27 -19.69
C TYR B 176 -25.01 -11.61 -21.10
N ASP B 177 -24.19 -10.77 -21.72
CA ASP B 177 -23.90 -10.80 -23.15
C ASP B 177 -25.16 -11.08 -23.94
N GLY B 178 -26.13 -10.19 -23.85
CA GLY B 178 -27.34 -10.31 -24.63
C GLY B 178 -28.39 -11.18 -23.97
N ILE B 179 -27.97 -12.22 -23.26
CA ILE B 179 -28.87 -13.25 -22.76
C ILE B 179 -29.63 -12.78 -21.53
N PRO B 180 -30.97 -12.78 -21.60
CA PRO B 180 -31.82 -12.25 -20.50
C PRO B 180 -32.04 -13.30 -19.39
N SER B 181 -31.75 -12.94 -18.16
CA SER B 181 -31.84 -13.83 -17.00
C SER B 181 -33.30 -14.06 -16.72
N THR B 182 -33.62 -15.23 -16.20
CA THR B 182 -35.01 -15.52 -15.88
C THR B 182 -35.17 -15.78 -14.40
N ALA B 183 -34.24 -15.26 -13.59
CA ALA B 183 -34.38 -15.28 -12.12
C ALA B 183 -34.87 -13.91 -11.62
N ARG B 184 -36.16 -13.69 -11.76
CA ARG B 184 -36.71 -12.34 -11.66
C ARG B 184 -37.54 -12.02 -10.41
N ASN B 185 -37.54 -12.90 -9.42
CA ASN B 185 -38.24 -12.65 -8.17
C ASN B 185 -37.31 -12.39 -6.94
N VAL B 186 -37.11 -11.10 -6.61
CA VAL B 186 -36.12 -10.67 -5.57
C VAL B 186 -36.47 -11.14 -4.16
N GLY B 187 -37.67 -11.71 -4.07
CA GLY B 187 -38.10 -12.40 -2.87
C GLY B 187 -37.26 -13.64 -2.68
N TYR B 188 -36.74 -14.16 -3.79
CA TYR B 188 -35.77 -15.23 -3.76
C TYR B 188 -34.53 -14.83 -4.53
N SER B 189 -33.98 -13.66 -4.19
CA SER B 189 -32.69 -13.17 -4.72
C SER B 189 -31.68 -14.25 -4.89
N ALA B 190 -31.19 -14.37 -6.12
CA ALA B 190 -30.18 -15.31 -6.47
C ALA B 190 -29.08 -14.58 -7.25
N GLY B 191 -28.52 -13.56 -6.62
CA GLY B 191 -27.29 -12.96 -7.11
C GLY B 191 -27.28 -11.95 -8.24
N ASN B 192 -28.44 -11.66 -8.83
CA ASN B 192 -28.47 -10.71 -9.96
C ASN B 192 -27.99 -9.33 -9.59
N THR B 193 -28.10 -9.06 -8.31
CA THR B 193 -27.93 -7.78 -7.74
C THR B 193 -26.48 -7.71 -7.20
N LEU B 194 -25.75 -8.83 -7.33
CA LEU B 194 -24.46 -8.95 -6.65
C LEU B 194 -23.24 -9.18 -7.54
N SER B 195 -23.45 -9.35 -8.85
CA SER B 195 -22.42 -9.59 -9.85
C SER B 195 -21.21 -8.72 -9.67
N ASP B 196 -20.06 -9.41 -9.68
CA ASP B 196 -18.76 -8.81 -9.49
C ASP B 196 -18.22 -8.34 -10.78
N MET B 197 -17.61 -7.16 -10.78
CA MET B 197 -17.18 -6.49 -11.99
C MET B 197 -15.91 -7.12 -12.51
N ALA B 198 -15.34 -8.03 -11.75
CA ALA B 198 -14.05 -8.58 -12.17
C ALA B 198 -14.12 -9.23 -13.55
N ILE B 199 -15.30 -9.67 -13.98
CA ILE B 199 -15.36 -10.34 -15.28
C ILE B 199 -15.90 -9.50 -16.49
N TYR B 200 -16.34 -8.27 -16.26
CA TYR B 200 -17.06 -7.60 -17.32
C TYR B 200 -16.28 -6.43 -17.78
N ASP B 201 -16.58 -6.01 -19.01
CA ASP B 201 -15.89 -4.92 -19.63
C ASP B 201 -16.76 -3.67 -19.61
N ARG B 202 -18.07 -3.85 -19.64
CA ARG B 202 -18.91 -2.69 -19.45
C ARG B 202 -20.30 -3.07 -19.03
N VAL B 203 -20.95 -2.15 -18.32
CA VAL B 203 -22.34 -2.33 -18.07
C VAL B 203 -23.07 -1.39 -19.02
N GLU B 204 -24.05 -1.94 -19.70
CA GLU B 204 -24.83 -1.17 -20.62
C GLU B 204 -26.22 -1.07 -19.99
N VAL B 205 -26.67 0.16 -19.73
CA VAL B 205 -28.02 0.42 -19.23
C VAL B 205 -28.86 1.08 -20.30
N LEU B 206 -29.89 0.38 -20.74
CA LEU B 206 -30.68 0.76 -21.86
C LEU B 206 -31.98 1.27 -21.25
N LYS B 207 -32.27 2.56 -21.39
CA LYS B 207 -33.42 3.11 -20.67
C LYS B 207 -34.67 3.18 -21.55
N GLY B 208 -35.83 2.87 -20.96
CA GLY B 208 -37.10 2.93 -21.67
C GLY B 208 -37.90 1.63 -21.69
N ALA B 209 -38.36 1.25 -22.88
CA ALA B 209 -38.99 -0.06 -23.10
C ALA B 209 -38.13 -0.86 -24.05
N THR B 210 -37.49 -1.90 -23.52
CA THR B 210 -36.56 -2.75 -24.25
C THR B 210 -37.14 -4.11 -24.60
N GLY B 211 -38.36 -4.12 -25.11
CA GLY B 211 -38.97 -5.37 -25.50
C GLY B 211 -38.25 -6.02 -26.66
N LEU B 212 -37.82 -5.22 -27.63
CA LEU B 212 -37.30 -5.77 -28.87
C LEU B 212 -36.29 -6.92 -28.70
N LEU B 213 -35.26 -6.70 -27.86
CA LEU B 213 -34.27 -7.75 -27.64
C LEU B 213 -34.42 -8.49 -26.32
N THR B 214 -35.09 -7.90 -25.34
CA THR B 214 -35.32 -8.59 -24.07
C THR B 214 -36.48 -9.61 -24.13
N GLY B 215 -37.42 -9.42 -25.04
CA GLY B 215 -38.63 -10.21 -24.96
C GLY B 215 -39.44 -9.72 -23.80
N ALA B 216 -40.02 -10.62 -23.02
CA ALA B 216 -40.89 -10.21 -21.90
C ALA B 216 -40.06 -9.47 -20.84
N GLY B 217 -40.66 -8.58 -20.07
CA GLY B 217 -39.88 -7.92 -19.05
C GLY B 217 -40.46 -6.67 -18.48
N SER B 218 -39.79 -6.10 -17.47
CA SER B 218 -40.36 -4.98 -16.73
C SER B 218 -40.12 -3.67 -17.47
N LEU B 219 -40.59 -2.54 -16.94
CA LEU B 219 -40.39 -1.29 -17.65
C LEU B 219 -39.10 -0.66 -17.17
N GLY B 220 -38.77 0.53 -17.70
CA GLY B 220 -37.69 1.35 -17.11
C GLY B 220 -36.31 1.24 -17.74
N ALA B 221 -35.65 0.10 -17.53
CA ALA B 221 -34.31 -0.11 -18.09
C ALA B 221 -34.00 -1.60 -18.28
N THR B 222 -33.08 -1.90 -19.20
CA THR B 222 -32.41 -3.17 -19.08
C THR B 222 -30.95 -2.98 -18.69
N ILE B 223 -30.45 -3.73 -17.70
CA ILE B 223 -29.02 -3.78 -17.42
C ILE B 223 -28.37 -4.95 -18.20
N ASN B 224 -27.41 -4.64 -19.08
CA ASN B 224 -26.75 -5.65 -19.88
C ASN B 224 -25.27 -5.62 -19.62
N LEU B 225 -24.73 -6.74 -19.15
CA LEU B 225 -23.33 -6.86 -18.79
C LEU B 225 -22.59 -7.64 -19.86
N ILE B 226 -21.66 -6.97 -20.54
CA ILE B 226 -20.83 -7.61 -21.55
C ILE B 226 -19.65 -8.22 -20.83
N ARG B 227 -19.40 -9.51 -21.06
CA ARG B 227 -18.24 -10.19 -20.44
C ARG B 227 -16.93 -9.82 -21.05
N LYS B 228 -15.86 -10.08 -20.33
CA LYS B 228 -14.52 -9.85 -20.86
C LYS B 228 -14.17 -10.90 -21.91
N LYS B 229 -13.24 -10.55 -22.80
CA LYS B 229 -12.87 -11.46 -23.89
C LYS B 229 -11.37 -11.68 -23.97
N PRO B 230 -10.93 -12.84 -24.52
CA PRO B 230 -9.54 -13.12 -24.69
C PRO B 230 -9.00 -12.17 -25.72
N THR B 231 -7.70 -11.89 -25.63
CA THR B 231 -7.09 -10.86 -26.43
C THR B 231 -5.92 -11.41 -27.21
N HIS B 232 -5.58 -10.70 -28.27
CA HIS B 232 -4.46 -11.12 -29.10
C HIS B 232 -3.10 -10.95 -28.41
N GLU B 233 -2.97 -9.84 -27.69
CA GLU B 233 -1.78 -9.53 -26.89
C GLU B 233 -1.88 -10.31 -25.59
N PHE B 234 -0.76 -10.50 -24.91
CA PHE B 234 -0.78 -11.04 -23.56
C PHE B 234 -0.91 -9.86 -22.65
N LYS B 235 -1.89 -9.88 -21.75
CA LYS B 235 -1.98 -8.87 -20.72
C LYS B 235 -2.64 -9.45 -19.47
N GLY B 236 -2.49 -8.76 -18.35
CA GLY B 236 -3.29 -9.06 -17.17
C GLY B 236 -2.78 -8.32 -15.97
N HIS B 237 -3.39 -8.53 -14.81
CA HIS B 237 -2.97 -7.80 -13.64
C HIS B 237 -3.32 -8.54 -12.38
N VAL B 238 -2.64 -8.21 -11.30
CA VAL B 238 -3.08 -8.66 -10.00
C VAL B 238 -3.45 -7.40 -9.28
N GLU B 239 -4.52 -7.44 -8.50
CA GLU B 239 -4.91 -6.30 -7.69
C GLU B 239 -5.20 -6.70 -6.27
N LEU B 240 -4.69 -5.93 -5.32
CA LEU B 240 -4.94 -6.12 -3.88
C LEU B 240 -5.64 -4.88 -3.29
N GLY B 241 -6.67 -5.08 -2.50
CA GLY B 241 -7.46 -3.95 -2.00
C GLY B 241 -7.79 -4.10 -0.54
N ALA B 242 -7.76 -3.01 0.20
CA ALA B 242 -8.07 -2.99 1.63
C ALA B 242 -8.92 -1.78 1.83
N GLY B 243 -10.08 -1.96 2.45
CA GLY B 243 -11.00 -0.86 2.72
C GLY B 243 -11.61 -0.88 4.12
N SER B 244 -12.17 0.25 4.51
CA SER B 244 -13.03 0.40 5.67
C SER B 244 -13.88 -0.79 6.04
N TRP B 245 -13.92 -1.06 7.34
CA TRP B 245 -14.63 -2.25 7.88
C TRP B 245 -14.02 -3.58 7.42
N ASP B 246 -12.71 -3.71 7.66
CA ASP B 246 -12.01 -4.90 7.26
C ASP B 246 -12.44 -5.41 5.85
N ASN B 247 -12.64 -4.51 4.89
CA ASN B 247 -12.99 -4.92 3.53
C ASN B 247 -11.72 -5.28 2.69
N TYR B 248 -11.51 -6.58 2.44
CA TYR B 248 -10.31 -7.13 1.73
C TYR B 248 -10.63 -7.72 0.36
N ARG B 249 -9.81 -7.47 -0.65
CA ARG B 249 -10.11 -7.97 -2.03
C ARG B 249 -8.85 -8.31 -2.80
N SER B 250 -8.87 -9.49 -3.46
CA SER B 250 -7.81 -9.87 -4.40
C SER B 250 -8.40 -10.25 -5.72
N GLU B 251 -7.69 -9.93 -6.80
CA GLU B 251 -8.19 -10.23 -8.13
C GLU B 251 -7.08 -10.46 -9.12
N LEU B 252 -7.32 -11.41 -10.02
CA LEU B 252 -6.34 -11.96 -10.93
C LEU B 252 -7.05 -12.19 -12.25
N ASP B 253 -6.48 -11.60 -13.29
CA ASP B 253 -7.04 -11.55 -14.63
C ASP B 253 -5.87 -11.72 -15.56
N VAL B 254 -5.81 -12.87 -16.22
CA VAL B 254 -4.77 -13.14 -17.24
C VAL B 254 -5.41 -13.47 -18.56
N SER B 255 -4.81 -12.99 -19.65
CA SER B 255 -5.34 -13.24 -20.98
C SER B 255 -4.27 -13.21 -22.05
N GLY B 256 -4.45 -14.01 -23.11
CA GLY B 256 -3.57 -13.95 -24.27
C GLY B 256 -3.77 -15.12 -25.21
N PRO B 257 -2.86 -15.25 -26.20
CA PRO B 257 -2.75 -16.38 -27.14
C PRO B 257 -2.35 -17.67 -26.43
N LEU B 258 -2.97 -18.77 -26.83
CA LEU B 258 -2.60 -20.06 -26.27
C LEU B 258 -1.72 -20.77 -27.24
N THR B 259 -1.91 -20.49 -28.53
CA THR B 259 -1.01 -20.99 -29.58
C THR B 259 -0.06 -19.84 -29.95
N GLU B 260 1.01 -20.10 -30.66
CA GLU B 260 1.86 -18.95 -31.04
C GLU B 260 1.34 -18.22 -32.29
N SER B 261 0.44 -18.87 -33.04
CA SER B 261 -0.18 -18.21 -34.18
C SER B 261 -1.27 -17.24 -33.71
N GLY B 262 -1.87 -17.53 -32.56
CA GLY B 262 -2.97 -16.69 -32.08
C GLY B 262 -4.33 -17.34 -32.25
N ASN B 263 -4.44 -18.27 -33.19
CA ASN B 263 -5.71 -18.91 -33.50
C ASN B 263 -6.47 -19.43 -32.27
N VAL B 264 -5.76 -19.68 -31.17
CA VAL B 264 -6.42 -20.00 -29.91
C VAL B 264 -6.01 -18.96 -28.88
N ARG B 265 -7.01 -18.29 -28.32
CA ARG B 265 -6.85 -17.30 -27.26
C ARG B 265 -7.71 -17.72 -26.04
N GLY B 266 -7.32 -17.26 -24.84
CA GLY B 266 -8.06 -17.63 -23.63
C GLY B 266 -7.91 -16.55 -22.61
N ARG B 267 -8.86 -16.45 -21.67
CA ARG B 267 -8.81 -15.45 -20.59
C ARG B 267 -9.38 -16.04 -19.36
N ALA B 268 -8.72 -15.81 -18.23
CA ALA B 268 -9.20 -16.33 -16.96
C ALA B 268 -9.16 -15.26 -15.90
N VAL B 269 -10.13 -15.32 -14.98
CA VAL B 269 -10.18 -14.39 -13.87
C VAL B 269 -10.63 -15.10 -12.64
N ALA B 270 -9.93 -14.89 -11.54
CA ALA B 270 -10.44 -15.33 -10.24
C ALA B 270 -10.45 -14.08 -9.37
N ALA B 271 -11.39 -13.99 -8.46
CA ALA B 271 -11.37 -12.83 -7.58
C ALA B 271 -11.92 -13.23 -6.25
N TYR B 272 -11.38 -12.67 -5.20
CA TYR B 272 -11.84 -13.06 -3.89
C TYR B 272 -12.11 -11.85 -3.03
N GLN B 273 -13.26 -11.81 -2.39
CA GLN B 273 -13.50 -10.68 -1.47
C GLN B 273 -14.08 -11.13 -0.16
N ASP B 274 -13.62 -10.50 0.92
CA ASP B 274 -14.07 -10.81 2.26
C ASP B 274 -14.16 -9.46 2.90
N LYS B 275 -15.36 -9.06 3.29
CA LYS B 275 -15.53 -7.77 3.98
C LYS B 275 -16.45 -7.82 5.19
N HIS B 276 -16.26 -6.93 6.15
CA HIS B 276 -17.28 -6.70 7.16
C HIS B 276 -18.11 -5.51 6.71
N SER B 277 -18.86 -4.88 7.60
CA SER B 277 -19.44 -3.60 7.22
C SER B 277 -19.61 -2.63 8.37
N PHE B 278 -20.25 -1.50 8.10
CA PHE B 278 -20.45 -0.55 9.18
C PHE B 278 -21.39 -1.22 10.12
N MET B 279 -22.28 -2.00 9.54
CA MET B 279 -23.22 -2.77 10.31
C MET B 279 -22.49 -3.86 11.06
N ASP B 280 -22.85 -3.89 12.34
CA ASP B 280 -22.54 -4.88 13.30
C ASP B 280 -22.74 -6.32 12.88
N HIS B 281 -21.93 -7.22 13.42
CA HIS B 281 -21.97 -8.67 13.09
C HIS B 281 -22.40 -9.08 11.66
N TYR B 282 -22.06 -8.27 10.66
CA TYR B 282 -22.22 -8.70 9.28
C TYR B 282 -20.86 -8.92 8.64
N GLU B 283 -20.75 -10.02 7.88
CA GLU B 283 -19.66 -10.19 6.92
C GLU B 283 -20.10 -10.99 5.71
N ARG B 284 -19.32 -10.89 4.64
CA ARG B 284 -19.66 -11.48 3.38
C ARG B 284 -18.44 -11.88 2.58
N LYS B 285 -18.41 -13.13 2.16
CA LYS B 285 -17.33 -13.60 1.31
C LYS B 285 -17.84 -13.83 -0.10
N THR B 286 -17.14 -13.26 -1.07
CA THR B 286 -17.50 -13.49 -2.44
C THR B 286 -16.33 -14.06 -3.26
N SER B 287 -16.63 -15.01 -4.10
CA SER B 287 -15.62 -15.65 -4.94
C SER B 287 -16.09 -15.73 -6.36
N VAL B 288 -15.20 -15.38 -7.27
CA VAL B 288 -15.53 -15.55 -8.65
C VAL B 288 -14.42 -16.28 -9.41
N TYR B 289 -14.80 -17.04 -10.43
CA TYR B 289 -13.87 -17.61 -11.42
C TYR B 289 -14.51 -17.46 -12.78
N TYR B 290 -13.67 -17.36 -13.79
CA TYR B 290 -14.14 -17.27 -15.14
C TYR B 290 -12.99 -17.62 -16.07
N GLY B 291 -13.30 -18.51 -17.01
CA GLY B 291 -12.34 -18.90 -18.01
C GLY B 291 -13.15 -18.84 -19.28
N ILE B 292 -12.51 -18.39 -20.34
CA ILE B 292 -13.13 -18.28 -21.66
C ILE B 292 -12.04 -18.57 -22.69
N LEU B 293 -12.42 -19.31 -23.74
CA LEU B 293 -11.49 -19.63 -24.81
C LEU B 293 -12.09 -19.11 -26.09
N GLU B 294 -11.23 -18.77 -27.05
CA GLU B 294 -11.65 -18.46 -28.41
C GLU B 294 -10.81 -19.26 -29.37
N PHE B 295 -11.49 -20.09 -30.15
CA PHE B 295 -10.89 -20.87 -31.23
C PHE B 295 -11.27 -20.20 -32.52
N ASP B 296 -10.32 -20.04 -33.42
CA ASP B 296 -10.60 -19.69 -34.81
C ASP B 296 -10.56 -20.94 -35.63
N LEU B 297 -11.74 -21.35 -36.10
CA LEU B 297 -11.85 -22.55 -36.92
C LEU B 297 -11.28 -22.30 -38.33
N ASN B 298 -11.32 -21.04 -38.76
CA ASN B 298 -10.67 -20.60 -39.98
C ASN B 298 -10.73 -19.08 -39.99
N PRO B 299 -10.37 -18.41 -41.11
CA PRO B 299 -10.34 -16.94 -41.15
C PRO B 299 -11.73 -16.30 -41.03
N ASP B 300 -12.76 -17.12 -41.20
CA ASP B 300 -14.14 -16.67 -41.25
C ASP B 300 -15.02 -17.17 -40.08
N THR B 301 -14.50 -18.06 -39.24
CA THR B 301 -15.37 -18.74 -38.29
C THR B 301 -14.71 -18.89 -36.94
N MET B 302 -15.44 -18.44 -35.89
CA MET B 302 -14.93 -18.36 -34.50
C MET B 302 -15.83 -18.96 -33.40
N LEU B 303 -15.35 -20.02 -32.76
CA LEU B 303 -16.06 -20.70 -31.66
C LEU B 303 -15.51 -20.29 -30.30
N THR B 304 -16.41 -20.02 -29.35
CA THR B 304 -16.05 -19.58 -27.99
C THR B 304 -16.65 -20.48 -26.91
N VAL B 305 -15.85 -20.92 -25.96
CA VAL B 305 -16.42 -21.63 -24.83
C VAL B 305 -16.16 -20.86 -23.55
N GLY B 306 -17.03 -21.06 -22.56
CA GLY B 306 -16.89 -20.26 -21.38
C GLY B 306 -17.66 -20.73 -20.17
N ALA B 307 -17.01 -20.59 -19.02
CA ALA B 307 -17.58 -20.91 -17.74
C ALA B 307 -17.33 -19.73 -16.83
N ASP B 308 -18.26 -19.53 -15.89
CA ASP B 308 -18.09 -18.57 -14.83
C ASP B 308 -18.91 -18.98 -13.66
N TYR B 309 -18.65 -18.36 -12.53
CA TYR B 309 -19.14 -18.87 -11.30
C TYR B 309 -18.91 -17.74 -10.30
N GLN B 310 -19.94 -17.44 -9.53
CA GLN B 310 -19.85 -16.45 -8.44
C GLN B 310 -20.70 -16.88 -7.24
N ASP B 311 -20.06 -16.81 -6.08
CA ASP B 311 -20.63 -17.26 -4.83
C ASP B 311 -20.63 -16.09 -3.88
N ASN B 312 -21.82 -15.67 -3.44
CA ASN B 312 -21.97 -14.65 -2.41
C ASN B 312 -22.45 -15.30 -1.13
N ASP B 313 -21.62 -15.24 -0.09
CA ASP B 313 -21.84 -16.02 1.12
C ASP B 313 -21.71 -15.20 2.43
N PRO B 314 -22.80 -14.66 2.98
CA PRO B 314 -22.69 -13.80 4.14
C PRO B 314 -23.11 -14.44 5.47
N LYS B 315 -22.72 -13.85 6.60
CA LYS B 315 -23.27 -14.23 7.90
C LYS B 315 -23.82 -12.93 8.46
N GLY B 316 -24.88 -13.02 9.27
CA GLY B 316 -25.49 -11.81 9.81
C GLY B 316 -26.31 -11.02 8.80
N SER B 317 -26.67 -11.64 7.68
CA SER B 317 -27.60 -11.03 6.75
C SER B 317 -28.78 -10.55 7.54
N GLY B 318 -29.16 -9.30 7.32
CA GLY B 318 -30.41 -8.78 7.86
C GLY B 318 -31.52 -9.15 6.90
N TRP B 319 -32.76 -8.84 7.25
CA TRP B 319 -33.87 -9.18 6.38
C TRP B 319 -34.88 -8.11 6.62
N SER B 320 -35.60 -7.74 5.55
CA SER B 320 -36.54 -6.61 5.54
C SER B 320 -36.04 -5.40 6.36
N GLY B 321 -35.21 -4.58 5.71
CA GLY B 321 -34.64 -3.42 6.32
C GLY B 321 -33.62 -3.76 7.37
N SER B 322 -33.10 -2.73 8.03
CA SER B 322 -32.01 -2.95 8.92
C SER B 322 -32.47 -2.82 10.36
N PHE B 323 -33.66 -2.27 10.57
CA PHE B 323 -34.27 -2.16 11.94
C PHE B 323 -35.68 -1.72 11.75
N PRO B 324 -36.56 -2.08 12.71
CA PRO B 324 -37.95 -1.64 12.43
C PRO B 324 -38.15 -0.15 12.76
N LEU B 325 -38.85 0.57 11.89
CA LEU B 325 -39.20 1.99 12.14
C LEU B 325 -39.79 2.28 13.53
N PHE B 326 -40.73 1.46 13.98
CA PHE B 326 -41.50 1.70 15.21
C PHE B 326 -41.31 0.59 16.25
N ASP B 327 -41.20 0.97 17.53
CA ASP B 327 -41.24 0.00 18.63
C ASP B 327 -42.67 -0.51 18.92
N SER B 328 -42.88 -1.18 20.05
CA SER B 328 -44.14 -1.89 20.25
C SER B 328 -45.24 -0.93 20.49
N GLN B 329 -44.88 0.29 20.87
CA GLN B 329 -45.83 1.31 21.25
C GLN B 329 -46.12 2.31 20.13
N GLY B 330 -45.30 2.35 19.08
CA GLY B 330 -45.56 3.31 18.00
C GLY B 330 -44.67 4.56 18.00
N ASN B 331 -43.67 4.56 18.85
CA ASN B 331 -42.71 5.64 18.87
C ASN B 331 -41.72 5.40 17.75
N ARG B 332 -41.02 6.46 17.33
CA ARG B 332 -39.97 6.24 16.35
C ARG B 332 -38.74 5.54 16.97
N ASN B 333 -38.16 4.60 16.24
CA ASN B 333 -36.97 3.92 16.76
C ASN B 333 -35.72 4.74 16.52
N ASP B 334 -34.85 4.83 17.53
CA ASP B 334 -33.60 5.53 17.37
C ASP B 334 -32.37 4.61 17.51
N VAL B 335 -31.73 4.27 16.39
CA VAL B 335 -30.56 3.35 16.40
C VAL B 335 -29.37 3.90 15.63
N SER B 336 -28.17 3.62 16.15
CA SER B 336 -26.91 3.84 15.44
C SER B 336 -26.95 3.27 14.05
N ARG B 337 -26.16 3.86 13.15
CA ARG B 337 -26.08 3.34 11.80
C ARG B 337 -25.66 1.87 11.79
N SER B 338 -24.86 1.51 12.79
CA SER B 338 -24.26 0.19 12.87
C SER B 338 -25.21 -0.93 13.29
N PHE B 339 -26.49 -0.63 13.53
CA PHE B 339 -27.43 -1.62 14.08
C PHE B 339 -27.87 -2.57 13.01
N ASN B 340 -27.96 -3.85 13.38
CA ASN B 340 -28.29 -4.90 12.42
C ASN B 340 -29.32 -5.96 12.93
N ASN B 341 -30.56 -5.88 12.44
CA ASN B 341 -31.67 -6.75 12.93
C ASN B 341 -31.46 -8.27 12.81
N GLY B 342 -30.57 -8.71 11.92
CA GLY B 342 -30.35 -10.15 11.64
C GLY B 342 -29.62 -10.90 12.75
N ALA B 343 -29.89 -12.19 12.88
CA ALA B 343 -29.18 -13.07 13.78
C ALA B 343 -27.74 -13.35 13.32
N LYS B 344 -26.82 -13.54 14.27
CA LYS B 344 -25.41 -13.84 13.96
C LYS B 344 -25.32 -14.87 12.86
N TRP B 345 -26.27 -15.81 12.85
CA TRP B 345 -26.23 -16.96 11.97
C TRP B 345 -26.97 -16.78 10.65
N SER B 346 -27.60 -15.62 10.45
CA SER B 346 -28.47 -15.40 9.30
C SER B 346 -27.65 -15.15 8.03
N SER B 347 -28.00 -15.84 6.95
CA SER B 347 -27.20 -15.86 5.75
C SER B 347 -28.12 -15.97 4.55
N TRP B 348 -28.08 -14.98 3.66
CA TRP B 348 -28.83 -15.07 2.41
C TRP B 348 -27.86 -15.42 1.31
N GLU B 349 -27.23 -16.56 1.44
CA GLU B 349 -26.27 -17.00 0.43
C GLU B 349 -26.84 -17.00 -1.02
N GLN B 350 -26.04 -16.60 -1.99
CA GLN B 350 -26.57 -16.37 -3.36
C GLN B 350 -25.46 -16.67 -4.37
N TYR B 351 -25.74 -17.51 -5.36
CA TYR B 351 -24.63 -17.99 -6.17
C TYR B 351 -25.04 -18.26 -7.61
N THR B 352 -24.17 -17.89 -8.53
CA THR B 352 -24.45 -18.01 -9.95
C THR B 352 -23.38 -18.87 -10.63
N ARG B 353 -23.71 -19.39 -11.82
CA ARG B 353 -22.74 -20.04 -12.68
C ARG B 353 -23.24 -20.31 -14.09
N THR B 354 -22.39 -20.04 -15.08
CA THR B 354 -22.80 -20.15 -16.48
C THR B 354 -21.80 -20.99 -17.25
N VAL B 355 -22.30 -21.71 -18.23
CA VAL B 355 -21.47 -22.44 -19.17
C VAL B 355 -22.08 -22.07 -20.52
N PHE B 356 -21.26 -21.55 -21.43
CA PHE B 356 -21.82 -21.07 -22.68
C PHE B 356 -20.93 -21.30 -23.89
N ALA B 357 -21.54 -21.27 -25.07
CA ALA B 357 -20.82 -21.41 -26.31
C ALA B 357 -21.34 -20.46 -27.38
N ASN B 358 -20.44 -20.03 -28.28
CA ASN B 358 -20.69 -19.00 -29.28
C ASN B 358 -19.99 -19.34 -30.56
N LEU B 359 -20.73 -19.29 -31.67
CA LEU B 359 -20.14 -19.54 -32.99
C LEU B 359 -20.57 -18.42 -33.89
N GLU B 360 -19.61 -17.68 -34.42
CA GLU B 360 -19.95 -16.63 -35.35
C GLU B 360 -19.24 -16.84 -36.65
N HIS B 361 -20.01 -16.76 -37.73
CA HIS B 361 -19.55 -17.04 -39.08
C HIS B 361 -19.66 -15.80 -39.96
N ASN B 362 -18.63 -15.57 -40.78
CA ASN B 362 -18.69 -14.54 -41.80
C ASN B 362 -19.14 -15.14 -43.11
N PHE B 363 -20.11 -14.49 -43.71
CA PHE B 363 -20.59 -14.87 -45.01
C PHE B 363 -19.94 -13.93 -46.05
N ALA B 364 -19.12 -14.51 -46.94
CA ALA B 364 -18.51 -13.74 -48.04
C ALA B 364 -19.70 -13.11 -48.77
N ASN B 365 -20.01 -11.87 -48.41
CA ASN B 365 -21.33 -11.34 -48.64
C ASN B 365 -21.52 -9.99 -47.96
N GLY B 366 -20.86 -9.81 -46.82
CA GLY B 366 -21.10 -8.66 -45.96
C GLY B 366 -21.84 -9.10 -44.70
N TRP B 367 -22.71 -10.10 -44.84
CA TRP B 367 -23.57 -10.62 -43.75
C TRP B 367 -22.79 -11.43 -42.72
N VAL B 368 -23.25 -11.36 -41.46
CA VAL B 368 -22.66 -12.13 -40.36
C VAL B 368 -23.77 -12.77 -39.49
N GLY B 369 -23.54 -13.99 -39.02
CA GLY B 369 -24.54 -14.75 -38.27
C GLY B 369 -24.01 -15.41 -37.02
N LYS B 370 -24.73 -15.26 -35.90
CA LYS B 370 -24.26 -15.73 -34.58
C LYS B 370 -25.18 -16.77 -33.92
N VAL B 371 -24.56 -17.74 -33.24
CA VAL B 371 -25.26 -18.82 -32.54
C VAL B 371 -24.82 -18.81 -31.07
N GLN B 372 -25.79 -18.68 -30.15
CA GLN B 372 -25.48 -18.59 -28.73
C GLN B 372 -26.17 -19.69 -27.94
N LEU B 373 -25.41 -20.42 -27.14
CA LEU B 373 -25.95 -21.41 -26.22
C LEU B 373 -25.67 -21.05 -24.74
N ASP B 374 -26.70 -20.99 -23.89
CA ASP B 374 -26.50 -20.65 -22.50
C ASP B 374 -26.99 -21.64 -21.49
N HIS B 375 -26.15 -22.00 -20.53
CA HIS B 375 -26.61 -22.78 -19.39
C HIS B 375 -26.33 -21.94 -18.13
N LYS B 376 -27.36 -21.39 -17.48
CA LYS B 376 -27.13 -20.45 -16.36
C LYS B 376 -27.84 -20.92 -15.11
N ILE B 377 -27.16 -20.89 -13.98
CA ILE B 377 -27.74 -21.27 -12.68
C ILE B 377 -27.84 -20.06 -11.72
N ASN B 378 -28.99 -19.85 -11.12
CA ASN B 378 -29.09 -18.85 -10.11
C ASN B 378 -29.61 -19.56 -8.88
N GLY B 379 -28.84 -19.57 -7.82
CA GLY B 379 -29.28 -20.27 -6.63
C GLY B 379 -29.27 -19.43 -5.40
N TYR B 380 -30.10 -19.82 -4.43
CA TYR B 380 -30.09 -19.17 -3.12
C TYR B 380 -30.13 -20.17 -2.04
N HIS B 381 -29.47 -19.86 -0.94
CA HIS B 381 -29.53 -20.72 0.21
C HIS B 381 -29.57 -19.80 1.39
N ALA B 382 -30.79 -19.51 1.83
CA ALA B 382 -31.03 -18.35 2.66
C ALA B 382 -31.81 -18.74 3.88
N PRO B 383 -31.13 -19.37 4.84
CA PRO B 383 -31.63 -19.47 6.22
C PRO B 383 -31.68 -18.11 6.90
N LEU B 384 -32.78 -17.40 6.82
CA LEU B 384 -32.81 -16.05 7.33
C LEU B 384 -33.34 -16.04 8.71
N GLY B 385 -32.90 -15.09 9.50
CA GLY B 385 -33.53 -14.80 10.78
C GLY B 385 -33.20 -13.37 11.12
N ALA B 386 -34.19 -12.55 11.41
CA ALA B 386 -33.93 -11.16 11.75
C ALA B 386 -35.03 -10.69 12.66
N ILE B 387 -34.81 -9.58 13.36
CA ILE B 387 -35.84 -8.99 14.19
C ILE B 387 -36.75 -8.27 13.25
N MET B 388 -38.03 -8.59 13.27
CA MET B 388 -39.03 -7.78 12.56
C MET B 388 -40.36 -7.74 13.28
N GLY B 389 -41.10 -6.67 12.99
CA GLY B 389 -42.35 -6.34 13.66
C GLY B 389 -42.17 -5.05 14.42
N ASP B 390 -43.07 -4.77 15.36
CA ASP B 390 -43.02 -3.52 16.11
C ASP B 390 -42.23 -3.73 17.39
N TRP B 391 -40.91 -3.70 17.31
CA TRP B 391 -40.12 -3.91 18.53
C TRP B 391 -39.25 -2.68 18.87
N PRO B 392 -38.83 -2.53 20.14
CA PRO B 392 -39.06 -3.38 21.31
C PRO B 392 -40.34 -3.18 22.10
N ALA B 393 -40.63 -4.16 22.96
CA ALA B 393 -41.68 -4.04 23.97
C ALA B 393 -41.15 -3.04 25.05
N PRO B 394 -42.01 -2.62 26.01
CA PRO B 394 -41.43 -1.62 26.92
C PRO B 394 -40.26 -2.16 27.76
N ASP B 395 -40.19 -3.48 27.95
CA ASP B 395 -39.13 -4.11 28.77
C ASP B 395 -37.90 -4.50 27.94
N ASN B 396 -37.71 -3.84 26.80
CA ASN B 396 -36.51 -4.01 25.97
C ASN B 396 -36.41 -5.36 25.27
N SER B 397 -37.51 -6.06 25.12
CA SER B 397 -37.42 -7.33 24.43
C SER B 397 -37.95 -7.27 23.00
N ALA B 398 -37.71 -8.33 22.26
CA ALA B 398 -38.05 -8.39 20.84
C ALA B 398 -38.16 -9.83 20.35
N LYS B 399 -38.94 -10.06 19.29
CA LYS B 399 -38.99 -11.36 18.67
C LYS B 399 -38.31 -11.39 17.30
N ILE B 400 -37.56 -12.48 17.06
CA ILE B 400 -36.97 -12.78 15.75
C ILE B 400 -38.01 -13.46 14.88
N VAL B 401 -37.90 -13.26 13.58
CA VAL B 401 -38.72 -13.99 12.64
C VAL B 401 -37.75 -14.76 11.76
N ALA B 402 -37.87 -16.09 11.76
CA ALA B 402 -36.86 -16.96 11.16
C ALA B 402 -37.50 -17.90 10.16
N GLN B 403 -36.98 -17.91 8.91
CA GLN B 403 -37.49 -18.72 7.77
C GLN B 403 -36.36 -19.09 6.85
N LYS B 404 -36.34 -20.32 6.36
CA LYS B 404 -35.26 -20.76 5.46
C LYS B 404 -35.80 -20.76 4.03
N TYR B 405 -34.96 -20.41 3.05
CA TYR B 405 -35.34 -20.42 1.64
C TYR B 405 -34.16 -20.88 0.83
N THR B 406 -34.34 -22.04 0.20
CA THR B 406 -33.36 -22.63 -0.71
C THR B 406 -33.99 -22.96 -2.07
N GLY B 407 -33.23 -22.83 -3.14
CA GLY B 407 -33.72 -23.13 -4.46
C GLY B 407 -32.67 -22.89 -5.52
N GLU B 408 -33.01 -23.24 -6.76
CA GLU B 408 -32.16 -22.96 -7.92
C GLU B 408 -33.05 -22.73 -9.10
N THR B 409 -32.48 -22.18 -10.14
CA THR B 409 -33.17 -21.95 -11.37
C THR B 409 -32.12 -22.23 -12.38
N LYS B 410 -32.39 -23.24 -13.20
CA LYS B 410 -31.52 -23.64 -14.29
C LYS B 410 -32.15 -23.09 -15.57
N SER B 411 -31.35 -22.52 -16.48
CA SER B 411 -31.88 -21.92 -17.72
C SER B 411 -31.09 -22.34 -18.92
N ASN B 412 -31.75 -22.86 -19.94
CA ASN B 412 -31.03 -23.07 -21.18
C ASN B 412 -31.45 -22.15 -22.29
N SER B 413 -30.51 -21.43 -22.86
CA SER B 413 -30.87 -20.48 -23.91
C SER B 413 -30.26 -20.73 -25.27
N LEU B 414 -30.91 -20.16 -26.28
CA LEU B 414 -30.51 -20.34 -27.63
C LEU B 414 -30.86 -19.02 -28.25
N ASP B 415 -29.99 -18.50 -29.09
CA ASP B 415 -30.36 -17.31 -29.84
C ASP B 415 -29.58 -17.20 -31.15
N ILE B 416 -30.17 -17.61 -32.27
CA ILE B 416 -29.56 -17.37 -33.60
C ILE B 416 -30.06 -16.05 -34.19
N TYR B 417 -29.14 -15.30 -34.78
CA TYR B 417 -29.54 -14.19 -35.64
C TYR B 417 -28.73 -14.13 -36.93
N LEU B 418 -29.21 -13.35 -37.90
CA LEU B 418 -28.42 -12.93 -39.05
C LEU B 418 -28.54 -11.41 -39.21
N THR B 419 -27.47 -10.79 -39.68
CA THR B 419 -27.41 -9.34 -39.84
C THR B 419 -26.42 -8.96 -40.94
N GLY B 420 -26.85 -8.04 -41.80
CA GLY B 420 -26.04 -7.58 -42.93
C GLY B 420 -26.77 -6.57 -43.80
N PRO B 421 -26.22 -6.26 -44.98
CA PRO B 421 -26.84 -5.26 -45.83
C PRO B 421 -27.81 -5.79 -46.90
N PHE B 422 -28.57 -4.87 -47.51
CA PHE B 422 -29.40 -5.14 -48.68
C PHE B 422 -29.84 -3.81 -49.27
N GLN B 423 -30.10 -3.79 -50.57
CA GLN B 423 -30.54 -2.54 -51.22
C GLN B 423 -31.99 -2.56 -51.69
N PHE B 424 -32.67 -1.42 -51.58
CA PHE B 424 -34.11 -1.39 -51.80
C PHE B 424 -34.62 -0.24 -52.67
N LEU B 425 -34.01 0.94 -52.55
CA LEU B 425 -34.23 1.96 -53.61
C LEU B 425 -32.93 2.61 -54.12
N GLY B 426 -31.99 1.76 -54.56
CA GLY B 426 -30.66 2.17 -55.00
C GLY B 426 -29.64 2.35 -53.89
N ARG B 427 -30.09 2.34 -52.65
CA ARG B 427 -29.21 2.63 -51.50
C ARG B 427 -29.11 1.47 -50.50
N GLU B 428 -27.94 1.32 -49.86
CA GLU B 428 -27.70 0.24 -48.87
C GLU B 428 -28.34 0.49 -47.48
N HIS B 429 -29.20 -0.44 -47.07
CA HIS B 429 -29.81 -0.44 -45.75
C HIS B 429 -29.32 -1.70 -45.06
N GLU B 430 -29.90 -2.01 -43.91
CA GLU B 430 -29.49 -3.21 -43.17
C GLU B 430 -30.56 -3.84 -42.29
N LEU B 431 -30.49 -5.16 -42.15
CA LEU B 431 -31.55 -5.96 -41.57
C LEU B 431 -30.99 -7.00 -40.61
N VAL B 432 -31.74 -7.29 -39.53
CA VAL B 432 -31.42 -8.36 -38.59
C VAL B 432 -32.63 -9.26 -38.53
N VAL B 433 -32.42 -10.58 -38.64
CA VAL B 433 -33.50 -11.55 -38.33
C VAL B 433 -32.99 -12.53 -37.30
N GLY B 434 -33.83 -12.87 -36.33
CA GLY B 434 -33.39 -13.71 -35.25
C GLY B 434 -34.49 -14.54 -34.66
N THR B 435 -34.12 -15.67 -34.08
CA THR B 435 -35.04 -16.43 -33.26
C THR B 435 -34.35 -16.83 -31.96
N SER B 436 -35.11 -16.95 -30.87
CA SER B 436 -34.51 -17.33 -29.58
C SER B 436 -35.42 -18.23 -28.76
N ALA B 437 -34.81 -19.12 -27.98
CA ALA B 437 -35.58 -20.01 -27.10
C ALA B 437 -34.96 -20.02 -25.73
N SER B 438 -35.76 -20.36 -24.73
CA SER B 438 -35.35 -20.22 -23.34
C SER B 438 -36.20 -21.12 -22.44
N PHE B 439 -35.59 -22.14 -21.87
CA PHE B 439 -36.28 -23.08 -20.95
C PHE B 439 -35.74 -22.96 -19.53
N SER B 440 -36.59 -22.66 -18.57
CA SER B 440 -36.06 -22.65 -17.22
C SER B 440 -36.94 -23.35 -16.22
N HIS B 441 -36.27 -24.05 -15.32
CA HIS B 441 -36.90 -24.80 -14.26
C HIS B 441 -36.42 -24.26 -12.89
N TRP B 442 -37.33 -23.61 -12.16
CA TRP B 442 -37.03 -23.12 -10.84
C TRP B 442 -37.64 -24.05 -9.82
N GLU B 443 -36.82 -24.53 -8.90
CA GLU B 443 -37.23 -25.50 -7.90
C GLU B 443 -36.80 -24.95 -6.58
N GLY B 444 -37.60 -25.08 -5.54
CA GLY B 444 -37.22 -24.45 -4.30
C GLY B 444 -38.03 -24.92 -3.11
N LYS B 445 -37.36 -24.92 -1.95
CA LYS B 445 -38.00 -25.27 -0.68
C LYS B 445 -38.11 -23.99 0.19
N SER B 446 -39.03 -24.00 1.15
CA SER B 446 -39.24 -22.86 2.00
C SER B 446 -39.62 -23.49 3.32
N TYR B 447 -39.22 -22.87 4.41
CA TYR B 447 -39.40 -23.49 5.68
C TYR B 447 -39.90 -22.46 6.64
N TRP B 448 -41.12 -22.61 7.18
CA TRP B 448 -41.52 -21.75 8.31
C TRP B 448 -42.19 -22.39 9.54
N ASN B 449 -42.09 -23.71 9.69
CA ASN B 449 -42.57 -24.37 10.91
C ASN B 449 -41.41 -24.82 11.75
N LEU B 450 -41.51 -24.69 13.06
CA LEU B 450 -40.29 -24.82 13.86
C LEU B 450 -40.51 -25.54 15.18
N ARG B 451 -39.78 -26.64 15.38
CA ARG B 451 -39.63 -27.24 16.70
C ARG B 451 -39.54 -26.16 17.77
N ASN B 452 -40.50 -26.12 18.70
CA ASN B 452 -40.57 -24.98 19.64
C ASN B 452 -39.21 -24.34 19.91
N TYR B 453 -39.19 -23.07 19.49
CA TYR B 453 -38.01 -22.29 19.28
C TYR B 453 -38.25 -20.98 20.01
N ASP B 454 -37.32 -20.65 20.91
CA ASP B 454 -37.41 -19.43 21.68
C ASP B 454 -36.90 -18.29 20.78
N ASN B 455 -37.86 -17.60 20.16
CA ASN B 455 -37.61 -16.56 19.15
C ASN B 455 -37.66 -15.12 19.72
N THR B 456 -37.63 -15.04 21.05
CA THR B 456 -37.71 -13.78 21.79
C THR B 456 -36.31 -13.45 22.26
N THR B 457 -36.02 -12.17 22.51
CA THR B 457 -34.71 -11.77 23.01
C THR B 457 -34.78 -10.72 24.11
N ASP B 458 -33.99 -10.92 25.17
CA ASP B 458 -33.92 -10.06 26.38
C ASP B 458 -33.48 -8.60 26.14
N ASP B 459 -32.80 -8.34 25.02
CA ASP B 459 -32.02 -7.10 24.84
C ASP B 459 -32.00 -6.62 23.39
N PHE B 460 -32.86 -5.65 23.10
CA PHE B 460 -32.88 -4.99 21.81
C PHE B 460 -31.83 -3.88 21.76
N ILE B 461 -31.82 -3.02 22.77
CA ILE B 461 -30.84 -1.90 22.83
C ILE B 461 -29.40 -2.36 22.52
N ASN B 462 -29.02 -3.54 23.01
CA ASN B 462 -27.72 -4.16 22.71
C ASN B 462 -27.72 -5.32 21.71
N TRP B 463 -28.76 -5.46 20.90
CA TRP B 463 -28.82 -6.54 19.93
C TRP B 463 -27.50 -6.58 19.22
N ASP B 464 -26.97 -7.78 19.22
CA ASP B 464 -25.65 -8.12 18.74
C ASP B 464 -25.85 -9.27 17.76
N GLY B 465 -27.11 -9.59 17.49
CA GLY B 465 -27.48 -10.72 16.66
C GLY B 465 -27.51 -12.07 17.34
N ASP B 466 -27.51 -12.07 18.68
CA ASP B 466 -27.19 -13.28 19.46
C ASP B 466 -28.36 -14.16 19.90
N ILE B 467 -28.89 -14.94 18.97
CA ILE B 467 -29.99 -15.81 19.29
C ILE B 467 -29.77 -17.21 18.76
N GLY B 468 -30.30 -18.20 19.48
CA GLY B 468 -30.25 -19.58 19.04
C GLY B 468 -30.74 -19.73 17.61
N LYS B 469 -30.06 -20.60 16.87
CA LYS B 469 -30.44 -21.07 15.53
C LYS B 469 -31.61 -22.06 15.73
N PRO B 470 -32.63 -21.97 14.88
CA PRO B 470 -33.73 -22.88 15.15
C PRO B 470 -33.51 -24.14 14.38
N ASP B 471 -34.36 -25.11 14.71
CA ASP B 471 -34.39 -26.36 14.01
C ASP B 471 -35.54 -26.16 13.06
N TRP B 472 -35.19 -25.99 11.78
CA TRP B 472 -36.16 -25.74 10.70
C TRP B 472 -37.19 -26.86 10.51
N GLY B 473 -36.84 -28.09 10.94
CA GLY B 473 -37.66 -29.28 10.74
C GLY B 473 -37.92 -29.55 9.26
N THR B 474 -39.16 -29.90 8.96
CA THR B 474 -39.57 -30.34 7.63
C THR B 474 -40.14 -29.13 6.91
N PRO B 475 -39.92 -29.01 5.56
CA PRO B 475 -40.46 -28.01 4.59
C PRO B 475 -41.91 -27.64 4.73
N SER B 476 -42.32 -26.63 3.97
CA SER B 476 -43.63 -25.94 4.14
C SER B 476 -44.20 -25.42 2.83
N GLN B 477 -43.34 -25.21 1.83
CA GLN B 477 -43.76 -24.92 0.46
C GLN B 477 -42.82 -25.59 -0.48
N TYR B 478 -43.27 -25.92 -1.69
CA TYR B 478 -42.35 -26.26 -2.78
C TYR B 478 -42.62 -25.35 -3.97
N ILE B 479 -41.55 -24.96 -4.64
CA ILE B 479 -41.64 -24.34 -5.95
C ILE B 479 -41.14 -25.40 -6.93
N ASP B 480 -41.73 -25.39 -8.12
CA ASP B 480 -41.36 -26.30 -9.21
C ASP B 480 -41.97 -25.66 -10.47
N ASP B 481 -41.39 -24.53 -10.89
CA ASP B 481 -41.96 -23.72 -11.95
C ASP B 481 -41.15 -23.76 -13.22
N LYS B 482 -41.78 -24.11 -14.34
CA LYS B 482 -41.12 -24.17 -15.65
C LYS B 482 -41.57 -23.03 -16.57
N THR B 483 -40.74 -21.98 -16.69
CA THR B 483 -40.91 -20.98 -17.76
C THR B 483 -40.40 -21.51 -19.12
N ARG B 484 -41.04 -21.13 -20.22
CA ARG B 484 -40.48 -21.37 -21.54
C ARG B 484 -40.78 -20.19 -22.45
N GLN B 485 -39.76 -19.67 -23.11
CA GLN B 485 -39.97 -18.49 -23.94
C GLN B 485 -39.33 -18.49 -25.33
N LEU B 486 -40.20 -18.30 -26.32
CA LEU B 486 -39.83 -18.30 -27.71
C LEU B 486 -39.89 -16.85 -28.16
N GLY B 487 -39.04 -16.50 -29.12
CA GLY B 487 -38.93 -15.12 -29.59
C GLY B 487 -38.41 -15.08 -31.00
N SER B 488 -38.96 -14.16 -31.80
CA SER B 488 -38.53 -13.93 -33.18
C SER B 488 -38.68 -12.45 -33.53
N TYR B 489 -37.60 -11.89 -34.05
CA TYR B 489 -37.46 -10.47 -34.29
C TYR B 489 -36.79 -10.21 -35.63
N MET B 490 -37.37 -9.27 -36.36
CA MET B 490 -36.84 -8.77 -37.64
C MET B 490 -36.63 -7.26 -37.37
N THR B 491 -35.53 -6.67 -37.85
CA THR B 491 -35.38 -5.20 -37.77
C THR B 491 -34.60 -4.69 -38.94
N ALA B 492 -35.09 -3.58 -39.48
CA ALA B 492 -34.49 -2.93 -40.63
C ALA B 492 -34.10 -1.53 -40.21
N ARG B 493 -32.94 -1.08 -40.71
CA ARG B 493 -32.55 0.32 -40.62
C ARG B 493 -32.44 0.81 -42.03
N PHE B 494 -33.58 1.29 -42.53
CA PHE B 494 -33.65 1.87 -43.83
C PHE B 494 -32.84 3.12 -43.80
N ASN B 495 -31.89 3.15 -44.73
CA ASN B 495 -31.25 4.37 -45.11
C ASN B 495 -32.14 5.09 -46.14
N VAL B 496 -32.84 6.14 -45.69
CA VAL B 496 -33.68 6.94 -46.56
C VAL B 496 -32.86 7.98 -47.33
N THR B 497 -32.26 8.94 -46.63
CA THR B 497 -31.38 9.98 -47.18
C THR B 497 -29.96 9.74 -46.63
N ASP B 498 -29.07 10.73 -46.78
CA ASP B 498 -27.74 10.69 -46.13
C ASP B 498 -27.84 11.16 -44.67
N ASP B 499 -29.03 11.66 -44.33
CA ASP B 499 -29.32 12.30 -43.05
C ASP B 499 -30.54 11.71 -42.37
N LEU B 500 -31.21 10.79 -43.03
CA LEU B 500 -32.38 10.19 -42.44
C LEU B 500 -32.37 8.68 -42.48
N ASN B 501 -32.49 8.07 -41.30
CA ASN B 501 -32.57 6.63 -41.15
C ASN B 501 -33.85 6.25 -40.40
N LEU B 502 -34.70 5.44 -41.05
CA LEU B 502 -35.91 4.90 -40.40
C LEU B 502 -35.60 3.52 -39.77
N PHE B 503 -36.01 3.34 -38.52
CA PHE B 503 -35.96 2.02 -37.88
C PHE B 503 -37.38 1.44 -37.79
N LEU B 504 -37.59 0.34 -38.51
CA LEU B 504 -38.79 -0.47 -38.37
C LEU B 504 -38.39 -1.89 -38.00
N GLY B 505 -39.11 -2.48 -37.06
CA GLY B 505 -38.74 -3.79 -36.56
C GLY B 505 -39.69 -4.32 -35.49
N GLY B 506 -39.55 -5.60 -35.15
CA GLY B 506 -40.48 -6.18 -34.18
C GLY B 506 -40.12 -7.55 -33.63
N ARG B 507 -40.81 -7.92 -32.56
CA ARG B 507 -40.56 -9.19 -31.95
C ARG B 507 -41.92 -9.82 -31.79
N VAL B 508 -42.05 -11.11 -32.05
CA VAL B 508 -43.29 -11.78 -31.60
C VAL B 508 -42.91 -12.77 -30.50
N VAL B 509 -43.66 -12.76 -29.41
CA VAL B 509 -43.28 -13.54 -28.25
C VAL B 509 -44.34 -14.59 -27.95
N ASP B 510 -43.87 -15.70 -27.40
CA ASP B 510 -44.71 -16.71 -26.78
C ASP B 510 -44.09 -17.09 -25.43
N TYR B 511 -44.88 -16.95 -24.36
CA TYR B 511 -44.43 -17.10 -22.98
C TYR B 511 -45.34 -18.07 -22.20
N ARG B 512 -44.77 -19.11 -21.58
CA ARG B 512 -45.55 -20.18 -20.88
C ARG B 512 -44.89 -20.54 -19.55
N VAL B 513 -45.68 -20.58 -18.47
CA VAL B 513 -45.14 -21.03 -17.19
C VAL B 513 -46.08 -21.99 -16.45
N THR B 514 -45.59 -23.20 -16.20
CA THR B 514 -46.29 -24.29 -15.52
C THR B 514 -45.81 -24.44 -14.05
N GLY B 515 -46.57 -25.12 -13.20
CA GLY B 515 -46.16 -25.22 -11.78
C GLY B 515 -47.25 -25.60 -10.81
N LEU B 516 -47.05 -25.36 -9.52
CA LEU B 516 -48.14 -25.50 -8.55
C LEU B 516 -49.25 -24.54 -8.97
N ASN B 517 -48.88 -23.29 -9.16
CA ASN B 517 -49.85 -22.27 -9.51
C ASN B 517 -50.42 -22.48 -10.93
N PRO B 518 -51.60 -21.88 -11.22
CA PRO B 518 -52.26 -22.19 -12.51
C PRO B 518 -51.51 -21.58 -13.71
N THR B 519 -51.56 -22.27 -14.86
CA THR B 519 -50.75 -21.94 -16.06
C THR B 519 -50.94 -20.53 -16.60
N ILE B 520 -49.90 -19.71 -16.49
CA ILE B 520 -49.77 -18.46 -17.22
C ILE B 520 -49.37 -18.76 -18.68
N ARG B 521 -50.09 -18.22 -19.66
CA ARG B 521 -49.84 -18.55 -21.09
C ARG B 521 -50.05 -17.34 -22.04
N GLU B 522 -49.01 -16.85 -22.73
CA GLU B 522 -49.19 -15.82 -23.78
C GLU B 522 -48.57 -16.21 -25.12
N SER B 523 -49.34 -15.94 -26.19
CA SER B 523 -49.02 -16.35 -27.55
C SER B 523 -49.34 -15.24 -28.54
N GLY B 524 -48.44 -15.05 -29.51
CA GLY B 524 -48.68 -14.14 -30.64
C GLY B 524 -48.51 -12.67 -30.37
N ARG B 525 -48.30 -12.31 -29.10
CA ARG B 525 -48.08 -10.92 -28.67
C ARG B 525 -46.88 -10.33 -29.40
N PHE B 526 -47.15 -9.24 -30.10
CA PHE B 526 -46.19 -8.53 -30.92
C PHE B 526 -45.70 -7.30 -30.16
N ILE B 527 -44.39 -7.06 -30.19
CA ILE B 527 -43.78 -5.83 -29.68
C ILE B 527 -43.17 -5.09 -30.85
N PRO B 528 -43.61 -3.83 -31.11
CA PRO B 528 -43.06 -3.01 -32.21
C PRO B 528 -41.86 -2.14 -31.82
N TYR B 529 -41.06 -1.85 -32.84
CA TYR B 529 -39.94 -0.97 -32.74
C TYR B 529 -40.05 0.00 -33.91
N VAL B 530 -40.31 1.27 -33.62
CA VAL B 530 -40.35 2.33 -34.62
C VAL B 530 -39.36 3.40 -34.14
N GLY B 531 -38.42 3.81 -34.99
CA GLY B 531 -37.43 4.78 -34.55
C GLY B 531 -36.78 5.54 -35.67
N ALA B 532 -36.51 6.81 -35.46
CA ALA B 532 -35.96 7.67 -36.53
C ALA B 532 -34.70 8.41 -36.05
N VAL B 533 -33.65 8.48 -36.86
CA VAL B 533 -32.55 9.42 -36.56
C VAL B 533 -32.16 10.28 -37.74
N TYR B 534 -32.26 11.59 -37.53
CA TYR B 534 -32.02 12.59 -38.55
C TYR B 534 -30.86 13.50 -38.19
N ASP B 535 -29.78 13.42 -38.98
CA ASP B 535 -28.59 14.29 -38.86
C ASP B 535 -28.90 15.79 -39.16
N LEU B 536 -28.34 16.69 -38.35
CA LEU B 536 -28.47 18.14 -38.58
C LEU B 536 -27.24 18.69 -39.27
N ASN B 537 -26.11 18.62 -38.59
CA ASN B 537 -24.81 18.97 -39.15
C ASN B 537 -23.81 17.82 -38.99
N ASP B 538 -22.63 18.10 -38.45
CA ASP B 538 -21.61 17.09 -38.20
C ASP B 538 -21.54 16.73 -36.72
N THR B 539 -22.13 17.59 -35.89
CA THR B 539 -22.15 17.45 -34.45
C THR B 539 -23.48 16.83 -33.98
N TYR B 540 -24.60 17.44 -34.34
CA TYR B 540 -25.90 17.09 -33.76
C TYR B 540 -26.83 16.25 -34.65
N SER B 541 -27.58 15.33 -34.03
CA SER B 541 -28.65 14.55 -34.71
C SER B 541 -29.90 14.58 -33.85
N VAL B 542 -31.07 14.83 -34.44
CA VAL B 542 -32.34 14.63 -33.71
C VAL B 542 -32.82 13.20 -33.91
N TYR B 543 -33.37 12.61 -32.84
CA TYR B 543 -34.01 11.30 -32.93
C TYR B 543 -35.36 11.19 -32.21
N ALA B 544 -36.19 10.27 -32.69
CA ALA B 544 -37.47 9.94 -32.05
C ALA B 544 -37.72 8.43 -32.09
N SER B 545 -38.48 7.90 -31.14
CA SER B 545 -38.75 6.46 -31.13
C SER B 545 -39.97 6.05 -30.31
N TYR B 546 -40.59 4.97 -30.77
CA TYR B 546 -41.70 4.32 -30.08
C TYR B 546 -41.22 2.93 -29.66
N THR B 547 -41.17 2.67 -28.36
CA THR B 547 -40.66 1.37 -27.85
C THR B 547 -41.60 0.73 -26.84
N ASP B 548 -41.72 -0.59 -26.87
CA ASP B 548 -42.77 -1.28 -26.10
C ASP B 548 -42.10 -2.38 -25.29
N ILE B 549 -42.66 -2.71 -24.13
CA ILE B 549 -42.38 -4.00 -23.48
C ILE B 549 -43.64 -4.51 -22.83
N PHE B 550 -43.67 -5.81 -22.52
CA PHE B 550 -44.74 -6.42 -21.70
C PHE B 550 -44.19 -7.55 -20.84
N MET B 551 -45.00 -8.01 -19.88
CA MET B 551 -44.60 -9.06 -18.94
C MET B 551 -45.86 -9.67 -18.27
N PRO B 552 -46.12 -10.97 -18.51
CA PRO B 552 -47.19 -11.67 -17.79
C PRO B 552 -47.11 -11.46 -16.29
N GLN B 553 -48.26 -11.34 -15.64
CA GLN B 553 -48.37 -11.07 -14.20
C GLN B 553 -48.14 -12.34 -13.37
N ASP B 554 -47.78 -12.21 -12.08
CA ASP B 554 -47.66 -13.36 -11.15
C ASP B 554 -49.04 -13.92 -10.90
N SER B 555 -49.13 -15.21 -10.53
CA SER B 555 -50.43 -15.86 -10.47
C SER B 555 -51.40 -15.15 -9.55
N TRP B 556 -50.91 -14.53 -8.47
CA TRP B 556 -51.81 -14.03 -7.43
C TRP B 556 -52.48 -12.70 -7.76
N TYR B 557 -52.03 -12.05 -8.81
CA TYR B 557 -52.67 -10.83 -9.28
C TYR B 557 -53.84 -11.22 -10.17
N ARG B 558 -54.98 -11.46 -9.56
CA ARG B 558 -56.14 -11.82 -10.34
C ARG B 558 -57.29 -10.93 -9.92
N ASP B 559 -58.26 -10.78 -10.82
CA ASP B 559 -59.43 -9.91 -10.64
C ASP B 559 -60.66 -10.53 -9.93
N SER B 560 -61.74 -9.74 -9.85
CA SER B 560 -63.10 -10.14 -9.44
C SER B 560 -63.52 -11.54 -9.87
N SER B 561 -63.38 -11.84 -11.17
CA SER B 561 -63.83 -13.13 -11.69
C SER B 561 -62.78 -14.20 -11.54
N ASN B 562 -61.75 -13.91 -10.76
CA ASN B 562 -60.65 -14.86 -10.50
C ASN B 562 -59.85 -15.25 -11.75
N LYS B 563 -59.88 -14.37 -12.77
CA LYS B 563 -59.07 -14.48 -14.00
C LYS B 563 -57.77 -13.66 -13.86
N LEU B 564 -56.67 -14.15 -14.41
CA LEU B 564 -55.35 -13.49 -14.27
C LEU B 564 -55.30 -12.12 -14.99
N LEU B 565 -54.77 -11.07 -14.35
CA LEU B 565 -54.78 -9.75 -15.01
C LEU B 565 -54.00 -9.79 -16.29
N GLU B 566 -54.57 -9.20 -17.34
CA GLU B 566 -53.86 -9.02 -18.60
C GLU B 566 -52.40 -8.48 -18.36
N PRO B 567 -51.40 -9.09 -19.03
CA PRO B 567 -49.97 -8.71 -18.92
C PRO B 567 -49.67 -7.25 -18.53
N ASP B 568 -48.81 -7.05 -17.52
CA ASP B 568 -48.25 -5.72 -17.18
C ASP B 568 -47.38 -5.22 -18.34
N GLU B 569 -47.50 -3.95 -18.70
CA GLU B 569 -47.13 -3.60 -20.06
C GLU B 569 -46.85 -2.11 -20.19
N GLY B 570 -46.05 -1.73 -21.19
CA GLY B 570 -45.77 -0.30 -21.42
C GLY B 570 -45.07 0.11 -22.70
N GLN B 571 -45.26 1.36 -23.08
CA GLN B 571 -44.60 1.88 -24.27
C GLN B 571 -43.88 3.17 -23.94
N ASN B 572 -42.64 3.28 -24.44
CA ASN B 572 -41.79 4.43 -24.23
C ASN B 572 -41.80 5.32 -25.50
N TYR B 573 -42.07 6.62 -25.34
CA TYR B 573 -42.06 7.59 -26.45
C TYR B 573 -41.05 8.67 -26.18
N GLU B 574 -40.08 8.80 -27.07
CA GLU B 574 -38.96 9.67 -26.83
C GLU B 574 -38.62 10.44 -28.07
N ILE B 575 -38.31 11.71 -27.88
CA ILE B 575 -37.65 12.52 -28.90
C ILE B 575 -36.50 13.22 -28.19
N GLY B 576 -35.45 13.50 -28.93
CA GLY B 576 -34.27 14.13 -28.37
C GLY B 576 -33.19 14.47 -29.37
N ILE B 577 -32.05 14.90 -28.83
CA ILE B 577 -30.94 15.36 -29.63
C ILE B 577 -29.65 14.85 -29.00
N LYS B 578 -28.77 14.26 -29.78
CA LYS B 578 -27.47 13.88 -29.24
C LYS B 578 -26.29 14.61 -29.89
N GLY B 579 -25.24 14.86 -29.11
CA GLY B 579 -23.97 15.40 -29.67
C GLY B 579 -22.83 14.37 -29.81
N GLU B 580 -21.94 14.65 -30.74
CA GLU B 580 -20.73 13.87 -30.98
C GLU B 580 -19.61 14.84 -31.38
N TYR B 581 -18.50 14.75 -30.68
CA TYR B 581 -17.41 15.68 -30.84
C TYR B 581 -16.13 14.86 -30.92
N LEU B 582 -15.06 15.49 -31.41
CA LEU B 582 -13.73 14.87 -31.49
C LEU B 582 -13.80 13.38 -31.83
N ASP B 583 -14.30 13.08 -33.05
CA ASP B 583 -14.30 11.71 -33.63
C ASP B 583 -14.99 10.59 -32.86
N GLY B 584 -15.89 10.93 -31.94
CA GLY B 584 -16.58 9.94 -31.13
C GLY B 584 -15.95 9.81 -29.76
N ARG B 585 -14.90 10.61 -29.52
CA ARG B 585 -14.20 10.66 -28.23
C ARG B 585 -15.04 11.33 -27.13
N LEU B 586 -15.95 12.24 -27.52
CA LEU B 586 -16.88 12.90 -26.58
C LEU B 586 -18.36 12.80 -27.05
N ASN B 587 -19.27 12.56 -26.11
CA ASN B 587 -20.72 12.42 -26.39
C ASN B 587 -21.67 13.22 -25.50
N THR B 588 -22.66 13.85 -26.11
CA THR B 588 -23.77 14.40 -25.32
C THR B 588 -25.13 13.85 -25.74
N SER B 589 -26.12 14.12 -24.89
CA SER B 589 -27.52 13.85 -25.14
C SER B 589 -28.46 14.71 -24.29
N LEU B 590 -29.65 14.89 -24.80
CA LEU B 590 -30.72 15.62 -24.15
C LEU B 590 -31.98 14.93 -24.67
N ALA B 591 -32.81 14.41 -23.78
CA ALA B 591 -34.02 13.68 -24.21
C ALA B 591 -35.26 13.97 -23.38
N TYR B 592 -36.39 14.20 -24.05
CA TYR B 592 -37.68 14.16 -23.35
C TYR B 592 -38.40 12.78 -23.59
N PHE B 593 -38.84 12.16 -22.50
CA PHE B 593 -39.42 10.84 -22.58
C PHE B 593 -40.72 10.72 -21.79
N GLU B 594 -41.49 9.70 -22.13
CA GLU B 594 -42.72 9.47 -21.47
C GLU B 594 -43.06 8.01 -21.51
N ILE B 595 -43.35 7.41 -20.36
CA ILE B 595 -43.71 6.00 -20.36
C ILE B 595 -45.19 5.85 -20.06
N HIS B 596 -45.89 5.12 -20.93
CA HIS B 596 -47.26 4.72 -20.67
C HIS B 596 -47.37 3.24 -20.30
N GLU B 597 -47.68 2.98 -19.03
CA GLU B 597 -48.03 1.65 -18.55
C GLU B 597 -49.53 1.36 -18.69
N GLU B 598 -49.89 0.11 -18.96
CA GLU B 598 -51.30 -0.35 -18.84
C GLU B 598 -51.34 -1.77 -18.31
N ASN B 599 -52.17 -2.00 -17.29
CA ASN B 599 -52.22 -3.23 -16.49
C ASN B 599 -51.25 -3.21 -15.34
N ARG B 600 -51.09 -2.07 -14.71
CA ARG B 600 -50.35 -2.02 -13.46
C ARG B 600 -51.34 -2.59 -12.48
N ALA B 601 -50.91 -3.63 -11.76
CA ALA B 601 -51.73 -4.28 -10.77
C ALA B 601 -51.91 -3.41 -9.53
N GLU B 602 -53.09 -2.83 -9.41
CA GLU B 602 -53.53 -2.14 -8.21
C GLU B 602 -54.55 -3.09 -7.51
N GLU B 603 -54.84 -2.79 -6.25
CA GLU B 603 -55.67 -3.64 -5.41
C GLU B 603 -57.13 -3.76 -5.85
N ASP B 604 -57.87 -2.67 -6.05
CA ASP B 604 -59.35 -2.82 -6.26
C ASP B 604 -60.09 -2.91 -4.93
N ALA B 605 -60.29 -1.73 -4.37
CA ALA B 605 -60.66 -1.54 -3.00
C ALA B 605 -62.15 -1.65 -2.85
N LEU B 606 -62.91 -1.24 -3.87
CA LEU B 606 -64.38 -1.36 -3.79
C LEU B 606 -64.80 -2.81 -3.95
N TYR B 607 -64.06 -3.61 -4.69
CA TYR B 607 -64.39 -4.99 -4.65
C TYR B 607 -64.09 -5.60 -3.27
N ASN B 608 -62.89 -5.33 -2.74
CA ASN B 608 -62.55 -5.87 -1.42
C ASN B 608 -63.36 -5.30 -0.22
N SER B 609 -63.81 -4.06 -0.31
CA SER B 609 -64.65 -3.48 0.76
C SER B 609 -65.82 -4.40 1.08
N LYS B 610 -66.32 -5.07 0.04
CA LYS B 610 -67.20 -6.27 0.16
C LYS B 610 -67.37 -7.08 -1.15
N PRO B 611 -66.59 -8.19 -1.26
CA PRO B 611 -66.58 -9.24 -2.26
C PRO B 611 -67.94 -9.81 -2.48
N THR B 612 -68.15 -10.31 -3.69
CA THR B 612 -69.40 -11.00 -4.11
C THR B 612 -69.07 -12.38 -4.67
N ASN B 613 -67.81 -12.56 -5.05
CA ASN B 613 -67.28 -13.83 -5.55
C ASN B 613 -66.35 -14.44 -4.50
N PRO B 614 -66.78 -15.54 -3.84
CA PRO B 614 -66.01 -16.32 -2.83
C PRO B 614 -64.64 -16.93 -3.24
N ALA B 615 -64.51 -17.39 -4.49
CA ALA B 615 -63.21 -17.84 -5.01
C ALA B 615 -62.09 -16.87 -4.66
N ILE B 616 -62.41 -15.58 -4.59
CA ILE B 616 -61.42 -14.53 -4.28
C ILE B 616 -62.02 -13.42 -3.40
N THR B 617 -61.45 -13.25 -2.21
CA THR B 617 -61.88 -12.23 -1.23
C THR B 617 -60.86 -11.07 -1.21
N TYR B 618 -59.77 -11.24 -1.95
CA TYR B 618 -58.85 -10.14 -2.16
C TYR B 618 -58.36 -10.10 -3.63
N ALA B 619 -59.06 -9.27 -4.40
CA ALA B 619 -58.90 -9.16 -5.86
C ALA B 619 -58.07 -7.96 -6.31
N TYR B 620 -57.75 -7.91 -7.60
CA TYR B 620 -56.96 -6.84 -8.20
C TYR B 620 -57.54 -6.37 -9.48
N LYS B 621 -57.25 -5.11 -9.83
CA LYS B 621 -57.60 -4.54 -11.15
C LYS B 621 -56.32 -3.98 -11.84
N GLY B 622 -56.40 -3.81 -13.15
CA GLY B 622 -55.28 -3.31 -13.95
C GLY B 622 -55.49 -1.87 -14.42
N ILE B 623 -55.02 -0.89 -13.63
CA ILE B 623 -54.92 0.52 -14.01
C ILE B 623 -53.75 0.86 -14.94
N LYS B 624 -53.75 2.10 -15.43
CA LYS B 624 -52.71 2.66 -16.28
C LYS B 624 -51.81 3.56 -15.45
N ALA B 625 -50.68 3.95 -16.01
CA ALA B 625 -49.71 4.80 -15.32
C ALA B 625 -48.89 5.51 -16.36
N LYS B 626 -48.43 6.71 -16.03
CA LYS B 626 -47.55 7.47 -16.91
C LYS B 626 -46.28 7.89 -16.20
N THR B 627 -45.23 8.03 -16.98
CA THR B 627 -44.05 8.67 -16.48
C THR B 627 -43.72 9.77 -17.44
N LYS B 628 -43.70 10.98 -16.91
CA LYS B 628 -43.28 12.12 -17.69
C LYS B 628 -41.88 12.50 -17.22
N GLY B 629 -40.97 12.74 -18.16
CA GLY B 629 -39.65 13.19 -17.75
C GLY B 629 -38.66 13.59 -18.81
N TYR B 630 -37.53 14.13 -18.39
CA TYR B 630 -36.50 14.49 -19.34
C TYR B 630 -35.12 14.19 -18.78
N GLU B 631 -34.13 14.04 -19.67
CA GLU B 631 -32.80 13.59 -19.26
C GLU B 631 -31.71 14.29 -20.04
N ALA B 632 -30.63 14.72 -19.37
CA ALA B 632 -29.45 15.20 -20.12
C ALA B 632 -28.24 14.42 -19.68
N GLU B 633 -27.34 14.08 -20.62
CA GLU B 633 -26.04 13.53 -20.24
C GLU B 633 -24.85 13.77 -21.14
N ILE B 634 -23.67 13.56 -20.56
CA ILE B 634 -22.43 13.88 -21.20
C ILE B 634 -21.47 12.82 -20.73
N SER B 635 -20.74 12.22 -21.66
CA SER B 635 -19.72 11.24 -21.31
C SER B 635 -18.57 11.31 -22.28
N GLY B 636 -17.34 11.39 -21.77
CA GLY B 636 -16.14 11.33 -22.62
C GLY B 636 -15.06 12.38 -22.40
N GLU B 637 -14.22 12.58 -23.42
CA GLU B 637 -13.01 13.39 -23.29
C GLU B 637 -13.36 14.85 -23.28
N LEU B 638 -13.19 15.51 -22.13
CA LEU B 638 -13.50 16.92 -22.00
C LEU B 638 -12.30 17.81 -22.44
N ALA B 639 -11.13 17.20 -22.64
CA ALA B 639 -9.84 17.88 -22.86
C ALA B 639 -8.83 16.72 -22.79
N PRO B 640 -7.60 16.88 -23.36
CA PRO B 640 -6.74 15.70 -23.56
C PRO B 640 -6.50 14.73 -22.36
N GLY B 641 -6.39 15.20 -21.11
CA GLY B 641 -6.37 14.21 -19.98
C GLY B 641 -7.61 14.04 -19.07
N TRP B 642 -8.78 14.41 -19.56
CA TRP B 642 -9.86 14.75 -18.66
C TRP B 642 -11.15 14.08 -19.09
N GLN B 643 -11.60 13.11 -18.33
CA GLN B 643 -12.82 12.39 -18.69
C GLN B 643 -13.98 12.76 -17.75
N VAL B 644 -15.21 12.75 -18.27
CA VAL B 644 -16.42 12.91 -17.45
C VAL B 644 -17.40 11.85 -17.78
N GLN B 645 -18.16 11.47 -16.77
CA GLN B 645 -19.49 10.94 -17.00
C GLN B 645 -20.44 11.63 -16.05
N ALA B 646 -21.31 12.44 -16.65
CA ALA B 646 -22.28 13.19 -15.91
C ALA B 646 -23.66 13.04 -16.55
N GLY B 647 -24.70 13.14 -15.73
CA GLY B 647 -26.06 13.13 -16.22
C GLY B 647 -26.94 14.01 -15.37
N TYR B 648 -28.17 14.22 -15.86
CA TYR B 648 -29.24 14.88 -15.13
C TYR B 648 -30.58 14.26 -15.54
N THR B 649 -31.43 13.96 -14.57
CA THR B 649 -32.68 13.26 -14.87
C THR B 649 -33.85 13.78 -14.07
N HIS B 650 -34.99 13.94 -14.74
CA HIS B 650 -36.19 14.38 -14.03
C HIS B 650 -37.42 13.49 -14.29
N LYS B 651 -38.05 12.93 -13.26
CA LYS B 651 -39.15 12.03 -13.51
C LYS B 651 -40.23 12.34 -12.56
N ILE B 652 -41.47 12.17 -13.06
CA ILE B 652 -42.66 12.01 -12.22
C ILE B 652 -43.49 10.90 -12.85
N ILE B 653 -43.87 9.90 -12.06
CA ILE B 653 -44.77 8.83 -12.51
C ILE B 653 -46.09 8.91 -11.77
N ARG B 654 -47.17 9.16 -12.49
CA ARG B 654 -48.49 9.16 -11.86
C ARG B 654 -49.40 7.99 -12.31
N ASP B 655 -50.27 7.61 -11.38
CA ASP B 655 -51.52 6.92 -11.68
C ASP B 655 -52.39 7.56 -12.77
N ASP B 656 -53.14 6.65 -13.39
CA ASP B 656 -54.57 6.75 -13.66
C ASP B 656 -55.21 7.92 -12.90
N SER B 657 -55.26 7.78 -11.57
CA SER B 657 -55.94 8.67 -10.68
C SER B 657 -55.21 9.98 -10.44
N GLY B 658 -54.00 10.10 -10.97
CA GLY B 658 -53.16 11.28 -10.72
C GLY B 658 -52.36 11.19 -9.44
N LYS B 659 -52.43 10.04 -8.77
CA LYS B 659 -51.69 9.80 -7.53
C LYS B 659 -50.20 9.50 -7.80
N LYS B 660 -49.32 10.01 -6.94
CA LYS B 660 -47.88 9.74 -7.13
C LYS B 660 -47.44 8.38 -6.61
N VAL B 661 -46.48 7.86 -7.37
CA VAL B 661 -46.04 6.47 -7.32
C VAL B 661 -44.49 6.41 -7.46
N SER B 662 -43.84 5.36 -6.97
CA SER B 662 -42.35 5.34 -6.85
C SER B 662 -41.80 6.61 -6.17
N THR B 663 -42.53 7.08 -5.16
CA THR B 663 -42.24 8.33 -4.52
C THR B 663 -40.85 8.31 -3.91
N TRP B 664 -40.32 7.11 -3.61
CA TRP B 664 -39.02 6.97 -2.95
C TRP B 664 -37.90 7.26 -3.93
N GLU B 665 -38.14 6.94 -5.19
CA GLU B 665 -37.24 7.33 -6.27
C GLU B 665 -37.44 8.81 -6.48
N PRO B 666 -36.35 9.58 -6.47
CA PRO B 666 -36.53 11.00 -6.33
C PRO B 666 -36.86 11.67 -7.64
N GLN B 667 -37.68 12.69 -7.59
CA GLN B 667 -38.09 13.40 -8.79
C GLN B 667 -36.95 14.03 -9.63
N ASP B 668 -35.84 14.41 -8.97
CA ASP B 668 -34.65 14.92 -9.65
C ASP B 668 -33.29 14.35 -9.16
N GLN B 669 -32.40 14.07 -10.09
CA GLN B 669 -31.07 13.60 -9.77
C GLN B 669 -30.04 14.19 -10.71
N LEU B 670 -28.82 14.31 -10.19
CA LEU B 670 -27.64 14.87 -10.82
C LEU B 670 -26.54 13.92 -10.45
N SER B 671 -25.61 13.68 -11.39
CA SER B 671 -24.45 12.78 -11.23
C SER B 671 -23.30 13.29 -12.04
N LEU B 672 -22.13 13.47 -11.44
CA LEU B 672 -20.95 13.85 -12.24
C LEU B 672 -19.69 13.24 -11.65
N TYR B 673 -18.97 12.47 -12.47
CA TYR B 673 -17.67 11.83 -12.14
C TYR B 673 -16.65 12.20 -13.15
N THR B 674 -15.50 12.63 -12.69
CA THR B 674 -14.55 13.18 -13.58
C THR B 674 -13.23 12.68 -13.06
N SER B 675 -12.32 12.39 -13.95
CA SER B 675 -10.97 12.15 -13.52
C SER B 675 -10.01 12.99 -14.39
N TYR B 676 -8.79 13.18 -13.90
CA TYR B 676 -7.84 14.02 -14.62
C TYR B 676 -6.43 13.45 -14.51
N LYS B 677 -5.73 13.46 -15.65
CA LYS B 677 -4.38 12.95 -15.78
C LYS B 677 -3.48 14.13 -16.03
N PHE B 678 -2.59 14.46 -15.10
CA PHE B 678 -1.76 15.65 -15.28
C PHE B 678 -0.72 15.43 -16.38
N LYS B 679 -0.10 16.52 -16.82
CA LYS B 679 0.96 16.43 -17.80
C LYS B 679 2.29 16.84 -17.13
N GLY B 680 3.41 16.74 -17.86
CA GLY B 680 4.70 17.18 -17.30
C GLY B 680 5.23 16.41 -16.08
N ALA B 681 5.66 17.14 -15.05
CA ALA B 681 6.27 16.51 -13.85
C ALA B 681 5.28 15.61 -13.09
N LEU B 682 4.03 16.04 -13.04
CA LEU B 682 3.01 15.34 -12.32
C LEU B 682 2.27 14.28 -13.15
N ASP B 683 2.88 13.73 -14.19
CA ASP B 683 2.06 12.96 -15.15
C ASP B 683 1.85 11.48 -14.82
N LYS B 684 2.36 11.07 -13.67
CA LYS B 684 2.08 9.75 -13.14
C LYS B 684 0.91 9.79 -12.14
N LEU B 685 0.53 11.02 -11.76
CA LEU B 685 -0.59 11.27 -10.89
C LEU B 685 -1.84 11.40 -11.74
N THR B 686 -2.90 10.72 -11.31
CA THR B 686 -4.22 10.86 -11.89
C THR B 686 -5.12 11.19 -10.69
N VAL B 687 -6.00 12.16 -10.81
CA VAL B 687 -6.80 12.62 -9.67
C VAL B 687 -8.28 12.64 -10.11
N GLY B 688 -9.21 12.41 -9.20
CA GLY B 688 -10.59 12.33 -9.63
C GLY B 688 -11.63 12.55 -8.56
N GLY B 689 -12.87 12.77 -8.96
CA GLY B 689 -13.92 12.96 -8.00
C GLY B 689 -15.28 12.86 -8.65
N GLY B 690 -16.31 13.04 -7.83
CA GLY B 690 -17.66 12.86 -8.26
C GLY B 690 -18.65 13.28 -7.22
N ALA B 691 -19.85 13.58 -7.69
CA ALA B 691 -20.87 14.09 -6.85
C ALA B 691 -22.15 13.45 -7.34
N ARG B 692 -22.98 13.05 -6.40
CA ARG B 692 -24.34 12.77 -6.70
C ARG B 692 -25.15 13.69 -5.80
N TRP B 693 -26.22 14.24 -6.37
CA TRP B 693 -27.15 15.02 -5.62
C TRP B 693 -28.43 14.42 -6.08
N GLN B 694 -29.35 14.21 -5.15
CA GLN B 694 -30.76 13.95 -5.48
C GLN B 694 -31.68 14.78 -4.54
N GLY B 695 -32.93 14.97 -4.96
CA GLY B 695 -33.91 15.71 -4.19
C GLY B 695 -34.72 14.88 -3.23
N LYS B 696 -35.68 15.52 -2.55
CA LYS B 696 -36.69 14.85 -1.74
C LYS B 696 -37.08 13.54 -2.41
N SER B 697 -37.08 12.50 -1.58
CA SER B 697 -37.86 11.30 -1.83
C SER B 697 -38.61 11.08 -0.52
N TRP B 698 -39.72 10.33 -0.60
CA TRP B 698 -40.50 9.98 0.59
C TRP B 698 -41.30 8.66 0.49
N GLN B 699 -41.67 8.16 1.66
CA GLN B 699 -42.48 6.95 1.78
C GLN B 699 -43.63 7.19 2.70
N MET B 700 -44.77 6.68 2.29
CA MET B 700 -45.90 6.69 3.11
C MET B 700 -45.93 5.36 3.93
N VAL B 701 -45.73 5.44 5.24
CA VAL B 701 -45.71 4.23 6.08
C VAL B 701 -46.85 4.17 7.10
N TYR B 702 -47.22 2.95 7.48
CA TYR B 702 -48.34 2.78 8.39
C TYR B 702 -47.83 2.34 9.73
N ASN B 703 -47.91 3.26 10.70
CA ASN B 703 -47.59 2.96 12.07
C ASN B 703 -48.72 2.16 12.66
N ASN B 704 -48.52 0.86 12.80
CA ASN B 704 -49.56 -0.10 13.22
C ASN B 704 -50.03 0.09 14.67
N PRO B 705 -49.12 0.10 15.66
CA PRO B 705 -49.70 0.23 16.99
C PRO B 705 -50.43 1.57 17.25
N ARG B 706 -50.18 2.61 16.46
CA ARG B 706 -50.93 3.87 16.63
C ARG B 706 -51.94 4.11 15.51
N SER B 707 -51.96 3.22 14.53
CA SER B 707 -53.05 3.12 13.56
C SER B 707 -53.28 4.39 12.78
N ARG B 708 -52.22 4.81 12.10
CA ARG B 708 -52.20 6.02 11.32
C ARG B 708 -51.07 5.97 10.30
N TRP B 709 -51.31 6.57 9.14
CA TRP B 709 -50.27 6.71 8.16
C TRP B 709 -49.34 7.82 8.61
N GLU B 710 -48.03 7.62 8.43
CA GLU B 710 -47.08 8.73 8.59
C GLU B 710 -46.30 8.89 7.31
N LYS B 711 -45.97 10.14 6.96
CA LYS B 711 -45.05 10.43 5.85
C LYS B 711 -43.59 10.53 6.32
N PHE B 712 -42.72 9.71 5.75
CA PHE B 712 -41.27 9.79 6.06
C PHE B 712 -40.54 10.43 4.93
N SER B 713 -39.70 11.40 5.25
CA SER B 713 -39.03 12.14 4.20
C SER B 713 -37.53 11.98 4.26
N GLN B 714 -36.91 11.87 3.09
CA GLN B 714 -35.46 11.98 2.97
C GLN B 714 -35.23 13.26 2.18
N GLU B 715 -34.69 14.27 2.87
CA GLU B 715 -34.33 15.52 2.23
C GLU B 715 -33.27 15.27 1.18
N ASP B 716 -33.33 16.02 0.09
CA ASP B 716 -32.17 16.17 -0.83
C ASP B 716 -30.81 16.24 -0.10
N TYR B 717 -29.79 15.62 -0.69
CA TYR B 717 -28.49 15.47 -0.04
C TYR B 717 -27.44 15.24 -1.13
N TRP B 718 -26.17 15.57 -0.84
CA TRP B 718 -25.11 15.17 -1.75
C TRP B 718 -24.31 13.93 -1.26
N LEU B 719 -23.75 13.16 -2.20
CA LEU B 719 -22.66 12.26 -1.86
C LEU B 719 -21.44 12.72 -2.64
N VAL B 720 -20.33 13.10 -2.00
CA VAL B 720 -19.18 13.47 -2.78
C VAL B 720 -18.18 12.36 -2.65
N ASP B 721 -17.51 11.94 -3.73
CA ASP B 721 -16.29 11.17 -3.52
C ASP B 721 -15.06 11.61 -4.26
N LEU B 722 -13.90 11.06 -3.87
CA LEU B 722 -12.61 11.59 -4.28
C LEU B 722 -11.74 10.41 -4.52
N MET B 723 -10.72 10.56 -5.36
CA MET B 723 -10.04 9.41 -5.89
C MET B 723 -8.66 9.85 -6.34
N ALA B 724 -7.62 9.03 -6.20
CA ALA B 724 -6.31 9.39 -6.75
C ALA B 724 -5.45 8.12 -7.04
N ARG B 725 -4.69 8.15 -8.16
CA ARG B 725 -3.85 7.04 -8.58
C ARG B 725 -2.47 7.50 -8.93
N TYR B 726 -1.44 6.83 -8.43
CA TYR B 726 -0.11 7.18 -8.81
C TYR B 726 0.53 5.99 -9.41
N GLN B 727 1.23 6.20 -10.50
CA GLN B 727 1.82 5.14 -11.23
C GLN B 727 3.25 5.11 -10.72
N ILE B 728 3.48 4.48 -9.56
CA ILE B 728 4.83 4.45 -9.01
C ILE B 728 5.90 3.89 -9.98
N THR B 729 5.52 2.90 -10.75
CA THR B 729 6.39 2.11 -11.60
C THR B 729 5.69 1.94 -12.93
N ASP B 730 6.37 1.40 -13.94
CA ASP B 730 5.69 1.10 -15.22
C ASP B 730 4.58 0.02 -14.95
N LYS B 731 4.89 -0.94 -14.08
CA LYS B 731 4.05 -2.09 -13.85
C LYS B 731 3.21 -1.93 -12.58
N LEU B 732 3.51 -0.96 -11.72
CA LEU B 732 2.79 -0.82 -10.46
C LEU B 732 2.14 0.54 -10.18
N SER B 733 0.82 0.56 -10.04
CA SER B 733 0.09 1.77 -9.67
C SER B 733 -0.54 1.59 -8.29
N ALA B 734 -0.74 2.68 -7.54
CA ALA B 734 -1.45 2.61 -6.25
C ALA B 734 -2.51 3.67 -6.21
N SER B 735 -3.73 3.30 -5.82
CA SER B 735 -4.86 4.26 -5.73
C SER B 735 -5.46 4.39 -4.34
N VAL B 736 -6.28 5.41 -4.18
CA VAL B 736 -7.11 5.51 -3.00
C VAL B 736 -8.44 6.05 -3.45
N ASN B 737 -9.48 5.34 -3.05
CA ASN B 737 -10.82 5.85 -3.24
C ASN B 737 -11.43 6.23 -1.92
N VAL B 738 -11.96 7.46 -1.86
CA VAL B 738 -12.68 7.89 -0.67
C VAL B 738 -14.11 8.24 -1.04
N ASN B 739 -15.07 7.60 -0.35
CA ASN B 739 -16.49 7.72 -0.64
C ASN B 739 -17.32 8.29 0.47
N ASN B 740 -18.39 8.97 0.09
CA ASN B 740 -19.18 9.74 1.04
C ASN B 740 -18.17 10.58 1.83
N VAL B 741 -17.30 11.31 1.15
CA VAL B 741 -16.37 12.22 1.82
C VAL B 741 -16.92 12.96 3.06
N PHE B 742 -18.15 13.49 3.01
CA PHE B 742 -18.63 14.30 4.13
C PHE B 742 -19.50 13.46 5.07
N ASP B 743 -19.30 12.15 5.07
CA ASP B 743 -20.01 11.27 6.02
C ASP B 743 -21.49 11.62 6.20
N LYS B 744 -22.15 11.92 5.08
CA LYS B 744 -23.55 12.24 5.08
C LYS B 744 -24.25 11.03 5.67
N THR B 745 -25.01 11.19 6.75
CA THR B 745 -25.79 10.04 7.22
C THR B 745 -27.21 10.13 6.60
N TYR B 746 -27.63 9.13 5.84
CA TYR B 746 -28.85 9.24 5.01
C TYR B 746 -29.52 7.88 4.79
N TYR B 747 -30.76 7.84 4.32
CA TYR B 747 -31.53 6.57 4.23
C TYR B 747 -31.57 5.99 2.81
N THR B 748 -31.37 4.67 2.72
CA THR B 748 -31.52 3.97 1.44
C THR B 748 -32.84 3.21 1.40
N ASN B 749 -33.56 3.29 2.51
CA ASN B 749 -34.81 2.59 2.65
C ASN B 749 -35.65 3.09 3.82
N ILE B 750 -36.88 3.46 3.48
CA ILE B 750 -37.87 3.70 4.50
C ILE B 750 -39.21 3.05 4.12
N GLY B 751 -39.69 2.24 5.05
CA GLY B 751 -41.03 1.69 4.93
C GLY B 751 -41.15 0.38 4.21
N PHE B 752 -40.08 -0.37 4.10
CA PHE B 752 -40.15 -1.62 3.37
C PHE B 752 -40.35 -2.64 4.46
N TYR B 753 -41.57 -3.20 4.55
CA TYR B 753 -42.01 -3.92 5.77
C TYR B 753 -41.69 -3.08 6.96
N THR B 754 -41.93 -1.79 6.81
CA THR B 754 -41.97 -0.90 7.93
C THR B 754 -40.61 -0.83 8.64
N SER B 755 -39.58 -0.55 7.85
CA SER B 755 -38.19 -0.47 8.30
C SER B 755 -37.38 0.63 7.61
N ALA B 756 -36.18 0.83 8.11
CA ALA B 756 -35.26 1.74 7.53
C ALA B 756 -33.87 1.08 7.37
N SER B 757 -33.16 1.47 6.32
CA SER B 757 -31.80 1.02 6.10
C SER B 757 -30.91 2.21 5.77
N TYR B 758 -29.73 2.25 6.40
CA TYR B 758 -28.78 3.36 6.21
C TYR B 758 -27.91 3.20 4.98
N GLY B 759 -27.55 4.28 4.33
CA GLY B 759 -26.49 4.26 3.32
C GLY B 759 -25.13 4.18 4.00
N ASP B 760 -24.10 3.85 3.25
CA ASP B 760 -22.77 3.69 3.84
C ASP B 760 -22.26 5.00 4.36
N PRO B 761 -21.70 4.99 5.57
CA PRO B 761 -20.97 6.16 6.04
C PRO B 761 -19.68 6.34 5.20
N ARG B 762 -18.99 7.47 5.38
CA ARG B 762 -17.72 7.67 4.71
C ARG B 762 -16.83 6.42 4.87
N ASN B 763 -16.25 5.98 3.75
CA ASN B 763 -15.36 4.83 3.71
C ASN B 763 -14.19 5.04 2.77
N LEU B 764 -13.12 4.28 2.95
CA LEU B 764 -11.95 4.38 2.05
C LEU B 764 -11.68 3.05 1.40
N MET B 765 -11.20 3.10 0.17
CA MET B 765 -10.58 1.92 -0.36
C MET B 765 -9.15 2.15 -0.83
N PHE B 766 -8.21 1.39 -0.28
CA PHE B 766 -6.84 1.43 -0.80
C PHE B 766 -6.57 0.34 -1.83
N SER B 767 -5.91 0.68 -2.93
CA SER B 767 -5.70 -0.29 -3.99
C SER B 767 -4.29 -0.30 -4.52
N THR B 768 -3.76 -1.48 -4.80
CA THR B 768 -2.47 -1.59 -5.51
C THR B 768 -2.70 -2.46 -6.69
N ARG B 769 -2.18 -2.07 -7.85
CA ARG B 769 -2.37 -2.88 -9.03
C ARG B 769 -1.07 -3.14 -9.73
N TRP B 770 -0.82 -4.42 -10.02
CA TRP B 770 0.38 -4.85 -10.73
C TRP B 770 0.00 -5.42 -12.09
N ASP B 771 0.40 -4.73 -13.15
CA ASP B 771 0.25 -5.25 -14.51
C ASP B 771 1.52 -5.94 -14.94
N PHE B 772 1.37 -7.12 -15.50
CA PHE B 772 2.42 -7.65 -16.34
C PHE B 772 1.99 -7.26 -17.76
N SER C 1 -45.29 -8.29 -2.59
CA SER C 1 -46.18 -9.25 -3.32
C SER C 1 -45.34 -10.31 -4.08
N LYS C 2 -44.62 -11.16 -3.32
CA LYS C 2 -43.63 -12.10 -3.89
C LYS C 2 -43.96 -13.55 -3.58
N GLY C 3 -45.04 -13.73 -2.84
CA GLY C 3 -45.57 -15.05 -2.53
C GLY C 3 -44.99 -15.71 -1.29
N LYS C 5 -44.80 -15.26 2.45
CA LYS C 5 -45.19 -15.55 3.86
C LYS C 5 -44.78 -14.50 4.87
N SER C 7 -44.75 -13.15 7.85
CA SER C 7 -45.41 -13.57 9.07
C SER C 7 -46.54 -14.54 8.73
#